data_5GNW
#
_entry.id   5GNW
#
_cell.length_a   209.537
_cell.length_b   89.633
_cell.length_c   143.780
_cell.angle_alpha   90.00
_cell.angle_beta   96.20
_cell.angle_gamma   90.00
#
_symmetry.space_group_name_H-M   'C 1 2 1'
#
loop_
_entity.id
_entity.type
_entity.pdbx_description
1 polymer 'Blr0248 protein'
2 non-polymer URACIL
#
_entity_poly.entity_id   1
_entity_poly.type   'polypeptide(L)'
_entity_poly.pdbx_seq_one_letter_code
;(MSE)LTEFDAGYGEQPFRDLCANYPGAEAYDPHDFRIEWGPIFHRGRLDGSARVLIVGQDPAQHETIVRRILVGTAGRR
TQGFLAKLGIVQSYV(MSE)VNTFLYSVYGQSGGSKHKNEPGIVDYRNKWFKAVLGPGNIEAVVSLGGLADEAWKAWLKS
SDGAAYKTLAYQHITHPTWPESSAHDSATQAANTKI(MSE)LAKWNAALAALAPEVKHPDVPTTLVPYGDAFKPSELVDI
IAKDLPAGLPAW(MSE)RGDTPWAVRQGVDAAAKRRTI(MSE)ITIPDGVIP
;
_entity_poly.pdbx_strand_id   C,D,E,F,A,B,G,H
#
# COMPACT_ATOMS: atom_id res chain seq x y z
N LEU A 2 6.99 30.32 -32.35
CA LEU A 2 5.55 30.16 -32.41
C LEU A 2 4.83 31.40 -31.90
N THR A 3 3.58 31.23 -31.47
CA THR A 3 2.79 32.34 -30.96
C THR A 3 3.14 32.65 -29.51
N GLU A 4 2.92 33.90 -29.10
CA GLU A 4 3.22 34.32 -27.74
C GLU A 4 1.94 34.67 -26.99
N PHE A 5 2.08 35.19 -25.77
CA PHE A 5 0.94 35.56 -24.95
C PHE A 5 1.39 36.18 -23.64
N ASP A 6 0.49 36.92 -23.00
CA ASP A 6 0.80 37.57 -21.73
C ASP A 6 0.50 36.63 -20.57
N ALA A 7 1.56 36.22 -19.86
CA ALA A 7 1.41 35.32 -18.72
C ALA A 7 0.31 35.81 -17.79
N GLY A 8 0.25 37.12 -17.58
CA GLY A 8 -0.75 37.72 -16.72
C GLY A 8 -0.14 38.65 -15.70
N TYR A 9 -0.49 38.44 -14.44
CA TYR A 9 0.02 39.26 -13.35
C TYR A 9 0.42 38.41 -12.16
N GLY A 10 1.34 37.48 -12.38
CA GLY A 10 1.80 36.60 -11.35
C GLY A 10 3.00 37.01 -10.55
N GLU A 11 3.92 37.77 -11.12
CA GLU A 11 4.99 38.34 -10.30
C GLU A 11 4.54 39.60 -9.58
N GLN A 12 4.96 39.73 -8.32
CA GLN A 12 4.69 40.91 -7.52
C GLN A 12 5.43 42.10 -8.13
N PRO A 13 4.98 43.33 -7.83
CA PRO A 13 3.88 43.75 -6.96
C PRO A 13 2.51 43.74 -7.63
N PHE A 14 2.44 43.24 -8.86
CA PHE A 14 1.23 43.36 -9.65
C PHE A 14 0.12 42.42 -9.23
N ARG A 15 0.47 41.26 -8.68
CA ARG A 15 -0.55 40.28 -8.30
C ARG A 15 -1.37 40.80 -7.13
N ASP A 16 -0.69 41.32 -6.11
CA ASP A 16 -1.37 41.91 -4.95
C ASP A 16 -2.27 43.04 -5.40
N LEU A 17 -1.85 43.75 -6.43
CA LEU A 17 -2.64 44.83 -6.97
C LEU A 17 -3.90 44.28 -7.63
N CYS A 18 -3.74 43.22 -8.42
CA CYS A 18 -4.89 42.63 -9.11
C CYS A 18 -5.79 41.91 -8.13
N ALA A 19 -5.25 41.58 -6.96
CA ALA A 19 -6.02 40.90 -5.93
C ALA A 19 -6.78 41.89 -5.03
N ASN A 20 -6.21 43.08 -4.83
CA ASN A 20 -6.86 44.13 -4.04
C ASN A 20 -7.22 45.35 -4.88
N TYR A 21 -8.26 45.22 -5.69
CA TYR A 21 -8.69 46.33 -6.55
C TYR A 21 -9.97 46.95 -6.00
N PRO A 22 -10.26 48.20 -6.37
CA PRO A 22 -11.44 48.87 -5.84
C PRO A 22 -12.69 48.55 -6.65
N GLY A 23 -13.84 48.51 -5.97
CA GLY A 23 -15.10 48.19 -6.62
C GLY A 23 -16.13 49.30 -6.49
N ALA A 24 -17.34 48.92 -6.07
CA ALA A 24 -18.45 49.86 -6.01
C ALA A 24 -18.22 50.94 -4.96
N GLU A 25 -17.35 50.67 -4.00
CA GLU A 25 -17.07 51.63 -2.94
C GLU A 25 -16.26 52.82 -3.47
N ALA A 26 -15.76 52.69 -4.70
CA ALA A 26 -14.95 53.74 -5.32
C ALA A 26 -15.56 54.19 -6.65
N TYR A 27 -15.86 53.24 -7.52
CA TYR A 27 -16.51 53.53 -8.80
C TYR A 27 -18.02 53.41 -8.65
N ASP A 28 -18.73 54.51 -8.92
CA ASP A 28 -20.19 54.51 -8.82
C ASP A 28 -20.81 53.48 -9.78
N PRO A 29 -21.64 52.57 -9.25
CA PRO A 29 -22.19 51.50 -10.09
C PRO A 29 -23.06 51.99 -11.24
N HIS A 30 -23.62 53.19 -11.13
CA HIS A 30 -24.47 53.73 -12.19
C HIS A 30 -23.64 54.37 -13.29
N ASP A 31 -22.61 55.12 -12.88
CA ASP A 31 -21.78 55.86 -13.80
C ASP A 31 -20.66 55.00 -14.41
N PHE A 32 -20.27 53.94 -13.68
CA PHE A 32 -19.25 53.02 -14.17
C PHE A 32 -19.79 51.60 -14.37
N ARG A 33 -19.27 50.94 -15.39
CA ARG A 33 -19.64 49.56 -15.70
C ARG A 33 -18.81 48.57 -14.89
N ILE A 34 -18.94 48.64 -13.59
CA ILE A 34 -18.17 47.80 -12.77
C ILE A 34 -18.51 46.35 -13.01
N GLU A 35 -19.58 46.09 -13.72
CA GLU A 35 -20.13 44.76 -13.83
C GLU A 35 -19.30 43.76 -14.59
N TRP A 36 -18.39 44.23 -15.39
CA TRP A 36 -17.60 43.41 -16.21
C TRP A 36 -16.24 43.21 -15.67
N GLY A 37 -16.01 43.59 -14.46
CA GLY A 37 -14.67 43.53 -13.98
C GLY A 37 -13.72 44.63 -14.40
N PRO A 38 -12.66 44.79 -13.63
CA PRO A 38 -11.60 45.69 -14.09
C PRO A 38 -10.65 45.06 -15.09
N ILE A 39 -10.23 45.86 -16.08
CA ILE A 39 -9.15 45.48 -16.97
C ILE A 39 -7.95 46.33 -16.56
N PHE A 40 -6.80 45.69 -16.36
CA PHE A 40 -5.70 46.33 -15.66
C PHE A 40 -4.67 46.99 -16.56
N HIS A 41 -4.29 46.34 -17.65
CA HIS A 41 -3.21 46.87 -18.48
C HIS A 41 -3.10 46.20 -19.84
N ARG A 42 -2.15 46.68 -20.62
CA ARG A 42 -1.67 45.98 -21.81
C ARG A 42 -0.20 46.31 -22.02
N GLY A 43 0.59 45.29 -22.29
CA GLY A 43 2.02 45.47 -22.53
C GLY A 43 2.89 44.80 -21.49
N ARG A 44 4.13 45.28 -21.39
CA ARG A 44 5.16 44.61 -20.60
C ARG A 44 5.16 45.06 -19.14
N LEU A 45 5.41 44.11 -18.24
CA LEU A 45 5.52 44.39 -16.81
C LEU A 45 6.80 43.77 -16.23
N ASP A 46 7.76 43.48 -17.11
CA ASP A 46 9.02 42.85 -16.73
C ASP A 46 10.19 43.84 -16.62
N GLY A 47 9.91 45.11 -16.88
CA GLY A 47 10.92 46.15 -16.80
C GLY A 47 11.33 46.62 -18.19
N SER A 48 10.88 45.89 -19.21
CA SER A 48 11.22 46.20 -20.60
C SER A 48 10.41 47.41 -21.05
N ALA A 49 9.55 47.91 -20.17
CA ALA A 49 8.67 49.01 -20.51
C ALA A 49 9.46 50.26 -20.78
N ARG A 50 9.09 50.94 -21.87
CA ARG A 50 9.73 52.19 -22.21
C ARG A 50 8.76 53.37 -22.26
N VAL A 51 7.56 53.14 -22.77
CA VAL A 51 6.55 54.19 -22.82
C VAL A 51 5.35 53.80 -21.98
N LEU A 52 4.84 54.77 -21.23
CA LEU A 52 3.62 54.56 -20.49
C LEU A 52 2.49 55.29 -21.21
N ILE A 53 1.48 54.50 -21.55
CA ILE A 53 0.27 55.03 -22.15
C ILE A 53 -0.80 55.13 -21.09
N VAL A 54 -1.28 56.34 -20.87
CA VAL A 54 -2.42 56.55 -19.98
C VAL A 54 -3.66 56.75 -20.85
N GLY A 55 -4.47 55.72 -20.95
CA GLY A 55 -5.70 55.78 -21.73
C GLY A 55 -6.82 56.28 -20.85
N GLN A 56 -8.03 56.31 -21.40
CA GLN A 56 -9.17 56.83 -20.65
C GLN A 56 -9.93 55.69 -19.97
N ASP A 57 -10.67 54.92 -20.76
CA ASP A 57 -11.52 53.87 -20.22
C ASP A 57 -11.70 52.71 -21.19
N PRO A 58 -11.92 51.49 -20.68
CA PRO A 58 -12.04 50.33 -21.57
C PRO A 58 -13.34 50.35 -22.37
N ALA A 59 -13.44 49.44 -23.34
CA ALA A 59 -14.65 49.27 -24.14
C ALA A 59 -15.00 47.79 -24.23
N GLN A 60 -15.81 47.42 -25.23
CA GLN A 60 -16.21 46.03 -25.42
C GLN A 60 -15.03 45.18 -25.86
N HIS A 61 -14.15 45.78 -26.66
CA HIS A 61 -12.97 45.08 -27.16
C HIS A 61 -11.92 44.90 -26.07
N GLU A 62 -12.24 45.37 -24.86
CA GLU A 62 -11.31 45.26 -23.74
C GLU A 62 -11.90 44.38 -22.64
N THR A 63 -13.20 44.10 -22.75
CA THR A 63 -13.89 43.27 -21.77
C THR A 63 -13.65 41.79 -22.07
N ILE A 64 -13.21 41.50 -23.28
CA ILE A 64 -12.94 40.12 -23.69
C ILE A 64 -11.45 39.83 -23.66
N VAL A 65 -10.67 40.67 -24.33
CA VAL A 65 -9.22 40.51 -24.39
C VAL A 65 -8.61 40.67 -23.00
N ARG A 66 -9.37 41.27 -22.09
CA ARG A 66 -8.92 41.49 -20.72
C ARG A 66 -7.70 42.41 -20.70
N ARG A 67 -7.44 43.06 -21.83
CA ARG A 67 -6.35 43.93 -21.92
C ARG A 67 -6.93 45.20 -22.47
N ILE A 68 -6.28 46.31 -22.19
CA ILE A 68 -6.82 47.57 -22.57
C ILE A 68 -6.32 48.08 -23.87
N LEU A 69 -7.15 48.83 -24.53
CA LEU A 69 -6.75 49.34 -25.84
C LEU A 69 -6.44 48.19 -26.79
N VAL A 70 -7.46 47.45 -27.17
CA VAL A 70 -7.31 46.34 -28.12
C VAL A 70 -8.27 46.46 -29.29
N GLY A 71 -8.93 47.61 -29.38
CA GLY A 71 -9.82 47.92 -30.48
C GLY A 71 -9.20 48.93 -31.44
N THR A 72 -10.05 49.76 -32.03
CA THR A 72 -9.59 50.79 -32.96
C THR A 72 -8.61 51.73 -32.29
N ALA A 73 -8.98 52.21 -31.10
CA ALA A 73 -8.13 53.10 -30.31
C ALA A 73 -6.73 52.49 -30.11
N GLY A 74 -6.70 51.25 -29.66
CA GLY A 74 -5.44 50.56 -29.41
C GLY A 74 -4.63 50.41 -30.68
N ARG A 75 -5.30 50.20 -31.78
CA ARG A 75 -4.63 49.95 -33.06
C ARG A 75 -4.04 51.27 -33.58
N ARG A 76 -4.69 52.37 -33.27
CA ARG A 76 -4.16 53.69 -33.58
C ARG A 76 -2.99 54.03 -32.65
N THR A 77 -3.13 53.68 -31.37
CA THR A 77 -2.05 53.86 -30.40
C THR A 77 -0.86 53.00 -30.81
N GLN A 78 -1.16 51.80 -31.29
CA GLN A 78 -0.13 50.88 -31.76
C GLN A 78 0.67 51.56 -32.87
N GLY A 79 -0.03 52.19 -33.81
CA GLY A 79 0.62 52.87 -34.91
C GLY A 79 1.44 54.05 -34.43
N PHE A 80 0.91 54.79 -33.46
CA PHE A 80 1.62 55.87 -32.82
C PHE A 80 2.96 55.44 -32.25
N LEU A 81 2.95 54.36 -31.45
CA LEU A 81 4.17 53.87 -30.84
C LEU A 81 5.15 53.30 -31.85
N ALA A 82 4.64 52.79 -32.97
CA ALA A 82 5.50 52.24 -34.00
C ALA A 82 6.41 53.33 -34.55
N LYS A 83 5.89 54.55 -34.61
CA LYS A 83 6.66 55.69 -35.09
C LYS A 83 7.76 56.10 -34.12
N LEU A 84 7.58 55.81 -32.83
CA LEU A 84 8.61 56.07 -31.85
C LEU A 84 9.63 54.93 -31.87
N GLY A 85 9.37 53.95 -32.74
CA GLY A 85 10.24 52.81 -32.95
C GLY A 85 10.12 51.69 -31.93
N ILE A 86 9.09 51.73 -31.09
CA ILE A 86 8.87 50.68 -30.10
C ILE A 86 7.67 49.82 -30.52
N VAL A 87 7.93 48.53 -30.70
CA VAL A 87 6.95 47.59 -31.25
C VAL A 87 6.35 46.69 -30.17
N GLN A 88 7.08 46.50 -29.07
CA GLN A 88 6.58 45.69 -27.95
C GLN A 88 6.90 46.35 -26.62
N SER A 89 7.99 47.09 -26.57
CA SER A 89 8.45 47.72 -25.33
C SER A 89 7.54 48.87 -24.91
N TYR A 90 6.36 48.56 -24.38
CA TYR A 90 5.43 49.57 -23.86
C TYR A 90 4.60 49.13 -22.66
N VAL A 91 4.03 50.04 -21.88
CA VAL A 91 2.99 49.65 -20.95
C VAL A 91 1.76 50.54 -20.99
N VAL A 93 -2.04 51.70 -19.61
CA VAL A 93 -2.85 51.73 -18.43
C VAL A 93 -3.90 52.79 -18.63
N ASN A 94 -5.09 52.60 -18.11
CA ASN A 94 -6.21 53.48 -18.30
C ASN A 94 -6.47 54.31 -17.11
N THR A 95 -7.11 55.41 -17.35
CA THR A 95 -7.44 56.34 -16.29
C THR A 95 -8.38 55.65 -15.30
N PHE A 96 -9.39 54.98 -15.85
CA PHE A 96 -10.38 54.26 -15.06
C PHE A 96 -10.24 52.77 -15.33
N LEU A 97 -10.37 51.94 -14.28
CA LEU A 97 -10.31 50.50 -14.47
C LEU A 97 -11.53 50.01 -15.24
N TYR A 98 -12.69 50.58 -14.92
CA TYR A 98 -13.93 50.21 -15.57
C TYR A 98 -14.32 51.25 -16.61
N SER A 99 -15.17 50.86 -17.56
CA SER A 99 -15.59 51.77 -18.60
C SER A 99 -16.64 52.74 -18.09
N VAL A 100 -16.67 53.93 -18.66
CA VAL A 100 -17.69 54.92 -18.30
C VAL A 100 -19.01 54.56 -18.93
N TYR A 101 -20.09 54.65 -18.15
CA TYR A 101 -21.42 54.34 -18.63
C TYR A 101 -22.17 55.60 -19.01
N GLY A 102 -21.94 56.09 -20.23
CA GLY A 102 -22.59 57.29 -20.70
C GLY A 102 -21.66 58.16 -21.52
N GLN A 103 -22.01 59.43 -21.68
CA GLN A 103 -21.21 60.37 -22.44
C GLN A 103 -20.53 61.38 -21.51
N SER A 104 -21.01 61.45 -20.28
CA SER A 104 -20.46 62.38 -19.30
C SER A 104 -18.93 62.32 -19.30
N GLY A 105 -18.39 61.12 -19.14
CA GLY A 105 -16.95 60.92 -19.12
C GLY A 105 -16.43 60.56 -17.74
N GLY A 106 -17.32 60.06 -16.90
CA GLY A 106 -16.95 59.67 -15.54
C GLY A 106 -16.09 60.72 -14.86
N SER A 107 -16.35 61.98 -15.16
CA SER A 107 -15.59 63.08 -14.57
C SER A 107 -16.12 63.43 -13.18
N LYS A 108 -17.42 63.25 -12.98
CA LYS A 108 -18.05 63.54 -11.70
C LYS A 108 -17.27 62.90 -10.56
N HIS A 109 -16.48 61.90 -10.92
CA HIS A 109 -15.78 61.12 -9.94
C HIS A 109 -14.34 61.07 -10.24
N LYS A 110 -13.89 61.99 -11.04
CA LYS A 110 -12.52 61.96 -11.48
C LYS A 110 -11.56 62.25 -10.37
N ASN A 111 -12.10 62.58 -9.20
CA ASN A 111 -11.28 62.98 -8.07
C ASN A 111 -11.58 62.16 -6.81
N GLU A 112 -12.19 61.00 -6.99
CA GLU A 112 -12.51 60.13 -5.87
C GLU A 112 -11.23 59.80 -5.08
N PRO A 113 -11.43 59.28 -3.80
CA PRO A 113 -10.17 58.98 -3.11
C PRO A 113 -9.80 57.51 -3.24
N GLY A 114 -10.63 56.75 -3.93
CA GLY A 114 -10.39 55.34 -4.16
C GLY A 114 -9.96 55.08 -5.59
N ILE A 115 -10.49 55.88 -6.51
CA ILE A 115 -10.13 55.73 -7.92
C ILE A 115 -8.68 56.17 -8.16
N VAL A 116 -8.34 57.36 -7.71
CA VAL A 116 -7.06 57.98 -8.00
C VAL A 116 -5.87 57.24 -7.39
N ASP A 117 -5.97 56.95 -6.10
CA ASP A 117 -4.87 56.33 -5.38
C ASP A 117 -4.44 55.02 -6.04
N TYR A 118 -5.42 54.19 -6.40
CA TYR A 118 -5.14 52.89 -7.01
C TYR A 118 -4.42 53.06 -8.34
N ARG A 119 -4.91 53.98 -9.18
CA ARG A 119 -4.25 54.25 -10.44
C ARG A 119 -2.79 54.58 -10.20
N ASN A 120 -2.54 55.40 -9.16
CA ASN A 120 -1.20 55.78 -8.79
C ASN A 120 -0.41 54.60 -8.24
N LYS A 121 -1.12 53.66 -7.59
CA LYS A 121 -0.49 52.46 -7.04
C LYS A 121 0.12 51.70 -8.20
N TRP A 122 -0.57 51.74 -9.35
CA TRP A 122 -0.07 51.12 -10.58
C TRP A 122 1.06 51.93 -11.20
N PHE A 123 0.88 53.25 -11.28
CA PHE A 123 1.91 54.15 -11.78
C PHE A 123 3.25 53.93 -11.08
N LYS A 124 3.24 53.94 -9.75
CA LYS A 124 4.46 53.73 -8.98
C LYS A 124 5.10 52.39 -9.34
N ALA A 125 4.25 51.39 -9.57
CA ALA A 125 4.74 50.04 -9.84
C ALA A 125 5.37 49.94 -11.22
N VAL A 126 4.75 50.57 -12.22
CA VAL A 126 5.26 50.50 -13.59
C VAL A 126 6.46 51.42 -13.78
N LEU A 127 6.48 52.53 -13.05
CA LEU A 127 7.60 53.48 -13.14
C LEU A 127 8.74 53.06 -12.22
N GLY A 128 8.42 52.24 -11.21
CA GLY A 128 9.38 51.79 -10.22
C GLY A 128 10.75 51.43 -10.77
N PRO A 129 10.80 50.54 -11.77
CA PRO A 129 12.07 50.14 -12.39
C PRO A 129 12.83 51.34 -12.95
N GLY A 130 12.10 52.38 -13.34
CA GLY A 130 12.70 53.62 -13.81
C GLY A 130 13.36 53.50 -15.17
N ASN A 131 12.75 52.71 -16.06
CA ASN A 131 13.21 52.57 -17.44
C ASN A 131 12.23 53.18 -18.44
N ILE A 132 11.19 53.83 -17.92
CA ILE A 132 10.20 54.49 -18.76
C ILE A 132 10.77 55.78 -19.34
N GLU A 133 10.79 55.85 -20.67
CA GLU A 133 11.46 56.92 -21.39
C GLU A 133 10.51 58.01 -21.88
N ALA A 134 9.21 57.71 -21.90
CA ALA A 134 8.22 58.69 -22.37
C ALA A 134 6.83 58.42 -21.79
N VAL A 135 5.99 59.45 -21.76
CA VAL A 135 4.60 59.32 -21.29
C VAL A 135 3.65 60.01 -22.25
N VAL A 136 2.57 59.32 -22.60
CA VAL A 136 1.56 59.83 -23.52
C VAL A 136 0.14 59.61 -22.98
N SER A 137 -0.58 60.70 -22.75
CA SER A 137 -1.95 60.62 -22.25
C SER A 137 -2.96 60.78 -23.38
N LEU A 138 -4.04 60.01 -23.31
CA LEU A 138 -5.07 60.00 -24.33
C LEU A 138 -6.36 60.69 -23.87
N GLY A 139 -6.58 61.92 -24.31
CA GLY A 139 -7.79 62.66 -23.98
C GLY A 139 -7.66 63.51 -22.73
N GLY A 140 -8.78 64.11 -22.32
CA GLY A 140 -8.75 65.05 -21.22
C GLY A 140 -8.51 64.43 -19.87
N LEU A 141 -9.28 63.39 -19.52
CA LEU A 141 -9.17 62.80 -18.19
C LEU A 141 -7.83 62.08 -18.04
N ALA A 142 -7.31 61.59 -19.15
CA ALA A 142 -5.96 61.01 -19.17
C ALA A 142 -4.92 62.07 -18.81
N ASP A 143 -5.10 63.27 -19.35
CA ASP A 143 -4.21 64.39 -19.08
C ASP A 143 -4.23 64.78 -17.61
N GLU A 144 -5.43 64.96 -17.08
CA GLU A 144 -5.63 65.36 -15.69
C GLU A 144 -5.17 64.26 -14.73
N ALA A 145 -5.19 63.02 -15.20
CA ALA A 145 -4.73 61.88 -14.41
C ALA A 145 -3.23 61.92 -14.15
N TRP A 146 -2.45 62.22 -15.18
CA TRP A 146 -1.01 62.29 -15.05
C TRP A 146 -0.58 63.45 -14.16
N LYS A 147 -1.29 64.57 -14.27
CA LYS A 147 -1.01 65.72 -13.42
C LYS A 147 -1.28 65.38 -11.96
N ALA A 148 -2.38 64.67 -11.72
CA ALA A 148 -2.77 64.27 -10.38
C ALA A 148 -1.74 63.32 -9.76
N TRP A 149 -1.09 62.54 -10.61
CA TRP A 149 -0.03 61.64 -10.16
C TRP A 149 1.18 62.44 -9.72
N LEU A 150 1.53 63.44 -10.51
CA LEU A 150 2.68 64.29 -10.25
C LEU A 150 2.59 65.12 -8.97
N LYS A 151 1.37 65.46 -8.55
CA LYS A 151 1.18 66.25 -7.34
C LYS A 151 1.30 65.43 -6.05
N SER A 152 1.62 64.14 -6.19
CA SER A 152 1.74 63.24 -5.04
C SER A 152 3.19 63.02 -4.60
N SER A 153 3.35 62.39 -3.44
CA SER A 153 4.67 62.16 -2.85
C SER A 153 5.57 61.34 -3.77
N ASP A 154 5.11 60.16 -4.15
CA ASP A 154 5.88 59.25 -4.98
C ASP A 154 5.99 59.76 -6.42
N GLY A 155 5.08 60.64 -6.80
CA GLY A 155 5.02 61.13 -8.17
C GLY A 155 5.98 62.27 -8.44
N ALA A 156 6.40 62.96 -7.39
CA ALA A 156 7.27 64.12 -7.51
C ALA A 156 8.49 63.86 -8.38
N ALA A 157 9.00 62.63 -8.34
CA ALA A 157 10.20 62.28 -9.10
C ALA A 157 9.98 62.27 -10.61
N TYR A 158 8.74 62.40 -11.07
CA TYR A 158 8.41 62.21 -12.48
C TYR A 158 7.90 63.46 -13.19
N LYS A 159 8.01 64.62 -12.56
CA LYS A 159 7.61 65.88 -13.15
C LYS A 159 8.57 66.30 -14.27
N THR A 160 9.78 65.76 -14.24
CA THR A 160 10.76 66.01 -15.28
C THR A 160 10.62 65.00 -16.42
N LEU A 161 9.74 64.02 -16.23
CA LEU A 161 9.63 62.93 -17.19
C LEU A 161 8.93 63.41 -18.44
N ALA A 162 9.55 63.14 -19.59
CA ALA A 162 9.02 63.52 -20.89
C ALA A 162 7.56 63.12 -21.01
N TYR A 163 6.70 64.12 -21.16
CA TYR A 163 5.26 63.90 -21.17
C TYR A 163 4.59 64.71 -22.27
N GLN A 164 3.66 64.06 -22.98
CA GLN A 164 2.88 64.73 -24.01
C GLN A 164 1.43 64.31 -23.92
N HIS A 165 0.55 65.28 -23.71
CA HIS A 165 -0.88 65.03 -23.75
C HIS A 165 -1.39 65.19 -25.17
N ILE A 166 -1.93 64.10 -25.73
CA ILE A 166 -2.48 64.11 -27.08
C ILE A 166 -3.97 63.80 -27.08
N THR A 167 -4.63 64.14 -28.19
CA THR A 167 -6.05 63.94 -28.34
C THR A 167 -6.40 62.46 -28.37
N HIS A 168 -7.49 62.10 -27.70
CA HIS A 168 -7.90 60.71 -27.56
C HIS A 168 -8.17 60.12 -28.96
N PRO A 169 -7.48 59.02 -29.32
CA PRO A 169 -7.50 58.45 -30.68
C PRO A 169 -8.87 58.41 -31.38
N THR A 170 -9.95 58.38 -30.61
CA THR A 170 -11.30 58.28 -31.18
C THR A 170 -12.09 59.56 -30.95
N TRP A 171 -11.38 60.68 -30.94
CA TRP A 171 -12.00 62.00 -30.87
C TRP A 171 -12.79 62.30 -32.15
N PRO A 172 -12.23 61.99 -33.32
CA PRO A 172 -12.95 62.26 -34.57
C PRO A 172 -14.35 61.65 -34.66
N GLU A 173 -14.48 60.37 -34.32
CA GLU A 173 -15.75 59.66 -34.47
C GLU A 173 -16.78 59.92 -33.38
N SER A 174 -16.35 60.29 -32.18
CA SER A 174 -17.28 60.52 -31.07
C SER A 174 -17.87 61.93 -31.10
N SER A 175 -17.22 62.83 -31.83
CA SER A 175 -17.69 64.21 -31.95
C SER A 175 -18.89 64.34 -32.87
N ALA A 176 -18.73 63.94 -34.12
CA ALA A 176 -19.72 64.21 -35.17
C ALA A 176 -20.37 62.96 -35.74
N HIS A 177 -21.34 63.16 -36.62
CA HIS A 177 -22.12 62.06 -37.19
C HIS A 177 -21.80 61.88 -38.67
N ASP A 178 -21.65 63.01 -39.36
CA ASP A 178 -21.37 63.04 -40.80
C ASP A 178 -19.94 62.62 -41.12
N SER A 179 -19.78 61.84 -42.18
CA SER A 179 -18.48 61.34 -42.58
C SER A 179 -17.54 62.52 -42.83
N ALA A 180 -18.10 63.61 -43.34
CA ALA A 180 -17.34 64.80 -43.68
C ALA A 180 -16.75 65.49 -42.45
N THR A 181 -17.58 65.77 -41.44
CA THR A 181 -17.08 66.42 -40.23
C THR A 181 -16.02 65.54 -39.58
N GLN A 182 -16.23 64.24 -39.64
CA GLN A 182 -15.25 63.28 -39.14
C GLN A 182 -14.01 63.44 -40.01
N ALA A 183 -14.25 63.56 -41.31
CA ALA A 183 -13.18 63.83 -42.27
C ALA A 183 -12.55 65.21 -42.03
N ALA A 184 -13.34 66.18 -41.57
CA ALA A 184 -12.82 67.52 -41.31
C ALA A 184 -11.88 67.53 -40.11
N ASN A 185 -12.24 66.81 -39.05
CA ASN A 185 -11.41 66.69 -37.86
C ASN A 185 -10.35 65.62 -38.03
N THR A 186 -9.82 65.49 -39.25
CA THR A 186 -8.86 64.44 -39.55
C THR A 186 -7.38 64.79 -39.30
N LYS A 187 -6.91 65.94 -39.76
CA LYS A 187 -5.51 66.35 -39.53
C LYS A 187 -5.40 67.10 -38.21
N ILE A 188 -6.52 67.64 -37.73
CA ILE A 188 -6.54 68.39 -36.49
C ILE A 188 -6.06 67.53 -35.34
N LEU A 190 -4.04 64.63 -36.08
CA LEU A 190 -2.72 64.18 -36.50
C LEU A 190 -1.68 65.27 -36.27
N ALA A 191 -1.89 66.43 -36.90
CA ALA A 191 -0.97 67.55 -36.75
C ALA A 191 -0.62 67.76 -35.28
N LYS A 192 -1.63 67.79 -34.43
CA LYS A 192 -1.43 67.99 -33.01
C LYS A 192 -0.62 66.81 -32.45
N TRP A 193 -0.87 65.63 -33.01
CA TRP A 193 -0.12 64.41 -32.70
C TRP A 193 1.34 64.45 -33.16
N ASN A 194 1.55 64.96 -34.38
CA ASN A 194 2.88 65.05 -34.95
C ASN A 194 3.85 65.85 -34.08
N ALA A 195 3.34 66.91 -33.47
CA ALA A 195 4.14 67.72 -32.55
C ALA A 195 4.63 66.89 -31.36
N ALA A 196 3.72 66.11 -30.79
CA ALA A 196 4.06 65.26 -29.65
C ALA A 196 5.09 64.22 -30.07
N LEU A 197 4.94 63.70 -31.28
CA LEU A 197 5.89 62.74 -31.82
C LEU A 197 7.24 63.42 -32.01
N ALA A 198 7.20 64.63 -32.57
CA ALA A 198 8.40 65.45 -32.74
C ALA A 198 9.05 65.75 -31.41
N ALA A 199 8.22 65.95 -30.38
CA ALA A 199 8.71 66.30 -29.06
C ALA A 199 9.30 65.11 -28.27
N LEU A 200 8.74 63.92 -28.47
CA LEU A 200 9.16 62.76 -27.69
C LEU A 200 10.19 61.88 -28.38
N ALA A 201 10.15 61.82 -29.71
CA ALA A 201 11.05 60.96 -30.47
C ALA A 201 12.52 61.10 -30.06
N PRO A 202 13.00 62.34 -29.86
CA PRO A 202 14.41 62.49 -29.48
C PRO A 202 14.71 61.94 -28.08
N GLU A 203 13.68 61.82 -27.24
CA GLU A 203 13.86 61.42 -25.85
C GLU A 203 13.62 59.92 -25.68
N VAL A 204 13.08 59.31 -26.74
CA VAL A 204 12.93 57.86 -26.80
C VAL A 204 14.24 57.31 -27.35
N LYS A 205 15.21 57.14 -26.45
CA LYS A 205 16.57 56.78 -26.84
C LYS A 205 16.80 55.27 -26.91
N HIS A 206 15.86 54.49 -26.40
CA HIS A 206 15.93 53.04 -26.54
C HIS A 206 14.66 52.52 -27.22
N PRO A 207 14.66 52.50 -28.56
CA PRO A 207 13.56 51.85 -29.27
C PRO A 207 13.80 50.35 -29.44
N ASP A 208 12.77 49.63 -29.85
CA ASP A 208 12.89 48.21 -30.18
C ASP A 208 13.52 48.06 -31.54
N VAL A 209 13.26 49.03 -32.42
CA VAL A 209 13.80 49.05 -33.77
C VAL A 209 14.22 50.47 -34.16
N PRO A 210 15.45 50.63 -34.68
CA PRO A 210 15.83 51.94 -35.22
C PRO A 210 14.82 52.33 -36.31
N THR A 211 14.15 53.46 -36.13
CA THR A 211 13.03 53.86 -36.98
C THR A 211 13.10 55.33 -37.37
N THR A 212 12.97 55.58 -38.68
CA THR A 212 12.92 56.95 -39.16
C THR A 212 11.57 57.57 -38.83
N LEU A 213 11.59 58.75 -38.22
CA LEU A 213 10.32 59.37 -37.83
C LEU A 213 9.60 59.85 -39.07
N VAL A 214 8.38 59.34 -39.25
CA VAL A 214 7.53 59.74 -40.35
C VAL A 214 6.29 60.47 -39.84
N PRO A 215 6.22 61.79 -40.03
CA PRO A 215 5.05 62.48 -39.48
C PRO A 215 3.78 61.98 -40.16
N TYR A 216 2.66 62.07 -39.46
CA TYR A 216 1.37 61.74 -40.04
C TYR A 216 1.09 62.63 -41.24
N GLY A 217 0.35 62.10 -42.20
CA GLY A 217 -0.15 62.91 -43.31
C GLY A 217 -1.43 63.54 -42.83
N ASP A 218 -2.39 63.74 -43.74
CA ASP A 218 -3.68 64.27 -43.32
C ASP A 218 -4.55 63.15 -42.77
N ALA A 219 -4.41 61.94 -43.29
CA ALA A 219 -5.27 60.82 -42.85
C ALA A 219 -4.44 59.59 -42.50
N PHE A 220 -5.11 58.57 -41.95
CA PHE A 220 -4.42 57.36 -41.52
C PHE A 220 -4.05 56.41 -42.66
N LYS A 221 -2.80 56.48 -43.07
CA LYS A 221 -2.10 55.42 -43.80
C LYS A 221 -2.43 54.05 -43.21
N PRO A 222 -2.87 53.08 -44.03
CA PRO A 222 -3.17 51.76 -43.47
C PRO A 222 -2.00 51.17 -42.68
N SER A 223 -0.78 51.50 -43.11
CA SER A 223 0.43 51.06 -42.43
C SER A 223 0.52 51.60 -40.99
N GLU A 224 -0.23 52.67 -40.71
CA GLU A 224 -0.22 53.28 -39.38
C GLU A 224 -1.31 52.67 -38.50
N LEU A 225 -1.90 51.58 -38.98
CA LEU A 225 -2.85 50.80 -38.20
C LEU A 225 -2.25 49.44 -37.90
N VAL A 226 -1.62 49.30 -36.73
CA VAL A 226 -0.87 48.10 -36.41
C VAL A 226 -1.69 47.19 -35.50
N ASP A 227 -1.89 45.95 -35.92
CA ASP A 227 -2.61 44.97 -35.12
C ASP A 227 -1.89 44.72 -33.81
N ILE A 228 -2.66 44.56 -32.74
CA ILE A 228 -2.09 44.27 -31.42
C ILE A 228 -1.32 42.96 -31.49
N ILE A 229 -0.11 42.97 -30.93
CA ILE A 229 0.75 41.79 -30.96
C ILE A 229 0.28 40.71 -30.00
N ALA A 230 0.62 39.46 -30.32
CA ALA A 230 0.15 38.31 -29.56
C ALA A 230 0.61 38.30 -28.10
N LYS A 231 1.79 38.86 -27.82
CA LYS A 231 2.37 38.80 -26.48
C LYS A 231 1.52 39.59 -25.49
N ASP A 232 0.60 40.39 -26.02
CA ASP A 232 -0.22 41.25 -25.17
C ASP A 232 -1.48 40.50 -24.75
N LEU A 233 -1.83 39.45 -25.49
CA LEU A 233 -3.07 38.72 -25.23
C LEU A 233 -2.79 37.47 -24.38
N PRO A 234 -3.71 37.14 -23.45
CA PRO A 234 -3.54 35.93 -22.63
C PRO A 234 -3.43 34.66 -23.47
N ALA A 235 -2.89 33.59 -22.86
CA ALA A 235 -2.70 32.32 -23.53
C ALA A 235 -3.97 31.80 -24.20
N GLY A 236 -3.85 31.46 -25.48
CA GLY A 236 -4.90 30.76 -26.20
C GLY A 236 -5.77 31.59 -27.12
N LEU A 237 -5.88 32.86 -26.79
CA LEU A 237 -6.69 33.80 -27.54
C LEU A 237 -6.37 33.76 -28.97
N PRO A 238 -7.42 33.61 -29.75
CA PRO A 238 -7.32 33.52 -31.21
C PRO A 238 -6.88 34.83 -31.80
N ALA A 239 -6.16 34.73 -32.91
CA ALA A 239 -5.65 35.87 -33.60
C ALA A 239 -6.65 36.73 -34.33
N TRP A 240 -7.91 36.29 -34.37
CA TRP A 240 -8.98 37.12 -34.93
C TRP A 240 -9.43 38.05 -33.82
N ARG A 242 -7.42 39.87 -32.21
CA ARG A 242 -6.56 41.04 -32.31
C ARG A 242 -6.20 41.34 -33.76
N GLY A 243 -7.20 41.34 -34.63
CA GLY A 243 -6.99 41.61 -36.04
C GLY A 243 -7.41 43.01 -36.42
N ASP A 244 -7.63 43.23 -37.72
CA ASP A 244 -8.03 44.54 -38.22
C ASP A 244 -9.55 44.70 -38.25
N THR A 245 -10.28 43.64 -37.92
CA THR A 245 -11.74 43.65 -38.02
C THR A 245 -12.41 43.65 -36.64
N PRO A 246 -13.41 44.51 -36.42
CA PRO A 246 -14.15 44.50 -35.16
C PRO A 246 -14.94 43.20 -34.98
N TRP A 247 -15.08 42.74 -33.73
CA TRP A 247 -15.74 41.46 -33.47
C TRP A 247 -16.56 41.43 -32.18
N ALA A 248 -16.77 42.58 -31.55
CA ALA A 248 -17.59 42.66 -30.34
C ALA A 248 -18.38 43.96 -30.27
N VAL A 249 -19.63 43.87 -29.82
CA VAL A 249 -20.53 45.02 -29.73
C VAL A 249 -21.63 44.80 -28.70
N ARG A 250 -22.11 45.88 -28.10
CA ARG A 250 -23.25 45.78 -27.18
C ARG A 250 -24.57 45.81 -27.92
N GLN A 251 -25.51 44.99 -27.46
CA GLN A 251 -26.79 44.80 -28.11
C GLN A 251 -27.92 44.61 -27.12
N GLY A 252 -29.09 45.15 -27.48
CA GLY A 252 -30.26 45.07 -26.65
C GLY A 252 -31.35 45.94 -27.22
N VAL A 253 -32.58 45.71 -26.80
CA VAL A 253 -33.71 46.46 -27.33
C VAL A 253 -33.89 47.78 -26.58
N ASP A 254 -33.65 47.78 -25.28
CA ASP A 254 -33.65 49.02 -24.52
C ASP A 254 -32.28 49.18 -23.88
N ALA A 255 -32.11 50.28 -23.16
CA ALA A 255 -30.82 50.60 -22.56
C ALA A 255 -30.39 49.57 -21.52
N ALA A 256 -31.35 48.97 -20.84
CA ALA A 256 -31.05 48.02 -19.78
C ALA A 256 -30.47 46.73 -20.35
N ALA A 257 -31.12 46.20 -21.37
CA ALA A 257 -30.66 45.00 -22.04
C ALA A 257 -29.28 45.19 -22.67
N LYS A 258 -29.06 46.37 -23.24
CA LYS A 258 -27.81 46.65 -23.94
C LYS A 258 -26.62 46.69 -22.98
N ARG A 259 -26.87 47.12 -21.75
CA ARG A 259 -25.80 47.21 -20.74
C ARG A 259 -25.41 45.81 -20.27
N ARG A 260 -26.38 44.91 -20.30
CA ARG A 260 -26.23 43.56 -19.77
C ARG A 260 -25.62 42.57 -20.78
N THR A 261 -25.62 42.90 -22.04
CA THR A 261 -25.33 41.96 -23.10
C THR A 261 -24.12 42.37 -23.92
N ILE A 262 -23.45 41.42 -24.57
CA ILE A 262 -22.36 41.65 -25.52
C ILE A 262 -22.37 40.53 -26.55
N ILE A 264 -20.28 38.83 -29.33
CA ILE A 264 -19.10 38.50 -30.06
C ILE A 264 -19.41 37.65 -31.27
N THR A 265 -18.96 38.05 -32.43
CA THR A 265 -19.04 37.31 -33.66
C THR A 265 -17.75 37.23 -34.35
N ILE A 266 -17.31 36.04 -34.66
CA ILE A 266 -16.08 35.78 -35.38
C ILE A 266 -16.15 36.34 -36.80
N PRO A 267 -15.09 37.04 -37.24
CA PRO A 267 -15.07 37.54 -38.62
C PRO A 267 -15.12 36.42 -39.64
N ASP A 268 -15.65 36.70 -40.83
CA ASP A 268 -15.66 35.72 -41.90
C ASP A 268 -14.23 35.42 -42.32
N GLY A 269 -13.92 34.16 -42.57
CA GLY A 269 -12.60 33.75 -43.00
C GLY A 269 -11.86 32.90 -41.98
N VAL A 270 -12.34 32.89 -40.74
CA VAL A 270 -11.72 32.08 -39.69
C VAL A 270 -12.13 30.62 -39.87
N ILE A 271 -13.42 30.39 -40.11
CA ILE A 271 -13.94 29.04 -40.32
C ILE A 271 -14.06 28.74 -41.80
N PRO A 272 -13.46 27.63 -42.27
CA PRO A 272 -13.58 27.33 -43.71
C PRO A 272 -15.00 26.93 -44.09
N LEU B 2 -9.36 40.18 0.19
CA LEU B 2 -8.55 40.08 -0.95
C LEU B 2 -9.36 39.19 -1.84
N THR B 3 -9.19 39.28 -3.13
CA THR B 3 -9.84 38.42 -4.07
C THR B 3 -8.79 37.62 -4.75
N GLU B 4 -8.99 36.32 -4.75
CA GLU B 4 -8.06 35.34 -5.29
C GLU B 4 -8.20 35.23 -6.81
N PHE B 5 -7.18 34.69 -7.46
CA PHE B 5 -7.19 34.53 -8.89
C PHE B 5 -6.10 33.61 -9.35
N ASP B 6 -6.29 33.03 -10.51
CA ASP B 6 -5.29 32.18 -11.16
C ASP B 6 -4.37 33.03 -12.03
N ALA B 7 -3.12 33.18 -11.60
CA ALA B 7 -2.16 34.00 -12.32
C ALA B 7 -1.95 33.47 -13.74
N GLY B 8 -2.23 32.19 -13.93
CA GLY B 8 -2.21 31.60 -15.25
C GLY B 8 -1.06 30.65 -15.49
N TYR B 9 -0.28 30.94 -16.51
CA TYR B 9 0.68 30.01 -17.05
C TYR B 9 2.08 30.61 -17.17
N GLY B 10 2.57 31.17 -16.07
CA GLY B 10 3.87 31.82 -16.04
C GLY B 10 5.03 30.85 -15.91
N GLU B 11 4.86 29.85 -15.05
CA GLU B 11 5.94 28.89 -14.76
C GLU B 11 6.02 27.77 -15.79
N GLN B 12 7.24 27.37 -16.14
CA GLN B 12 7.44 26.19 -16.97
C GLN B 12 6.99 24.98 -16.15
N PRO B 13 6.64 23.88 -16.82
CA PRO B 13 6.66 23.62 -18.26
C PRO B 13 5.43 24.16 -18.98
N PHE B 14 4.58 24.87 -18.25
CA PHE B 14 3.29 25.30 -18.76
C PHE B 14 3.41 26.47 -19.74
N ARG B 15 4.48 27.25 -19.60
CA ARG B 15 4.70 28.40 -20.48
C ARG B 15 4.93 27.91 -21.92
N ASP B 16 5.86 26.98 -22.08
CA ASP B 16 6.16 26.38 -23.38
C ASP B 16 4.95 25.62 -23.92
N LEU B 17 4.17 25.03 -23.02
CA LEU B 17 2.99 24.28 -23.42
C LEU B 17 1.96 25.23 -24.03
N CYS B 18 1.71 26.33 -23.34
CA CYS B 18 0.74 27.31 -23.81
C CYS B 18 1.32 28.13 -24.95
N ALA B 19 2.64 28.12 -25.06
CA ALA B 19 3.32 28.82 -26.13
C ALA B 19 3.35 27.96 -27.38
N ASN B 20 3.44 26.64 -27.19
CA ASN B 20 3.47 25.71 -28.32
C ASN B 20 2.28 24.75 -28.32
N TYR B 21 1.10 25.24 -28.71
CA TYR B 21 -0.09 24.40 -28.76
C TYR B 21 -0.51 24.05 -30.19
N PRO B 22 -1.27 22.96 -30.35
CA PRO B 22 -1.66 22.45 -31.67
C PRO B 22 -2.90 23.11 -32.26
N GLY B 23 -2.95 23.20 -33.59
CA GLY B 23 -4.07 23.80 -34.30
C GLY B 23 -4.76 22.86 -35.26
N ALA B 24 -4.94 23.32 -36.49
CA ALA B 24 -5.67 22.56 -37.51
C ALA B 24 -4.96 21.29 -37.93
N GLU B 25 -3.65 21.23 -37.72
CA GLU B 25 -2.88 20.07 -38.14
C GLU B 25 -3.21 18.85 -37.29
N ALA B 26 -3.92 19.08 -36.18
CA ALA B 26 -4.29 18.01 -35.26
C ALA B 26 -5.80 17.95 -35.09
N TYR B 27 -6.42 19.09 -34.80
CA TYR B 27 -7.86 19.18 -34.67
C TYR B 27 -8.49 19.62 -35.99
N ASP B 28 -9.35 18.77 -36.55
CA ASP B 28 -10.03 19.10 -37.80
C ASP B 28 -10.87 20.36 -37.61
N PRO B 29 -10.65 21.40 -38.45
CA PRO B 29 -11.35 22.67 -38.20
C PRO B 29 -12.88 22.58 -38.28
N HIS B 30 -13.43 21.59 -38.97
CA HIS B 30 -14.88 21.44 -39.07
C HIS B 30 -15.43 20.66 -37.88
N ASP B 31 -14.71 19.63 -37.47
CA ASP B 31 -15.15 18.75 -36.40
C ASP B 31 -14.84 19.34 -35.03
N PHE B 32 -13.84 20.22 -34.99
CA PHE B 32 -13.48 20.93 -33.76
C PHE B 32 -13.69 22.43 -33.92
N ARG B 33 -14.13 23.08 -32.85
CA ARG B 33 -14.31 24.53 -32.87
C ARG B 33 -13.00 25.24 -32.55
N ILE B 34 -12.01 25.09 -33.42
CA ILE B 34 -10.69 25.67 -33.19
C ILE B 34 -10.71 27.19 -33.29
N GLU B 35 -11.77 27.73 -33.89
CA GLU B 35 -11.90 29.16 -34.11
C GLU B 35 -11.83 29.96 -32.81
N TRP B 36 -12.16 29.31 -31.69
CA TRP B 36 -12.18 29.97 -30.40
C TRP B 36 -10.86 29.86 -29.65
N GLY B 37 -9.89 29.15 -30.23
CA GLY B 37 -8.61 28.96 -29.58
C GLY B 37 -8.71 27.94 -28.45
N PRO B 38 -7.56 27.49 -27.94
CA PRO B 38 -7.56 26.46 -26.91
C PRO B 38 -7.79 26.99 -25.49
N ILE B 39 -8.56 26.24 -24.71
CA ILE B 39 -8.65 26.46 -23.27
C ILE B 39 -7.90 25.30 -22.63
N PHE B 40 -6.99 25.61 -21.72
CA PHE B 40 -5.96 24.65 -21.33
C PHE B 40 -6.31 23.84 -20.08
N HIS B 41 -6.87 24.49 -19.06
CA HIS B 41 -7.08 23.82 -17.78
C HIS B 41 -8.00 24.59 -16.85
N ARG B 42 -8.22 24.01 -15.67
CA ARG B 42 -8.76 24.75 -14.54
C ARG B 42 -8.21 24.15 -13.25
N GLY B 43 -7.73 25.00 -12.36
CA GLY B 43 -7.19 24.59 -11.08
C GLY B 43 -5.72 24.91 -10.92
N ARG B 44 -5.07 24.18 -10.01
CA ARG B 44 -3.73 24.51 -9.55
C ARG B 44 -2.64 23.92 -10.42
N LEU B 45 -1.56 24.67 -10.59
CA LEU B 45 -0.38 24.21 -11.32
C LEU B 45 0.87 24.41 -10.48
N ASP B 46 0.69 24.58 -9.18
CA ASP B 46 1.80 24.82 -8.27
C ASP B 46 2.18 23.57 -7.49
N GLY B 47 1.44 22.48 -7.70
CA GLY B 47 1.73 21.21 -7.07
C GLY B 47 0.79 20.88 -5.92
N SER B 48 -0.01 21.85 -5.50
CA SER B 48 -0.88 21.66 -4.34
C SER B 48 -2.08 20.78 -4.66
N ALA B 49 -2.20 20.39 -5.93
CA ALA B 49 -3.31 19.56 -6.37
C ALA B 49 -3.24 18.15 -5.83
N ARG B 50 -4.39 17.63 -5.43
CA ARG B 50 -4.48 16.27 -4.90
C ARG B 50 -5.31 15.40 -5.83
N VAL B 51 -6.28 16.01 -6.50
CA VAL B 51 -7.12 15.32 -7.48
C VAL B 51 -6.98 15.89 -8.88
N LEU B 52 -6.91 15.00 -9.87
CA LEU B 52 -6.95 15.38 -11.27
C LEU B 52 -8.29 14.98 -11.89
N ILE B 53 -8.98 15.95 -12.50
CA ILE B 53 -10.21 15.65 -13.23
C ILE B 53 -9.91 15.64 -14.73
N VAL B 54 -10.22 14.53 -15.41
CA VAL B 54 -10.11 14.48 -16.86
C VAL B 54 -11.48 14.66 -17.48
N GLY B 55 -11.74 15.86 -18.00
CA GLY B 55 -12.99 16.17 -18.65
C GLY B 55 -12.95 15.86 -20.12
N GLN B 56 -14.03 16.18 -20.83
CA GLN B 56 -14.13 15.88 -22.25
C GLN B 56 -13.75 17.07 -23.14
N ASP B 57 -14.62 18.06 -23.24
CA ASP B 57 -14.38 19.19 -24.15
C ASP B 57 -15.07 20.47 -23.67
N PRO B 58 -14.51 21.64 -24.00
CA PRO B 58 -15.07 22.92 -23.52
C PRO B 58 -16.41 23.29 -24.16
N ALA B 59 -17.05 24.32 -23.63
CA ALA B 59 -18.29 24.85 -24.19
C ALA B 59 -18.22 26.37 -24.26
N GLN B 60 -19.36 27.04 -24.36
CA GLN B 60 -19.36 28.48 -24.59
C GLN B 60 -18.89 29.29 -23.36
N HIS B 61 -19.21 28.82 -22.16
CA HIS B 61 -18.80 29.52 -20.95
C HIS B 61 -17.29 29.42 -20.78
N GLU B 62 -16.74 28.25 -21.07
CA GLU B 62 -15.30 28.03 -21.01
C GLU B 62 -14.59 28.92 -22.02
N THR B 63 -15.30 29.23 -23.10
CA THR B 63 -14.73 30.01 -24.20
C THR B 63 -14.48 31.45 -23.79
N ILE B 64 -15.26 31.94 -22.83
CA ILE B 64 -15.14 33.31 -22.36
C ILE B 64 -14.24 33.38 -21.12
N VAL B 65 -14.50 32.50 -20.16
CA VAL B 65 -13.73 32.48 -18.91
C VAL B 65 -12.29 32.06 -19.20
N ARG B 66 -12.11 31.29 -20.27
CA ARG B 66 -10.81 30.75 -20.66
C ARG B 66 -10.26 29.80 -19.59
N ARG B 67 -11.19 29.14 -18.90
CA ARG B 67 -10.89 27.99 -18.05
C ARG B 67 -11.93 26.91 -18.35
N ILE B 68 -11.57 25.64 -18.11
CA ILE B 68 -12.50 24.54 -18.42
C ILE B 68 -13.39 24.20 -17.21
N LEU B 69 -14.54 23.59 -17.49
CA LEU B 69 -15.51 23.22 -16.47
C LEU B 69 -15.89 24.42 -15.61
N VAL B 70 -16.60 25.37 -16.21
CA VAL B 70 -17.10 26.54 -15.50
C VAL B 70 -18.60 26.70 -15.76
N GLY B 71 -19.21 25.69 -16.38
CA GLY B 71 -20.64 25.67 -16.62
C GLY B 71 -21.34 24.71 -15.69
N THR B 72 -22.43 24.11 -16.17
CA THR B 72 -23.20 23.17 -15.37
C THR B 72 -22.36 21.97 -14.96
N ALA B 73 -21.67 21.38 -15.94
CA ALA B 73 -20.80 20.23 -15.70
C ALA B 73 -19.80 20.51 -14.58
N GLY B 74 -19.09 21.62 -14.70
CA GLY B 74 -18.09 21.99 -13.73
C GLY B 74 -18.67 22.21 -12.36
N ARG B 75 -19.90 22.74 -12.31
CA ARG B 75 -20.52 23.09 -11.05
C ARG B 75 -20.97 21.81 -10.34
N ARG B 76 -21.35 20.81 -11.12
CA ARG B 76 -21.66 19.49 -10.58
C ARG B 76 -20.39 18.78 -10.12
N THR B 77 -19.33 18.92 -10.90
CA THR B 77 -18.02 18.37 -10.56
C THR B 77 -17.45 18.98 -9.29
N GLN B 78 -17.65 20.28 -9.12
CA GLN B 78 -17.16 20.97 -7.94
C GLN B 78 -17.73 20.33 -6.68
N GLY B 79 -19.04 20.09 -6.69
CA GLY B 79 -19.70 19.45 -5.56
C GLY B 79 -19.22 18.04 -5.36
N PHE B 80 -18.99 17.32 -6.46
CA PHE B 80 -18.43 15.98 -6.40
C PHE B 80 -17.13 15.99 -5.61
N LEU B 81 -16.23 16.90 -5.97
CA LEU B 81 -14.98 17.04 -5.25
C LEU B 81 -15.19 17.59 -3.86
N ALA B 82 -16.26 18.37 -3.69
CA ALA B 82 -16.58 18.93 -2.38
C ALA B 82 -16.88 17.80 -1.41
N LYS B 83 -17.44 16.72 -1.93
CA LYS B 83 -17.73 15.56 -1.11
C LYS B 83 -16.45 14.86 -0.66
N LEU B 84 -15.38 15.01 -1.44
CA LEU B 84 -14.08 14.44 -1.07
C LEU B 84 -13.32 15.33 -0.11
N GLY B 85 -13.93 16.46 0.27
CA GLY B 85 -13.27 17.39 1.17
C GLY B 85 -12.29 18.25 0.40
N ILE B 86 -12.43 18.25 -0.92
CA ILE B 86 -11.56 19.00 -1.83
C ILE B 86 -12.29 20.24 -2.31
N VAL B 87 -11.76 21.41 -1.94
CA VAL B 87 -12.42 22.68 -2.25
C VAL B 87 -11.66 23.50 -3.29
N GLN B 88 -10.34 23.35 -3.33
CA GLN B 88 -9.51 24.06 -4.29
C GLN B 88 -8.37 23.21 -4.83
N SER B 89 -7.95 22.21 -4.10
CA SER B 89 -6.77 21.47 -4.44
C SER B 89 -7.03 20.54 -5.55
N TYR B 90 -7.29 21.10 -6.74
CA TYR B 90 -7.57 20.29 -7.92
C TYR B 90 -7.03 20.96 -9.17
N VAL B 91 -6.94 20.07 -10.15
CA VAL B 91 -6.49 20.24 -11.51
C VAL B 91 -7.42 19.56 -12.46
N VAL B 93 -7.76 19.03 -16.55
CA VAL B 93 -7.45 19.17 -17.98
C VAL B 93 -8.52 18.42 -18.76
N ASN B 94 -8.96 19.01 -19.87
CA ASN B 94 -10.00 18.41 -20.66
C ASN B 94 -9.36 17.49 -21.60
N THR B 95 -10.10 16.55 -22.05
CA THR B 95 -9.45 15.74 -23.07
C THR B 95 -9.06 16.60 -24.27
N PHE B 96 -10.06 17.01 -25.04
CA PHE B 96 -9.84 17.83 -26.22
C PHE B 96 -9.71 19.30 -25.83
N LEU B 97 -8.75 19.99 -26.45
CA LEU B 97 -8.53 21.40 -26.17
C LEU B 97 -9.68 22.25 -26.65
N TYR B 98 -10.18 21.90 -27.83
CA TYR B 98 -11.28 22.61 -28.46
C TYR B 98 -12.55 21.80 -28.29
N SER B 99 -13.69 22.45 -28.44
CA SER B 99 -14.98 21.77 -28.29
C SER B 99 -15.26 20.94 -29.52
N VAL B 100 -16.01 19.86 -29.34
CA VAL B 100 -16.43 19.05 -30.47
C VAL B 100 -17.52 19.82 -31.19
N TYR B 101 -17.45 19.86 -32.51
CA TYR B 101 -18.54 20.47 -33.25
C TYR B 101 -19.48 19.34 -33.64
N GLY B 102 -20.46 19.11 -32.79
CA GLY B 102 -21.46 18.10 -33.01
C GLY B 102 -21.22 16.98 -32.02
N GLN B 103 -21.99 15.90 -32.16
CA GLN B 103 -21.73 14.69 -31.39
C GLN B 103 -20.99 13.82 -32.38
N SER B 104 -20.78 14.38 -33.58
CA SER B 104 -19.91 13.80 -34.59
C SER B 104 -18.65 13.54 -33.81
N GLY B 105 -18.20 14.60 -33.17
CA GLY B 105 -17.15 14.52 -32.17
C GLY B 105 -15.69 14.36 -32.54
N GLY B 106 -14.90 14.45 -31.48
CA GLY B 106 -13.49 14.15 -31.51
C GLY B 106 -13.30 12.65 -31.50
N SER B 107 -14.38 11.91 -31.26
CA SER B 107 -14.29 10.45 -31.16
C SER B 107 -13.92 9.90 -32.53
N LYS B 108 -14.23 10.67 -33.57
CA LYS B 108 -13.74 10.40 -34.90
C LYS B 108 -12.22 10.58 -34.95
N HIS B 109 -11.71 11.35 -33.99
CA HIS B 109 -10.30 11.72 -33.92
C HIS B 109 -9.63 11.42 -32.58
N LYS B 110 -10.23 10.52 -31.79
CA LYS B 110 -9.77 10.28 -30.43
C LYS B 110 -8.37 9.65 -30.36
N ASN B 111 -7.91 9.09 -31.48
CA ASN B 111 -6.60 8.44 -31.53
C ASN B 111 -5.63 9.18 -32.45
N GLU B 112 -5.98 10.41 -32.79
CA GLU B 112 -5.12 11.28 -33.60
C GLU B 112 -3.85 11.65 -32.83
N PRO B 113 -2.66 11.44 -33.42
CA PRO B 113 -1.40 11.74 -32.73
C PRO B 113 -1.29 13.18 -32.20
N GLY B 114 -1.68 14.15 -33.00
CA GLY B 114 -1.61 15.55 -32.62
C GLY B 114 -2.30 15.85 -31.29
N ILE B 115 -3.48 15.28 -31.12
CA ILE B 115 -4.26 15.46 -29.89
C ILE B 115 -3.62 14.74 -28.70
N VAL B 116 -3.36 13.45 -28.88
CA VAL B 116 -2.92 12.58 -27.79
C VAL B 116 -1.56 12.97 -27.24
N ASP B 117 -0.59 13.12 -28.13
CA ASP B 117 0.78 13.45 -27.73
C ASP B 117 0.83 14.74 -26.93
N TYR B 118 0.10 15.76 -27.37
CA TYR B 118 0.07 17.04 -26.66
C TYR B 118 -0.56 16.91 -25.28
N ARG B 119 -1.73 16.29 -25.24
CA ARG B 119 -2.45 16.07 -23.99
C ARG B 119 -1.59 15.36 -22.97
N ASN B 120 -0.81 14.39 -23.43
CA ASN B 120 0.05 13.62 -22.55
C ASN B 120 1.16 14.47 -21.92
N LYS B 121 1.63 15.47 -22.65
CA LYS B 121 2.65 16.37 -22.12
C LYS B 121 2.08 17.16 -20.93
N TRP B 122 0.79 17.46 -20.99
CA TRP B 122 0.11 18.13 -19.89
C TRP B 122 -0.09 17.19 -18.72
N PHE B 123 -0.51 15.96 -19.01
CA PHE B 123 -0.63 14.91 -18.00
C PHE B 123 0.70 14.77 -17.24
N LYS B 124 1.79 14.61 -17.98
CA LYS B 124 3.10 14.48 -17.40
C LYS B 124 3.47 15.68 -16.53
N ALA B 125 3.05 16.87 -16.94
CA ALA B 125 3.41 18.08 -16.24
C ALA B 125 2.70 18.20 -14.91
N VAL B 126 1.42 17.84 -14.87
CA VAL B 126 0.64 17.95 -13.63
C VAL B 126 0.94 16.80 -12.66
N LEU B 127 1.25 15.62 -13.20
CA LEU B 127 1.55 14.46 -12.37
C LEU B 127 3.01 14.36 -11.93
N GLY B 128 3.90 15.01 -12.69
CA GLY B 128 5.33 14.96 -12.42
C GLY B 128 5.69 15.07 -10.96
N PRO B 129 5.22 16.15 -10.29
CA PRO B 129 5.48 16.37 -8.86
C PRO B 129 4.99 15.21 -7.99
N GLY B 130 3.98 14.48 -8.47
CA GLY B 130 3.50 13.31 -7.75
C GLY B 130 2.75 13.63 -6.47
N ASN B 131 1.92 14.68 -6.49
CA ASN B 131 1.09 15.01 -5.34
C ASN B 131 -0.38 14.66 -5.62
N ILE B 132 -0.62 14.12 -6.81
CA ILE B 132 -1.96 13.68 -7.20
C ILE B 132 -2.31 12.32 -6.57
N GLU B 133 -3.38 12.30 -5.79
CA GLU B 133 -3.77 11.12 -5.02
C GLU B 133 -4.90 10.35 -5.68
N ALA B 134 -5.59 11.00 -6.61
CA ALA B 134 -6.71 10.37 -7.28
C ALA B 134 -6.92 10.96 -8.67
N VAL B 135 -7.55 10.19 -9.53
CA VAL B 135 -7.87 10.64 -10.88
C VAL B 135 -9.31 10.26 -11.17
N VAL B 136 -10.05 11.22 -11.71
CA VAL B 136 -11.47 11.01 -12.00
C VAL B 136 -11.74 11.49 -13.42
N SER B 137 -12.14 10.55 -14.28
CA SER B 137 -12.42 10.87 -15.67
C SER B 137 -13.92 11.06 -15.88
N LEU B 138 -14.26 12.04 -16.71
CA LEU B 138 -15.64 12.38 -16.97
C LEU B 138 -16.05 11.88 -18.35
N GLY B 139 -16.75 10.76 -18.38
CA GLY B 139 -17.24 10.18 -19.62
C GLY B 139 -16.27 9.18 -20.25
N GLY B 140 -16.64 8.70 -21.43
CA GLY B 140 -15.89 7.67 -22.12
C GLY B 140 -14.57 8.12 -22.72
N LEU B 141 -14.58 9.23 -23.46
CA LEU B 141 -13.39 9.67 -24.17
C LEU B 141 -12.30 10.12 -23.19
N ALA B 142 -12.74 10.62 -22.04
CA ALA B 142 -11.82 10.95 -20.96
C ALA B 142 -11.14 9.68 -20.47
N ASP B 143 -11.91 8.62 -20.37
CA ASP B 143 -11.40 7.33 -19.92
C ASP B 143 -10.35 6.76 -20.87
N GLU B 144 -10.65 6.75 -22.16
CA GLU B 144 -9.70 6.24 -23.14
C GLU B 144 -8.48 7.16 -23.19
N ALA B 145 -8.70 8.44 -22.88
CA ALA B 145 -7.60 9.40 -22.84
C ALA B 145 -6.65 9.07 -21.71
N TRP B 146 -7.20 8.76 -20.54
CA TRP B 146 -6.40 8.37 -19.40
C TRP B 146 -5.74 7.02 -19.64
N LYS B 147 -6.46 6.10 -20.29
CA LYS B 147 -5.91 4.80 -20.62
C LYS B 147 -4.78 4.90 -21.63
N ALA B 148 -4.98 5.74 -22.64
CA ALA B 148 -3.97 5.93 -23.68
C ALA B 148 -2.71 6.55 -23.08
N TRP B 149 -2.87 7.33 -22.02
CA TRP B 149 -1.74 7.92 -21.32
C TRP B 149 -0.96 6.84 -20.60
N LEU B 150 -1.67 5.95 -19.92
CA LEU B 150 -1.04 4.88 -19.15
C LEU B 150 -0.25 3.87 -20.00
N LYS B 151 -0.65 3.65 -21.25
CA LYS B 151 0.06 2.66 -22.07
C LYS B 151 1.33 3.30 -22.66
N SER B 152 1.62 4.54 -22.29
CA SER B 152 2.80 5.22 -22.81
C SER B 152 3.96 5.11 -21.82
N SER B 153 5.16 5.47 -22.27
CA SER B 153 6.35 5.34 -21.45
C SER B 153 6.22 6.10 -20.14
N ASP B 154 5.87 7.38 -20.24
CA ASP B 154 5.77 8.25 -19.08
C ASP B 154 4.57 7.87 -18.19
N GLY B 155 3.59 7.18 -18.77
CA GLY B 155 2.39 6.83 -18.05
C GLY B 155 2.42 5.57 -17.20
N ALA B 156 3.31 4.63 -17.56
CA ALA B 156 3.38 3.33 -16.90
C ALA B 156 3.48 3.44 -15.37
N ALA B 157 4.15 4.49 -14.90
CA ALA B 157 4.37 4.69 -13.47
C ALA B 157 3.08 5.03 -12.73
N TYR B 158 1.99 5.25 -13.46
CA TYR B 158 0.74 5.72 -12.88
C TYR B 158 -0.38 4.69 -12.97
N LYS B 159 -0.04 3.45 -13.30
CA LYS B 159 -1.05 2.40 -13.38
C LYS B 159 -1.59 2.04 -11.99
N THR B 160 -0.83 2.36 -10.96
CA THR B 160 -1.24 2.08 -9.59
C THR B 160 -2.08 3.21 -8.98
N LEU B 161 -2.18 4.32 -9.71
CA LEU B 161 -2.95 5.46 -9.24
C LEU B 161 -4.39 5.06 -8.93
N ALA B 162 -5.17 6.00 -8.42
CA ALA B 162 -6.56 5.73 -8.08
C ALA B 162 -7.50 6.32 -9.12
N TYR B 163 -7.38 5.87 -10.35
CA TYR B 163 -8.23 6.33 -11.44
C TYR B 163 -9.67 5.89 -11.21
N GLN B 164 -10.61 6.59 -11.83
CA GLN B 164 -12.03 6.27 -11.68
C GLN B 164 -12.86 6.83 -12.83
N HIS B 165 -13.37 5.94 -13.66
CA HIS B 165 -14.22 6.32 -14.77
C HIS B 165 -15.53 6.76 -14.26
N ILE B 166 -15.95 7.95 -14.62
CA ILE B 166 -17.21 8.50 -14.15
C ILE B 166 -18.05 8.90 -15.31
N THR B 167 -19.37 8.85 -15.13
CA THR B 167 -20.30 9.22 -16.18
C THR B 167 -20.35 10.73 -16.36
N HIS B 168 -20.62 11.20 -17.55
CA HIS B 168 -20.34 12.55 -17.78
C HIS B 168 -21.36 13.41 -17.17
N PRO B 169 -20.90 14.44 -16.34
CA PRO B 169 -21.96 15.21 -15.68
C PRO B 169 -23.28 15.50 -16.37
N THR B 170 -23.30 15.73 -17.65
CA THR B 170 -24.54 16.04 -18.29
C THR B 170 -25.14 14.96 -19.15
N TRP B 171 -24.97 13.72 -18.76
CA TRP B 171 -25.43 12.64 -19.56
C TRP B 171 -26.92 12.68 -19.42
N PRO B 172 -27.40 12.99 -18.15
CA PRO B 172 -28.85 13.05 -18.03
C PRO B 172 -29.66 13.87 -19.02
N GLU B 173 -29.08 14.94 -19.49
CA GLU B 173 -29.77 15.98 -20.15
C GLU B 173 -29.55 15.90 -21.62
N SER B 174 -28.46 15.26 -22.01
CA SER B 174 -28.14 15.03 -23.38
C SER B 174 -28.59 13.69 -23.78
N SER B 175 -28.88 12.83 -22.84
CA SER B 175 -29.47 11.55 -23.12
C SER B 175 -30.96 11.66 -23.32
N ALA B 176 -31.60 12.66 -22.72
CA ALA B 176 -33.05 12.67 -22.70
C ALA B 176 -33.74 13.98 -22.81
N HIS B 177 -35.00 13.85 -23.19
CA HIS B 177 -35.83 14.99 -23.52
C HIS B 177 -36.85 15.24 -22.46
N ASP B 178 -37.71 14.27 -22.17
CA ASP B 178 -38.64 14.44 -21.10
C ASP B 178 -37.81 14.59 -19.87
N SER B 179 -38.41 15.14 -18.84
CA SER B 179 -37.68 15.48 -17.66
C SER B 179 -37.78 14.41 -16.63
N ALA B 180 -38.44 13.31 -16.99
CA ALA B 180 -38.80 12.26 -16.09
C ALA B 180 -37.78 11.22 -16.22
N THR B 181 -37.56 10.88 -17.45
CA THR B 181 -36.45 10.01 -17.80
C THR B 181 -35.10 10.65 -17.49
N GLN B 182 -35.02 11.96 -17.64
CA GLN B 182 -33.78 12.67 -17.33
C GLN B 182 -33.49 12.52 -15.84
N ALA B 183 -34.52 12.72 -15.02
CA ALA B 183 -34.40 12.55 -13.58
C ALA B 183 -34.09 11.09 -13.27
N ALA B 184 -34.65 10.20 -14.08
CA ALA B 184 -34.43 8.77 -13.91
C ALA B 184 -32.98 8.45 -14.24
N ASN B 185 -32.44 9.08 -15.28
CA ASN B 185 -31.05 8.89 -15.65
C ASN B 185 -30.12 9.76 -14.80
N THR B 186 -30.71 10.57 -13.92
CA THR B 186 -29.94 11.37 -12.97
C THR B 186 -29.69 10.51 -11.76
N LYS B 187 -30.73 9.78 -11.37
CA LYS B 187 -30.68 8.88 -10.22
C LYS B 187 -29.64 7.79 -10.43
N ILE B 188 -29.50 7.35 -11.66
CA ILE B 188 -28.55 6.30 -12.01
C ILE B 188 -27.13 6.87 -12.07
N LEU B 190 -26.07 9.47 -10.20
CA LEU B 190 -25.67 9.73 -8.82
C LEU B 190 -25.26 8.43 -8.12
N ALA B 191 -25.94 7.35 -8.49
CA ALA B 191 -25.63 6.03 -7.92
C ALA B 191 -24.20 5.62 -8.29
N LYS B 192 -23.87 5.73 -9.57
CA LYS B 192 -22.54 5.42 -10.06
C LYS B 192 -21.51 6.38 -9.49
N TRP B 193 -21.92 7.64 -9.29
CA TRP B 193 -21.05 8.63 -8.68
C TRP B 193 -20.73 8.25 -7.25
N ASN B 194 -21.74 7.82 -6.51
CA ASN B 194 -21.56 7.38 -5.13
C ASN B 194 -20.59 6.21 -5.04
N ALA B 195 -20.68 5.32 -6.02
CA ALA B 195 -19.76 4.20 -6.09
C ALA B 195 -18.31 4.68 -6.22
N ALA B 196 -18.11 5.66 -7.10
CA ALA B 196 -16.78 6.22 -7.33
C ALA B 196 -16.25 6.92 -6.08
N LEU B 197 -17.13 7.64 -5.40
CA LEU B 197 -16.75 8.34 -4.17
C LEU B 197 -16.38 7.35 -3.08
N ALA B 198 -17.17 6.29 -2.95
CA ALA B 198 -16.88 5.24 -1.98
C ALA B 198 -15.50 4.65 -2.28
N ALA B 199 -15.17 4.58 -3.56
CA ALA B 199 -13.90 4.03 -4.00
C ALA B 199 -12.73 5.00 -3.78
N LEU B 200 -13.01 6.29 -3.86
CA LEU B 200 -11.96 7.32 -3.79
C LEU B 200 -11.72 7.88 -2.40
N ALA B 201 -12.76 7.89 -1.57
CA ALA B 201 -12.68 8.46 -0.23
C ALA B 201 -11.46 7.97 0.57
N PRO B 202 -11.18 6.66 0.56
CA PRO B 202 -10.04 6.18 1.33
C PRO B 202 -8.67 6.60 0.77
N GLU B 203 -8.60 6.95 -0.51
CA GLU B 203 -7.32 7.19 -1.17
C GLU B 203 -6.93 8.67 -1.20
N VAL B 204 -7.88 9.55 -0.89
CA VAL B 204 -7.59 10.97 -0.76
C VAL B 204 -7.24 11.28 0.70
N LYS B 205 -5.97 11.09 1.08
CA LYS B 205 -5.59 11.25 2.47
C LYS B 205 -5.20 12.69 2.83
N HIS B 206 -5.12 13.56 1.83
CA HIS B 206 -4.90 14.97 2.07
C HIS B 206 -6.06 15.77 1.49
N PRO B 207 -7.13 15.95 2.27
CA PRO B 207 -8.21 16.83 1.83
C PRO B 207 -7.94 18.29 2.17
N ASP B 208 -8.72 19.20 1.61
CA ASP B 208 -8.63 20.61 1.97
C ASP B 208 -9.36 20.81 3.30
N VAL B 209 -10.42 20.03 3.49
CA VAL B 209 -11.17 20.03 4.73
C VAL B 209 -11.57 18.58 5.02
N PRO B 210 -11.24 18.07 6.22
CA PRO B 210 -11.72 16.72 6.54
C PRO B 210 -13.25 16.61 6.53
N THR B 211 -13.78 15.77 5.65
CA THR B 211 -15.22 15.61 5.52
C THR B 211 -15.56 14.14 5.30
N THR B 212 -16.44 13.60 6.16
CA THR B 212 -16.92 12.24 5.99
C THR B 212 -17.95 12.20 4.87
N LEU B 213 -17.87 11.18 4.04
CA LEU B 213 -18.66 11.12 2.81
C LEU B 213 -20.17 11.08 3.03
N VAL B 214 -20.84 12.02 2.37
CA VAL B 214 -22.29 12.10 2.36
C VAL B 214 -22.79 11.79 0.94
N PRO B 215 -23.35 10.59 0.73
CA PRO B 215 -23.74 10.19 -0.63
C PRO B 215 -24.83 11.05 -1.26
N TYR B 216 -24.82 11.08 -2.59
CA TYR B 216 -25.87 11.73 -3.36
C TYR B 216 -27.21 11.07 -3.10
N GLY B 217 -28.28 11.84 -3.23
CA GLY B 217 -29.63 11.31 -3.18
C GLY B 217 -30.06 10.84 -4.55
N ASP B 218 -31.34 10.99 -4.86
CA ASP B 218 -31.88 10.64 -6.17
C ASP B 218 -31.62 11.76 -7.19
N ALA B 219 -31.62 12.99 -6.72
CA ALA B 219 -31.43 14.16 -7.59
C ALA B 219 -30.40 15.13 -6.99
N PHE B 220 -30.06 16.16 -7.76
CA PHE B 220 -29.09 17.16 -7.30
C PHE B 220 -29.66 18.13 -6.29
N LYS B 221 -29.27 17.88 -5.05
CA LYS B 221 -29.37 18.82 -3.93
C LYS B 221 -28.54 20.08 -4.22
N PRO B 222 -29.15 21.27 -4.11
CA PRO B 222 -28.41 22.50 -4.42
C PRO B 222 -27.08 22.64 -3.68
N SER B 223 -27.00 22.10 -2.47
CA SER B 223 -25.78 22.13 -1.69
C SER B 223 -24.64 21.42 -2.42
N GLU B 224 -25.01 20.52 -3.33
CA GLU B 224 -24.05 19.73 -4.10
C GLU B 224 -23.70 20.39 -5.43
N LEU B 225 -24.17 21.61 -5.64
CA LEU B 225 -23.81 22.40 -6.81
C LEU B 225 -23.03 23.62 -6.36
N VAL B 226 -21.71 23.51 -6.41
CA VAL B 226 -20.80 24.52 -5.86
C VAL B 226 -20.25 25.43 -6.94
N ASP B 227 -20.43 26.73 -6.75
CA ASP B 227 -19.89 27.71 -7.68
C ASP B 227 -18.38 27.57 -7.77
N ILE B 228 -17.84 27.77 -8.97
CA ILE B 228 -16.40 27.71 -9.15
C ILE B 228 -15.76 28.79 -8.29
N ILE B 229 -14.69 28.44 -7.59
CA ILE B 229 -14.04 29.37 -6.68
C ILE B 229 -13.26 30.43 -7.44
N ALA B 230 -13.07 31.58 -6.81
CA ALA B 230 -12.42 32.72 -7.44
C ALA B 230 -10.98 32.41 -7.85
N LYS B 231 -10.32 31.53 -7.10
CA LYS B 231 -8.92 31.22 -7.35
C LYS B 231 -8.70 30.60 -8.73
N ASP B 232 -9.80 30.17 -9.36
CA ASP B 232 -9.71 29.49 -10.65
C ASP B 232 -9.80 30.42 -11.85
N LEU B 233 -10.36 31.61 -11.65
CA LEU B 233 -10.59 32.54 -12.75
C LEU B 233 -9.47 33.57 -12.85
N PRO B 234 -9.10 33.97 -14.08
CA PRO B 234 -8.07 35.02 -14.25
C PRO B 234 -8.43 36.34 -13.58
N ALA B 235 -7.41 37.18 -13.39
CA ALA B 235 -7.58 38.49 -12.73
C ALA B 235 -8.68 39.33 -13.36
N GLY B 236 -9.58 39.84 -12.53
CA GLY B 236 -10.53 40.85 -12.95
C GLY B 236 -11.94 40.34 -13.21
N LEU B 237 -12.07 39.07 -13.58
CA LEU B 237 -13.38 38.52 -13.92
C LEU B 237 -14.38 38.63 -12.78
N PRO B 238 -15.59 38.91 -13.17
CA PRO B 238 -16.62 39.08 -12.22
C PRO B 238 -17.23 37.79 -11.75
N ALA B 239 -17.73 37.85 -10.54
CA ALA B 239 -18.24 36.74 -9.80
C ALA B 239 -19.52 36.27 -10.30
N TRP B 240 -20.02 36.85 -11.39
CA TRP B 240 -21.26 36.39 -12.00
C TRP B 240 -20.87 35.38 -13.07
N ARG B 242 -18.71 33.18 -12.42
CA ARG B 242 -18.60 31.98 -11.68
C ARG B 242 -19.71 31.93 -10.64
N GLY B 243 -20.95 31.84 -11.08
CA GLY B 243 -22.07 31.84 -10.22
C GLY B 243 -23.00 30.78 -10.66
N ASP B 244 -24.19 30.79 -10.11
CA ASP B 244 -25.17 29.74 -10.33
C ASP B 244 -26.05 29.98 -11.55
N THR B 245 -25.88 31.13 -12.19
CA THR B 245 -26.77 31.54 -13.29
C THR B 245 -26.04 31.50 -14.63
N PRO B 246 -26.69 30.93 -15.67
CA PRO B 246 -26.07 30.93 -17.00
C PRO B 246 -25.91 32.34 -17.57
N TRP B 247 -24.84 32.59 -18.32
CA TRP B 247 -24.60 33.91 -18.86
C TRP B 247 -23.95 33.89 -20.26
N ALA B 248 -23.87 32.72 -20.88
CA ALA B 248 -23.30 32.61 -22.22
C ALA B 248 -24.02 31.54 -23.05
N VAL B 249 -24.23 31.85 -24.32
CA VAL B 249 -24.92 30.95 -25.22
C VAL B 249 -24.61 31.29 -26.68
N ARG B 250 -24.57 30.29 -27.55
CA ARG B 250 -24.40 30.52 -28.98
C ARG B 250 -25.74 30.83 -29.64
N GLN B 251 -25.69 31.71 -30.64
CA GLN B 251 -26.89 32.23 -31.28
C GLN B 251 -26.70 32.32 -32.79
N GLY B 252 -27.75 32.03 -33.54
CA GLY B 252 -27.71 32.05 -34.99
C GLY B 252 -28.98 31.45 -35.55
N VAL B 253 -29.26 31.74 -36.83
CA VAL B 253 -30.49 31.27 -37.45
C VAL B 253 -30.27 29.85 -37.98
N ASP B 254 -29.08 29.62 -38.54
CA ASP B 254 -28.67 28.31 -39.00
C ASP B 254 -27.41 27.88 -38.25
N ALA B 255 -26.90 26.69 -38.59
CA ALA B 255 -25.75 26.12 -37.89
C ALA B 255 -24.52 27.00 -38.08
N ALA B 256 -24.44 27.67 -39.22
CA ALA B 256 -23.29 28.53 -39.54
C ALA B 256 -23.27 29.77 -38.65
N ALA B 257 -24.41 30.42 -38.52
CA ALA B 257 -24.53 31.60 -37.67
C ALA B 257 -24.21 31.29 -36.21
N LYS B 258 -24.66 30.13 -35.74
CA LYS B 258 -24.44 29.74 -34.35
C LYS B 258 -22.98 29.51 -34.02
N ARG B 259 -22.22 29.04 -34.99
CA ARG B 259 -20.84 28.70 -34.75
C ARG B 259 -19.95 29.93 -34.58
N ARG B 260 -20.32 31.01 -35.24
CA ARG B 260 -19.51 32.23 -35.21
C ARG B 260 -19.84 33.18 -34.05
N THR B 261 -21.04 33.13 -33.49
CA THR B 261 -21.48 34.10 -32.50
C THR B 261 -21.65 33.48 -31.15
N ILE B 262 -21.39 34.24 -30.10
CA ILE B 262 -21.73 33.87 -28.73
C ILE B 262 -22.35 35.10 -28.13
N ILE B 264 -22.92 36.93 -24.53
CA ILE B 264 -22.74 37.01 -23.10
C ILE B 264 -23.85 37.84 -22.50
N THR B 265 -24.43 37.36 -21.43
CA THR B 265 -25.58 38.03 -20.83
C THR B 265 -25.47 38.01 -19.32
N ILE B 266 -25.33 39.19 -18.73
CA ILE B 266 -25.18 39.31 -17.29
C ILE B 266 -26.48 38.97 -16.56
N PRO B 267 -26.40 38.14 -15.50
CA PRO B 267 -27.59 37.82 -14.72
C PRO B 267 -28.25 39.04 -14.07
N ASP B 268 -29.55 38.97 -13.85
CA ASP B 268 -30.28 40.03 -13.16
C ASP B 268 -29.85 40.11 -11.70
N GLY B 269 -29.69 41.32 -11.20
CA GLY B 269 -29.34 41.56 -9.81
C GLY B 269 -27.95 42.14 -9.60
N VAL B 270 -27.12 42.05 -10.64
CA VAL B 270 -25.76 42.60 -10.57
C VAL B 270 -25.78 44.11 -10.73
N ILE B 271 -26.57 44.58 -11.69
CA ILE B 271 -26.69 46.01 -11.97
C ILE B 271 -27.89 46.60 -11.25
N PRO B 272 -27.69 47.71 -10.51
CA PRO B 272 -28.81 48.31 -9.78
C PRO B 272 -29.85 48.93 -10.72
N LEU C 2 -41.52 -32.79 -6.56
CA LEU C 2 -40.44 -33.21 -7.45
C LEU C 2 -39.32 -32.17 -7.47
N THR C 3 -38.08 -32.65 -7.54
CA THR C 3 -36.92 -31.75 -7.57
C THR C 3 -36.45 -31.53 -9.00
N GLU C 4 -36.48 -30.28 -9.44
CA GLU C 4 -36.06 -29.92 -10.79
C GLU C 4 -34.54 -29.99 -10.94
N PHE C 5 -34.09 -30.18 -12.17
CA PHE C 5 -32.67 -30.31 -12.47
C PHE C 5 -32.36 -29.87 -13.90
N ASP C 6 -31.07 -29.70 -14.18
CA ASP C 6 -30.59 -29.30 -15.51
C ASP C 6 -30.26 -30.51 -16.37
N ALA C 7 -31.06 -30.76 -17.39
CA ALA C 7 -30.89 -31.91 -18.27
C ALA C 7 -29.53 -31.88 -18.96
N GLY C 8 -28.97 -30.69 -19.10
CA GLY C 8 -27.62 -30.53 -19.61
C GLY C 8 -27.54 -29.93 -21.00
N TYR C 9 -26.88 -30.67 -21.90
CA TYR C 9 -26.48 -30.13 -23.20
C TYR C 9 -26.93 -31.02 -24.35
N GLY C 10 -28.22 -31.37 -24.37
CA GLY C 10 -28.75 -32.24 -25.40
C GLY C 10 -29.10 -31.52 -26.70
N GLU C 11 -29.73 -30.36 -26.59
CA GLU C 11 -30.19 -29.64 -27.76
C GLU C 11 -29.10 -28.76 -28.38
N GLN C 12 -29.05 -28.73 -29.70
CA GLN C 12 -28.13 -27.86 -30.42
C GLN C 12 -28.48 -26.40 -30.20
N PRO C 13 -27.51 -25.49 -30.39
CA PRO C 13 -26.13 -25.72 -30.85
C PRO C 13 -25.19 -26.16 -29.73
N PHE C 14 -25.73 -26.41 -28.55
CA PHE C 14 -24.91 -26.66 -27.37
C PHE C 14 -24.26 -28.05 -27.35
N ARG C 15 -24.89 -29.03 -28.00
CA ARG C 15 -24.33 -30.38 -28.00
C ARG C 15 -23.02 -30.39 -28.78
N ASP C 16 -23.05 -29.85 -29.99
CA ASP C 16 -21.84 -29.75 -30.82
C ASP C 16 -20.78 -28.89 -30.11
N LEU C 17 -21.23 -27.90 -29.36
CA LEU C 17 -20.32 -27.02 -28.64
C LEU C 17 -19.60 -27.80 -27.56
N CYS C 18 -20.36 -28.59 -26.80
CA CYS C 18 -19.81 -29.38 -25.71
C CYS C 18 -19.01 -30.57 -26.23
N ALA C 19 -19.22 -30.94 -27.47
CA ALA C 19 -18.51 -32.03 -28.07
C ALA C 19 -17.27 -31.62 -28.80
N ASN C 20 -16.96 -30.36 -28.75
CA ASN C 20 -16.00 -29.79 -29.65
C ASN C 20 -15.19 -28.71 -28.98
N TYR C 21 -14.72 -28.93 -27.78
CA TYR C 21 -14.12 -27.92 -26.92
C TYR C 21 -12.59 -27.94 -27.03
N PRO C 22 -11.94 -26.82 -26.69
CA PRO C 22 -10.48 -26.70 -26.82
C PRO C 22 -9.71 -27.25 -25.64
N GLY C 23 -8.52 -27.78 -25.89
CA GLY C 23 -7.68 -28.34 -24.86
C GLY C 23 -6.35 -27.63 -24.75
N ALA C 24 -5.26 -28.40 -24.74
CA ALA C 24 -3.93 -27.83 -24.55
C ALA C 24 -3.52 -26.95 -25.72
N GLU C 25 -4.14 -27.17 -26.87
CA GLU C 25 -3.83 -26.40 -28.07
C GLU C 25 -4.32 -24.96 -27.97
N ALA C 26 -5.16 -24.68 -26.98
CA ALA C 26 -5.70 -23.35 -26.76
C ALA C 26 -5.38 -22.85 -25.34
N TYR C 27 -5.71 -23.66 -24.35
CA TYR C 27 -5.40 -23.36 -22.95
C TYR C 27 -4.08 -24.00 -22.55
N ASP C 28 -3.12 -23.19 -22.14
CA ASP C 28 -1.82 -23.70 -21.71
C ASP C 28 -1.98 -24.66 -20.53
N PRO C 29 -1.43 -25.88 -20.65
CA PRO C 29 -1.65 -26.90 -19.60
C PRO C 29 -1.13 -26.52 -18.22
N HIS C 30 -0.11 -25.65 -18.17
CA HIS C 30 0.45 -25.22 -16.90
C HIS C 30 -0.30 -24.03 -16.30
N ASP C 31 -0.68 -23.09 -17.16
CA ASP C 31 -1.30 -21.86 -16.71
C ASP C 31 -2.80 -22.04 -16.45
N PHE C 32 -3.40 -23.04 -17.09
CA PHE C 32 -4.80 -23.38 -16.86
C PHE C 32 -4.91 -24.79 -16.30
N ARG C 33 -5.89 -25.00 -15.42
CA ARG C 33 -6.14 -26.30 -14.84
C ARG C 33 -7.02 -27.14 -15.77
N ILE C 34 -6.47 -27.46 -16.95
CA ILE C 34 -7.22 -28.21 -17.95
C ILE C 34 -7.42 -29.66 -17.54
N GLU C 35 -6.64 -30.11 -16.55
CA GLU C 35 -6.69 -31.49 -16.10
C GLU C 35 -8.07 -31.91 -15.61
N TRP C 36 -8.88 -30.95 -15.18
CA TRP C 36 -10.22 -31.23 -14.67
C TRP C 36 -11.30 -31.15 -15.75
N GLY C 37 -10.90 -30.82 -16.98
CA GLY C 37 -11.86 -30.66 -18.06
C GLY C 37 -12.65 -29.37 -17.94
N PRO C 38 -13.38 -29.01 -19.02
CA PRO C 38 -14.11 -27.74 -19.04
C PRO C 38 -15.47 -27.79 -18.35
N ILE C 39 -15.81 -26.70 -17.66
CA ILE C 39 -17.17 -26.48 -17.17
C ILE C 39 -17.76 -25.37 -18.03
N PHE C 40 -18.95 -25.60 -18.56
CA PHE C 40 -19.46 -24.82 -19.67
C PHE C 40 -20.35 -23.65 -19.28
N HIS C 41 -21.24 -23.87 -18.32
CA HIS C 41 -22.25 -22.88 -17.99
C HIS C 41 -22.97 -23.14 -16.67
N ARG C 42 -23.89 -22.23 -16.35
CA ARG C 42 -24.91 -22.47 -15.33
C ARG C 42 -26.17 -21.69 -15.70
N GLY C 43 -27.31 -22.35 -15.62
CA GLY C 43 -28.59 -21.71 -15.90
C GLY C 43 -29.30 -22.26 -17.12
N ARG C 44 -30.17 -21.43 -17.68
CA ARG C 44 -31.10 -21.88 -18.72
C ARG C 44 -30.45 -21.81 -20.10
N LEU C 45 -30.77 -22.79 -20.94
CA LEU C 45 -30.30 -22.83 -22.31
C LEU C 45 -31.46 -23.09 -23.27
N ASP C 46 -32.68 -22.85 -22.77
CA ASP C 46 -33.89 -23.09 -23.55
C ASP C 46 -34.46 -21.77 -24.10
N GLY C 47 -33.80 -20.67 -23.77
CA GLY C 47 -34.20 -19.35 -24.26
C GLY C 47 -34.87 -18.50 -23.20
N SER C 48 -35.22 -19.11 -22.07
CA SER C 48 -35.93 -18.39 -21.01
C SER C 48 -35.02 -17.48 -20.20
N ALA C 49 -33.72 -17.51 -20.50
CA ALA C 49 -32.74 -16.69 -19.78
C ALA C 49 -32.98 -15.22 -20.08
N ARG C 50 -32.91 -14.38 -19.05
CA ARG C 50 -33.14 -12.95 -19.20
C ARG C 50 -31.88 -12.12 -18.93
N VAL C 51 -31.04 -12.60 -18.02
CA VAL C 51 -29.76 -11.96 -17.71
C VAL C 51 -28.61 -12.91 -18.00
N LEU C 52 -27.54 -12.36 -18.57
CA LEU C 52 -26.30 -13.11 -18.79
C LEU C 52 -25.22 -12.67 -17.80
N ILE C 53 -24.67 -13.64 -17.06
CA ILE C 53 -23.53 -13.39 -16.19
C ILE C 53 -22.26 -13.86 -16.86
N VAL C 54 -21.31 -12.96 -17.05
CA VAL C 54 -19.99 -13.34 -17.54
C VAL C 54 -19.01 -13.38 -16.38
N GLY C 55 -18.70 -14.58 -15.90
CA GLY C 55 -17.76 -14.77 -14.81
C GLY C 55 -16.35 -14.94 -15.34
N GLN C 56 -15.39 -15.15 -14.46
CA GLN C 56 -14.00 -15.27 -14.85
C GLN C 56 -13.58 -16.74 -15.03
N ASP C 57 -13.40 -17.45 -13.93
CA ASP C 57 -12.94 -18.83 -13.99
C ASP C 57 -13.41 -19.64 -12.78
N PRO C 58 -13.65 -20.95 -12.98
CA PRO C 58 -14.17 -21.85 -11.94
C PRO C 58 -13.18 -22.20 -10.83
N ALA C 59 -13.68 -22.85 -9.79
CA ALA C 59 -12.87 -23.32 -8.68
C ALA C 59 -13.22 -24.77 -8.36
N GLN C 60 -12.92 -25.22 -7.14
CA GLN C 60 -13.06 -26.64 -6.81
C GLN C 60 -14.52 -27.10 -6.75
N HIS C 61 -15.42 -26.24 -6.28
CA HIS C 61 -16.83 -26.59 -6.23
C HIS C 61 -17.40 -26.70 -7.63
N GLU C 62 -17.00 -25.79 -8.51
CA GLU C 62 -17.43 -25.85 -9.91
C GLU C 62 -16.92 -27.12 -10.57
N THR C 63 -15.77 -27.59 -10.11
CA THR C 63 -15.13 -28.74 -10.70
C THR C 63 -15.88 -30.04 -10.39
N ILE C 64 -16.60 -30.05 -9.27
CA ILE C 64 -17.34 -31.23 -8.85
C ILE C 64 -18.80 -31.15 -9.30
N VAL C 65 -19.44 -30.00 -9.07
CA VAL C 65 -20.83 -29.82 -9.45
C VAL C 65 -20.98 -29.83 -10.97
N ARG C 66 -19.89 -29.47 -11.66
CA ARG C 66 -19.87 -29.40 -13.11
C ARG C 66 -20.82 -28.33 -13.67
N ARG C 67 -21.03 -27.29 -12.87
CA ARG C 67 -21.65 -26.06 -13.34
C ARG C 67 -20.81 -24.90 -12.77
N ILE C 68 -20.83 -23.74 -13.42
CA ILE C 68 -19.97 -22.63 -12.99
C ILE C 68 -20.63 -21.77 -11.92
N LEU C 69 -19.82 -21.09 -11.12
CA LEU C 69 -20.32 -20.21 -10.07
C LEU C 69 -21.32 -20.95 -9.18
N VAL C 70 -20.80 -21.88 -8.38
CA VAL C 70 -21.61 -22.63 -7.44
C VAL C 70 -21.00 -22.54 -6.03
N GLY C 71 -20.03 -21.64 -5.87
CA GLY C 71 -19.42 -21.37 -4.58
C GLY C 71 -19.88 -20.05 -3.98
N THR C 72 -18.99 -19.41 -3.23
CA THR C 72 -19.29 -18.12 -2.60
C THR C 72 -19.66 -17.07 -3.63
N ALA C 73 -18.83 -16.97 -4.66
CA ALA C 73 -19.05 -16.03 -5.75
C ALA C 73 -20.46 -16.19 -6.32
N GLY C 74 -20.82 -17.42 -6.65
CA GLY C 74 -22.12 -17.70 -7.24
C GLY C 74 -23.27 -17.34 -6.32
N ARG C 75 -23.10 -17.56 -5.03
CA ARG C 75 -24.16 -17.31 -4.07
C ARG C 75 -24.33 -15.81 -3.85
N ARG C 76 -23.22 -15.07 -3.97
CA ARG C 76 -23.29 -13.61 -3.95
C ARG C 76 -23.96 -13.13 -5.23
N THR C 77 -23.63 -13.77 -6.35
CA THR C 77 -24.26 -13.48 -7.63
C THR C 77 -25.77 -13.77 -7.61
N GLN C 78 -26.14 -14.87 -6.95
CA GLN C 78 -27.55 -15.28 -6.86
C GLN C 78 -28.45 -14.22 -6.23
N GLY C 79 -28.02 -13.69 -5.09
CA GLY C 79 -28.78 -12.68 -4.39
C GLY C 79 -28.86 -11.40 -5.19
N PHE C 80 -27.74 -11.07 -5.83
CA PHE C 80 -27.69 -9.93 -6.72
C PHE C 80 -28.78 -10.04 -7.77
N LEU C 81 -28.87 -11.19 -8.41
CA LEU C 81 -29.89 -11.43 -9.41
C LEU C 81 -31.27 -11.52 -8.77
N ALA C 82 -31.31 -11.97 -7.51
CA ALA C 82 -32.57 -12.06 -6.79
C ALA C 82 -33.16 -10.68 -6.57
N LYS C 83 -32.28 -9.68 -6.42
CA LYS C 83 -32.72 -8.30 -6.26
C LYS C 83 -33.33 -7.77 -7.56
N LEU C 84 -32.91 -8.33 -8.68
CA LEU C 84 -33.46 -7.97 -9.99
C LEU C 84 -34.75 -8.72 -10.31
N GLY C 85 -35.21 -9.55 -9.38
CA GLY C 85 -36.43 -10.31 -9.57
C GLY C 85 -36.23 -11.56 -10.40
N ILE C 86 -34.96 -11.95 -10.56
CA ILE C 86 -34.61 -13.14 -11.33
C ILE C 86 -34.25 -14.27 -10.37
N VAL C 87 -35.03 -15.35 -10.39
CA VAL C 87 -34.81 -16.45 -9.45
C VAL C 87 -34.26 -17.68 -10.17
N GLN C 88 -34.60 -17.82 -11.45
CA GLN C 88 -34.09 -18.93 -12.26
C GLN C 88 -33.77 -18.49 -13.68
N SER C 89 -34.47 -17.46 -14.16
CA SER C 89 -34.25 -16.96 -15.50
C SER C 89 -32.90 -16.25 -15.61
N TYR C 90 -31.87 -17.00 -16.00
CA TYR C 90 -30.53 -16.44 -16.13
C TYR C 90 -29.57 -17.48 -16.70
N VAL C 91 -28.48 -17.01 -17.28
CA VAL C 91 -27.47 -17.89 -17.87
C VAL C 91 -26.07 -17.36 -17.62
N VAL C 93 -21.85 -18.00 -18.38
CA VAL C 93 -20.74 -18.61 -19.06
C VAL C 93 -19.56 -18.02 -18.35
N ASN C 94 -18.40 -18.62 -18.33
CA ASN C 94 -17.22 -17.98 -17.77
C ASN C 94 -16.26 -17.58 -18.86
N THR C 95 -15.33 -16.71 -18.53
CA THR C 95 -14.33 -16.27 -19.47
C THR C 95 -13.51 -17.42 -19.91
N PHE C 96 -13.03 -18.16 -18.93
CA PHE C 96 -12.21 -19.34 -19.14
C PHE C 96 -13.00 -20.60 -18.75
N LEU C 97 -12.88 -21.62 -19.59
CA LEU C 97 -13.53 -22.91 -19.35
C LEU C 97 -12.87 -23.60 -18.17
N TYR C 98 -11.55 -23.47 -18.11
CA TYR C 98 -10.75 -24.08 -17.08
C TYR C 98 -10.32 -23.03 -16.06
N SER C 99 -9.97 -23.47 -14.87
CA SER C 99 -9.55 -22.56 -13.81
C SER C 99 -8.12 -22.09 -14.02
N VAL C 100 -7.83 -20.88 -13.56
CA VAL C 100 -6.48 -20.34 -13.63
C VAL C 100 -5.55 -20.93 -12.58
N TYR C 101 -4.38 -21.35 -13.02
CA TYR C 101 -3.30 -21.77 -12.13
C TYR C 101 -2.28 -20.64 -12.02
N GLY C 102 -2.33 -19.85 -10.95
CA GLY C 102 -1.41 -18.75 -10.78
C GLY C 102 -2.05 -17.37 -10.68
N GLN C 103 -1.21 -16.33 -10.65
CA GLN C 103 -1.68 -14.95 -10.50
C GLN C 103 -1.72 -14.20 -11.82
N SER C 104 -0.74 -14.44 -12.69
CA SER C 104 -0.75 -13.81 -14.01
C SER C 104 -1.57 -14.65 -14.97
N GLY C 105 -1.89 -15.88 -14.54
CA GLY C 105 -2.71 -16.80 -15.30
C GLY C 105 -3.98 -16.13 -15.76
N GLY C 106 -4.31 -16.31 -17.04
CA GLY C 106 -5.54 -15.78 -17.58
C GLY C 106 -5.27 -14.49 -18.34
N SER C 107 -4.60 -13.55 -17.68
CA SER C 107 -4.29 -12.29 -18.32
C SER C 107 -3.14 -12.51 -19.31
N LYS C 108 -2.32 -13.51 -19.02
CA LYS C 108 -1.25 -13.91 -19.91
C LYS C 108 -1.76 -14.46 -21.24
N HIS C 109 -2.99 -14.97 -21.23
CA HIS C 109 -3.58 -15.62 -22.41
C HIS C 109 -4.97 -15.11 -22.79
N LYS C 110 -5.33 -13.91 -22.36
CA LYS C 110 -6.69 -13.42 -22.54
C LYS C 110 -7.08 -13.18 -24.01
N ASN C 111 -6.09 -13.09 -24.89
CA ASN C 111 -6.33 -12.76 -26.29
C ASN C 111 -6.02 -13.90 -27.23
N GLU C 112 -5.90 -15.12 -26.68
CA GLU C 112 -5.69 -16.30 -27.49
C GLU C 112 -6.91 -16.56 -28.38
N PRO C 113 -6.71 -16.69 -29.71
CA PRO C 113 -7.85 -16.94 -30.59
C PRO C 113 -8.63 -18.20 -30.21
N GLY C 114 -7.92 -19.27 -29.88
CA GLY C 114 -8.55 -20.52 -29.49
C GLY C 114 -9.55 -20.37 -28.36
N ILE C 115 -9.16 -19.61 -27.35
CA ILE C 115 -10.02 -19.34 -26.21
C ILE C 115 -11.19 -18.44 -26.58
N VAL C 116 -10.88 -17.32 -27.23
CA VAL C 116 -11.84 -16.28 -27.51
C VAL C 116 -12.92 -16.77 -28.48
N ASP C 117 -12.49 -17.39 -29.59
CA ASP C 117 -13.42 -17.86 -30.60
C ASP C 117 -14.45 -18.79 -30.01
N TYR C 118 -14.00 -19.69 -29.13
CA TYR C 118 -14.90 -20.66 -28.52
C TYR C 118 -15.93 -19.96 -27.63
N ARG C 119 -15.45 -19.10 -26.74
CA ARG C 119 -16.32 -18.34 -25.86
C ARG C 119 -17.33 -17.54 -26.67
N ASN C 120 -16.88 -16.97 -27.78
CA ASN C 120 -17.77 -16.17 -28.63
C ASN C 120 -18.87 -17.02 -29.26
N LYS C 121 -18.58 -18.28 -29.59
CA LYS C 121 -19.60 -19.17 -30.12
C LYS C 121 -20.68 -19.44 -29.08
N TRP C 122 -20.28 -19.48 -27.81
CA TRP C 122 -21.25 -19.67 -26.74
C TRP C 122 -22.10 -18.42 -26.58
N PHE C 123 -21.45 -17.27 -26.59
CA PHE C 123 -22.16 -15.98 -26.58
C PHE C 123 -23.22 -15.96 -27.67
N LYS C 124 -22.80 -16.24 -28.90
CA LYS C 124 -23.72 -16.25 -30.03
C LYS C 124 -24.86 -17.23 -29.79
N ALA C 125 -24.54 -18.37 -29.17
CA ALA C 125 -25.52 -19.41 -28.94
C ALA C 125 -26.54 -19.02 -27.88
N VAL C 126 -26.09 -18.41 -26.79
CA VAL C 126 -26.99 -18.03 -25.71
C VAL C 126 -27.77 -16.75 -26.02
N LEU C 127 -27.17 -15.85 -26.78
CA LEU C 127 -27.83 -14.58 -27.12
C LEU C 127 -28.75 -14.71 -28.33
N GLY C 128 -28.50 -15.71 -29.16
CA GLY C 128 -29.23 -15.92 -30.41
C GLY C 128 -30.72 -15.67 -30.35
N PRO C 129 -31.42 -16.35 -29.44
CA PRO C 129 -32.87 -16.20 -29.28
C PRO C 129 -33.26 -14.75 -29.00
N GLY C 130 -32.35 -13.98 -28.42
CA GLY C 130 -32.60 -12.57 -28.19
C GLY C 130 -33.59 -12.31 -27.06
N ASN C 131 -33.52 -13.11 -26.00
CA ASN C 131 -34.35 -12.89 -24.83
C ASN C 131 -33.51 -12.40 -23.65
N ILE C 132 -32.22 -12.21 -23.89
CA ILE C 132 -31.32 -11.65 -22.89
C ILE C 132 -31.49 -10.13 -22.82
N GLU C 133 -31.89 -9.64 -21.65
CA GLU C 133 -32.22 -8.23 -21.46
C GLU C 133 -31.12 -7.43 -20.79
N ALA C 134 -30.17 -8.13 -20.20
CA ALA C 134 -29.07 -7.48 -19.50
C ALA C 134 -27.84 -8.37 -19.48
N VAL C 135 -26.68 -7.75 -19.33
CA VAL C 135 -25.42 -8.48 -19.27
C VAL C 135 -24.60 -7.92 -18.13
N VAL C 136 -24.03 -8.82 -17.33
CA VAL C 136 -23.24 -8.44 -16.17
C VAL C 136 -21.93 -9.21 -16.14
N SER C 137 -20.82 -8.49 -16.20
CA SER C 137 -19.50 -9.10 -16.17
C SER C 137 -18.92 -9.05 -14.75
N LEU C 138 -18.22 -10.11 -14.38
CA LEU C 138 -17.65 -10.23 -13.04
C LEU C 138 -16.13 -10.02 -13.13
N GLY C 139 -15.67 -8.83 -12.77
CA GLY C 139 -14.25 -8.52 -12.77
C GLY C 139 -13.76 -7.96 -14.09
N GLY C 140 -12.45 -7.76 -14.18
CA GLY C 140 -11.84 -7.14 -15.34
C GLY C 140 -11.83 -7.99 -16.61
N LEU C 141 -11.38 -9.23 -16.51
CA LEU C 141 -11.25 -10.07 -17.70
C LEU C 141 -12.61 -10.44 -18.29
N ALA C 142 -13.62 -10.51 -17.44
CA ALA C 142 -14.99 -10.70 -17.91
C ALA C 142 -15.38 -9.51 -18.78
N ASP C 143 -15.00 -8.32 -18.36
CA ASP C 143 -15.29 -7.10 -19.09
C ASP C 143 -14.63 -7.13 -20.47
N GLU C 144 -13.34 -7.45 -20.49
CA GLU C 144 -12.61 -7.54 -21.75
C GLU C 144 -13.12 -8.70 -22.59
N ALA C 145 -13.65 -9.73 -21.92
CA ALA C 145 -14.21 -10.87 -22.62
C ALA C 145 -15.46 -10.45 -23.39
N TRP C 146 -16.32 -9.69 -22.73
CA TRP C 146 -17.52 -9.17 -23.36
C TRP C 146 -17.20 -8.13 -24.42
N LYS C 147 -16.20 -7.29 -24.15
CA LYS C 147 -15.77 -6.28 -25.09
C LYS C 147 -15.16 -6.88 -26.35
N ALA C 148 -14.33 -7.89 -26.18
CA ALA C 148 -13.72 -8.56 -27.32
C ALA C 148 -14.79 -9.22 -28.18
N TRP C 149 -15.90 -9.61 -27.54
CA TRP C 149 -17.03 -10.21 -28.25
C TRP C 149 -17.73 -9.15 -29.10
N LEU C 150 -17.96 -7.99 -28.52
CA LEU C 150 -18.62 -6.89 -29.21
C LEU C 150 -17.80 -6.40 -30.40
N LYS C 151 -16.48 -6.56 -30.29
CA LYS C 151 -15.57 -6.13 -31.35
C LYS C 151 -15.56 -7.10 -32.53
N SER C 152 -16.38 -8.15 -32.43
CA SER C 152 -16.50 -9.14 -33.51
C SER C 152 -17.75 -8.88 -34.33
N SER C 153 -17.85 -9.55 -35.47
CA SER C 153 -18.98 -9.37 -36.39
C SER C 153 -20.31 -9.69 -35.72
N ASP C 154 -20.43 -10.91 -35.18
CA ASP C 154 -21.68 -11.36 -34.60
C ASP C 154 -22.03 -10.62 -33.31
N GLY C 155 -21.02 -10.06 -32.64
CA GLY C 155 -21.23 -9.39 -31.38
C GLY C 155 -21.63 -7.93 -31.52
N ALA C 156 -21.21 -7.31 -32.62
CA ALA C 156 -21.44 -5.88 -32.85
C ALA C 156 -22.91 -5.50 -32.66
N ALA C 157 -23.80 -6.42 -33.02
CA ALA C 157 -25.23 -6.17 -32.94
C ALA C 157 -25.72 -6.07 -31.49
N TYR C 158 -24.84 -6.40 -30.54
CA TYR C 158 -25.23 -6.45 -29.13
C TYR C 158 -24.52 -5.36 -28.32
N LYS C 159 -23.88 -4.42 -29.01
CA LYS C 159 -23.20 -3.33 -28.32
C LYS C 159 -24.22 -2.36 -27.73
N THR C 160 -25.45 -2.41 -28.23
CA THR C 160 -26.52 -1.56 -27.72
C THR C 160 -27.21 -2.20 -26.52
N LEU C 161 -26.84 -3.45 -26.23
CA LEU C 161 -27.48 -4.23 -25.17
C LEU C 161 -27.02 -3.77 -23.80
N ALA C 162 -27.98 -3.53 -22.90
CA ALA C 162 -27.70 -3.07 -21.54
C ALA C 162 -26.61 -3.91 -20.87
N TYR C 163 -25.51 -3.24 -20.51
CA TYR C 163 -24.33 -3.90 -20.00
C TYR C 163 -23.76 -3.18 -18.77
N GLN C 164 -23.37 -3.96 -17.77
CA GLN C 164 -22.76 -3.41 -16.56
C GLN C 164 -21.59 -4.26 -16.10
N HIS C 165 -20.40 -3.66 -16.04
CA HIS C 165 -19.25 -4.29 -15.40
C HIS C 165 -19.21 -4.01 -13.92
N ILE C 166 -19.20 -5.06 -13.10
CA ILE C 166 -19.09 -4.93 -11.65
C ILE C 166 -17.87 -5.57 -11.11
N THR C 167 -17.54 -5.20 -9.91
CA THR C 167 -16.45 -5.79 -9.18
C THR C 167 -16.64 -7.27 -8.98
N HIS C 168 -15.56 -8.01 -8.90
CA HIS C 168 -15.65 -9.44 -8.84
C HIS C 168 -16.02 -9.91 -7.48
N PRO C 169 -17.04 -10.76 -7.41
CA PRO C 169 -17.65 -11.17 -6.13
C PRO C 169 -16.68 -11.43 -4.98
N THR C 170 -15.48 -11.92 -5.29
CA THR C 170 -14.56 -12.33 -4.27
C THR C 170 -13.37 -11.46 -4.16
N TRP C 171 -13.45 -10.30 -4.79
CA TRP C 171 -12.34 -9.35 -4.77
C TRP C 171 -11.95 -8.92 -3.34
N PRO C 172 -12.96 -8.65 -2.47
CA PRO C 172 -12.65 -8.24 -1.09
C PRO C 172 -11.71 -9.17 -0.35
N GLU C 173 -11.94 -10.48 -0.45
CA GLU C 173 -11.11 -11.45 0.23
C GLU C 173 -9.79 -11.65 -0.51
N SER C 174 -9.80 -11.38 -1.82
CA SER C 174 -8.61 -11.57 -2.64
C SER C 174 -7.69 -10.36 -2.56
N SER C 175 -8.25 -9.22 -2.15
CA SER C 175 -7.48 -7.99 -2.01
C SER C 175 -6.58 -8.00 -0.78
N ALA C 176 -7.19 -8.12 0.39
CA ALA C 176 -6.51 -7.96 1.66
C ALA C 176 -6.54 -9.21 2.52
N HIS C 177 -5.82 -9.16 3.63
CA HIS C 177 -5.73 -10.28 4.56
C HIS C 177 -6.44 -9.98 5.88
N ASP C 178 -6.35 -8.73 6.34
CA ASP C 178 -7.02 -8.32 7.57
C ASP C 178 -8.52 -8.18 7.38
N SER C 179 -9.27 -8.67 8.36
CA SER C 179 -10.73 -8.65 8.32
C SER C 179 -11.23 -7.22 8.17
N ALA C 180 -10.49 -6.28 8.76
CA ALA C 180 -10.88 -4.87 8.73
C ALA C 180 -10.85 -4.33 7.32
N THR C 181 -9.72 -4.52 6.64
CA THR C 181 -9.58 -4.06 5.25
C THR C 181 -10.59 -4.74 4.34
N GLN C 182 -10.88 -6.00 4.63
CA GLN C 182 -11.86 -6.76 3.84
C GLN C 182 -13.25 -6.16 3.94
N ALA C 183 -13.66 -5.75 5.14
CA ALA C 183 -14.95 -5.12 5.32
C ALA C 183 -15.01 -3.80 4.56
N ALA C 184 -13.89 -3.10 4.49
CA ALA C 184 -13.82 -1.84 3.76
C ALA C 184 -13.91 -2.07 2.25
N ASN C 185 -13.23 -3.10 1.75
CA ASN C 185 -13.28 -3.40 0.32
C ASN C 185 -14.54 -4.18 -0.04
N THR C 186 -15.32 -4.55 0.96
CA THR C 186 -16.57 -5.28 0.75
C THR C 186 -17.73 -4.30 0.58
N LYS C 187 -17.51 -3.19 1.25
CA LYS C 187 -18.31 -1.97 1.23
C LYS C 187 -18.21 -1.10 0.04
N ILE C 188 -17.11 -1.23 -0.70
CA ILE C 188 -16.90 -0.45 -1.92
C ILE C 188 -17.52 -1.18 -3.10
N LEU C 190 -19.85 -3.18 -2.87
CA LEU C 190 -21.28 -3.11 -2.62
C LEU C 190 -21.85 -1.85 -3.24
N ALA C 191 -21.09 -0.76 -3.18
CA ALA C 191 -21.51 0.50 -3.78
C ALA C 191 -21.64 0.42 -5.26
N LYS C 192 -20.69 -0.21 -5.93
CA LYS C 192 -20.66 -0.32 -7.33
C LYS C 192 -21.67 -1.26 -7.75
N TRP C 193 -21.98 -2.23 -6.93
CA TRP C 193 -23.05 -3.19 -7.20
C TRP C 193 -24.37 -2.47 -7.19
N ASN C 194 -24.57 -1.57 -6.26
CA ASN C 194 -25.78 -0.76 -6.20
C ASN C 194 -25.91 0.11 -7.44
N ALA C 195 -24.79 0.64 -7.90
CA ALA C 195 -24.77 1.45 -9.12
C ALA C 195 -25.23 0.63 -10.32
N ALA C 196 -24.73 -0.61 -10.40
CA ALA C 196 -25.10 -1.51 -11.49
C ALA C 196 -26.58 -1.88 -11.39
N LEU C 197 -27.05 -2.09 -10.17
CA LEU C 197 -28.45 -2.43 -9.94
C LEU C 197 -29.36 -1.28 -10.34
N ALA C 198 -28.97 -0.06 -9.95
CA ALA C 198 -29.72 1.14 -10.32
C ALA C 198 -29.81 1.26 -11.83
N ALA C 199 -28.73 0.88 -12.51
CA ALA C 199 -28.66 0.97 -13.95
C ALA C 199 -29.41 -0.15 -14.66
N LEU C 200 -29.46 -1.33 -14.04
CA LEU C 200 -30.03 -2.51 -14.68
C LEU C 200 -31.50 -2.74 -14.38
N ALA C 201 -31.94 -2.36 -13.18
CA ALA C 201 -33.32 -2.59 -12.74
C ALA C 201 -34.34 -2.15 -13.80
N PRO C 202 -34.14 -0.96 -14.39
CA PRO C 202 -35.09 -0.50 -15.41
C PRO C 202 -35.05 -1.32 -16.69
N GLU C 203 -33.97 -2.06 -16.93
CA GLU C 203 -33.76 -2.73 -18.21
C GLU C 203 -34.21 -4.19 -18.19
N VAL C 204 -34.43 -4.74 -17.00
CA VAL C 204 -34.98 -6.08 -16.87
C VAL C 204 -36.51 -6.03 -16.71
N LYS C 205 -37.22 -6.03 -17.83
CA LYS C 205 -38.68 -5.86 -17.81
C LYS C 205 -39.41 -7.19 -17.67
N HIS C 206 -38.68 -8.30 -17.71
CA HIS C 206 -39.26 -9.60 -17.42
C HIS C 206 -38.52 -10.25 -16.26
N PRO C 207 -38.94 -9.94 -15.03
CA PRO C 207 -38.39 -10.67 -13.89
C PRO C 207 -39.18 -11.94 -13.63
N ASP C 208 -38.68 -12.82 -12.79
CA ASP C 208 -39.42 -14.00 -12.41
C ASP C 208 -40.47 -13.58 -11.40
N VAL C 209 -40.11 -12.60 -10.57
CA VAL C 209 -41.01 -11.99 -9.61
C VAL C 209 -40.72 -10.49 -9.55
N PRO C 210 -41.76 -9.66 -9.71
CA PRO C 210 -41.56 -8.21 -9.55
C PRO C 210 -41.03 -7.85 -8.16
N THR C 211 -39.88 -7.21 -8.14
CA THR C 211 -39.21 -6.86 -6.88
C THR C 211 -38.67 -5.44 -6.96
N THR C 212 -39.05 -4.61 -6.00
CA THR C 212 -38.53 -3.26 -5.91
C THR C 212 -37.11 -3.35 -5.36
N LEU C 213 -36.20 -2.59 -5.95
CA LEU C 213 -34.78 -2.71 -5.65
C LEU C 213 -34.47 -2.34 -4.21
N VAL C 214 -33.82 -3.27 -3.51
CA VAL C 214 -33.35 -3.04 -2.15
C VAL C 214 -31.83 -3.01 -2.17
N PRO C 215 -31.24 -1.81 -2.07
CA PRO C 215 -29.79 -1.73 -2.20
C PRO C 215 -29.02 -2.44 -1.11
N TYR C 216 -27.82 -2.88 -1.45
CA TYR C 216 -26.89 -3.45 -0.50
C TYR C 216 -26.51 -2.43 0.56
N GLY C 217 -26.22 -2.92 1.76
CA GLY C 217 -25.69 -2.09 2.82
C GLY C 217 -24.18 -2.01 2.73
N ASP C 218 -23.52 -1.95 3.88
CA ASP C 218 -22.06 -1.96 3.93
C ASP C 218 -21.52 -3.38 3.82
N ALA C 219 -22.28 -4.36 4.32
CA ALA C 219 -21.85 -5.76 4.31
C ALA C 219 -22.94 -6.69 3.79
N PHE C 220 -22.59 -7.96 3.61
CA PHE C 220 -23.52 -8.95 3.09
C PHE C 220 -24.50 -9.45 4.15
N LYS C 221 -25.72 -8.91 4.09
CA LYS C 221 -26.90 -9.48 4.72
C LYS C 221 -27.10 -10.95 4.32
N PRO C 222 -27.23 -11.87 5.29
CA PRO C 222 -27.39 -13.29 4.92
C PRO C 222 -28.54 -13.55 3.94
N SER C 223 -29.61 -12.77 4.02
CA SER C 223 -30.73 -12.90 3.10
C SER C 223 -30.28 -12.64 1.65
N GLU C 224 -29.16 -11.93 1.50
CA GLU C 224 -28.63 -11.60 0.19
C GLU C 224 -27.63 -12.64 -0.31
N LEU C 225 -27.49 -13.74 0.43
CA LEU C 225 -26.66 -14.86 0.01
C LEU C 225 -27.54 -16.07 -0.24
N VAL C 226 -27.96 -16.25 -1.49
CA VAL C 226 -28.93 -17.28 -1.82
C VAL C 226 -28.26 -18.50 -2.45
N ASP C 227 -28.42 -19.66 -1.83
CA ASP C 227 -27.87 -20.90 -2.36
C ASP C 227 -28.45 -21.22 -3.74
N ILE C 228 -27.63 -21.82 -4.60
CA ILE C 228 -28.03 -22.15 -5.96
C ILE C 228 -29.26 -23.05 -5.98
N ILE C 229 -30.18 -22.73 -6.88
CA ILE C 229 -31.44 -23.48 -6.98
C ILE C 229 -31.19 -24.86 -7.59
N ALA C 230 -32.07 -25.81 -7.27
CA ALA C 230 -31.93 -27.19 -7.71
C ALA C 230 -31.97 -27.33 -9.23
N LYS C 231 -32.71 -26.46 -9.89
CA LYS C 231 -32.93 -26.55 -11.33
C LYS C 231 -31.63 -26.37 -12.12
N ASP C 232 -30.57 -25.93 -11.45
CA ASP C 232 -29.28 -25.69 -12.10
C ASP C 232 -28.33 -26.88 -12.07
N LEU C 233 -28.59 -27.84 -11.19
CA LEU C 233 -27.70 -28.98 -10.99
C LEU C 233 -28.13 -30.23 -11.77
N PRO C 234 -27.17 -31.02 -12.27
CA PRO C 234 -27.47 -32.29 -12.96
C PRO C 234 -28.28 -33.26 -12.11
N ALA C 235 -28.89 -34.25 -12.78
CA ALA C 235 -29.73 -35.24 -12.09
C ALA C 235 -29.02 -35.92 -10.93
N GLY C 236 -29.67 -35.91 -9.78
CA GLY C 236 -29.24 -36.74 -8.66
C GLY C 236 -28.44 -36.04 -7.58
N LEU C 237 -27.71 -34.98 -7.94
CA LEU C 237 -26.83 -34.34 -6.97
C LEU C 237 -27.61 -33.85 -5.73
N PRO C 238 -27.05 -34.11 -4.56
CA PRO C 238 -27.69 -33.84 -3.30
C PRO C 238 -27.76 -32.42 -2.92
N ALA C 239 -28.76 -32.13 -2.12
CA ALA C 239 -29.10 -30.77 -1.78
C ALA C 239 -28.05 -30.06 -1.04
N TRP C 240 -27.10 -30.78 -0.46
CA TRP C 240 -26.03 -30.18 0.27
C TRP C 240 -25.02 -29.65 -0.68
N ARG C 242 -25.75 -27.81 -3.06
CA ARG C 242 -26.24 -26.48 -3.26
C ARG C 242 -26.71 -25.97 -1.92
N GLY C 243 -25.80 -25.51 -1.10
CA GLY C 243 -26.11 -25.17 0.24
C GLY C 243 -25.30 -24.05 0.71
N ASP C 244 -25.51 -23.70 1.96
CA ASP C 244 -24.84 -22.61 2.62
C ASP C 244 -23.46 -22.94 3.09
N THR C 245 -23.14 -24.22 3.09
CA THR C 245 -21.90 -24.70 3.70
C THR C 245 -20.90 -25.21 2.67
N PRO C 246 -19.61 -24.84 2.81
CA PRO C 246 -18.57 -25.37 1.92
C PRO C 246 -18.38 -26.88 2.05
N TRP C 247 -18.05 -27.56 0.96
CA TRP C 247 -17.90 -29.01 0.97
C TRP C 247 -16.79 -29.52 0.05
N ALA C 248 -15.97 -28.63 -0.49
CA ALA C 248 -14.85 -29.02 -1.34
C ALA C 248 -13.65 -28.08 -1.18
N VAL C 249 -12.46 -28.65 -1.23
CA VAL C 249 -11.22 -27.88 -1.10
C VAL C 249 -10.05 -28.64 -1.71
N ARG C 250 -9.08 -27.92 -2.27
CA ARG C 250 -7.90 -28.57 -2.83
C ARG C 250 -6.92 -28.82 -1.70
N GLN C 251 -6.23 -29.95 -1.77
CA GLN C 251 -5.39 -30.37 -0.66
C GLN C 251 -4.07 -31.00 -1.08
N GLY C 252 -3.02 -30.70 -0.33
CA GLY C 252 -1.69 -31.19 -0.65
C GLY C 252 -0.60 -30.53 0.18
N VAL C 253 0.59 -31.14 0.20
CA VAL C 253 1.68 -30.64 1.03
C VAL C 253 2.41 -29.50 0.30
N ASP C 254 2.54 -29.66 -1.02
CA ASP C 254 3.12 -28.64 -1.89
C ASP C 254 2.12 -28.23 -2.96
N ALA C 255 2.52 -27.30 -3.81
CA ALA C 255 1.62 -26.78 -4.85
C ALA C 255 1.23 -27.89 -5.82
N ALA C 256 2.16 -28.83 -6.04
CA ALA C 256 1.92 -29.93 -6.97
C ALA C 256 0.89 -30.92 -6.42
N ALA C 257 1.04 -31.29 -5.15
CA ALA C 257 0.09 -32.18 -4.51
C ALA C 257 -1.31 -31.58 -4.50
N LYS C 258 -1.39 -30.28 -4.24
CA LYS C 258 -2.66 -29.57 -4.17
C LYS C 258 -3.37 -29.52 -5.52
N ARG C 259 -2.59 -29.48 -6.59
CA ARG C 259 -3.16 -29.36 -7.93
C ARG C 259 -3.83 -30.66 -8.37
N ARG C 260 -3.29 -31.78 -7.89
CA ARG C 260 -3.78 -33.09 -8.30
C ARG C 260 -4.96 -33.57 -7.47
N THR C 261 -5.16 -33.04 -6.29
CA THR C 261 -6.10 -33.60 -5.36
C THR C 261 -7.18 -32.62 -5.04
N ILE C 262 -8.40 -33.09 -4.88
CA ILE C 262 -9.52 -32.33 -4.35
C ILE C 262 -10.23 -33.15 -3.33
N ILE C 264 -13.58 -33.79 -1.01
CA ILE C 264 -14.97 -33.49 -0.79
C ILE C 264 -15.38 -33.95 0.57
N THR C 265 -16.01 -33.08 1.34
CA THR C 265 -16.51 -33.41 2.62
C THR C 265 -17.95 -32.99 2.74
N ILE C 266 -18.83 -33.91 3.07
CA ILE C 266 -20.24 -33.60 3.31
C ILE C 266 -20.41 -32.80 4.60
N PRO C 267 -21.22 -31.74 4.57
CA PRO C 267 -21.47 -30.96 5.78
C PRO C 267 -22.10 -31.77 6.89
N ASP C 268 -21.88 -31.35 8.13
CA ASP C 268 -22.50 -32.00 9.28
C ASP C 268 -24.01 -31.77 9.22
N GLY C 269 -24.78 -32.82 9.50
CA GLY C 269 -26.23 -32.71 9.54
C GLY C 269 -26.97 -33.48 8.45
N VAL C 270 -26.26 -33.90 7.40
CA VAL C 270 -26.90 -34.65 6.32
C VAL C 270 -27.14 -36.09 6.75
N ILE C 271 -26.13 -36.68 7.38
CA ILE C 271 -26.21 -38.05 7.88
C ILE C 271 -26.61 -38.03 9.35
N PRO C 272 -27.63 -38.82 9.74
CA PRO C 272 -28.05 -38.77 11.15
C PRO C 272 -26.99 -39.33 12.09
N LEU D 2 -12.75 -32.92 -32.01
CA LEU D 2 -13.99 -33.69 -31.96
C LEU D 2 -13.99 -34.64 -30.77
N THR D 3 -15.19 -34.91 -30.26
CA THR D 3 -15.34 -35.81 -29.12
C THR D 3 -16.79 -36.22 -28.94
N GLU D 4 -17.04 -37.12 -28.00
CA GLU D 4 -18.40 -37.59 -27.72
C GLU D 4 -18.66 -37.62 -26.22
N PHE D 5 -19.93 -37.55 -25.84
CA PHE D 5 -20.32 -37.58 -24.44
C PHE D 5 -21.80 -37.92 -24.29
N ASP D 6 -22.21 -38.19 -23.06
CA ASP D 6 -23.60 -38.53 -22.77
C ASP D 6 -24.38 -37.29 -22.35
N ALA D 7 -25.30 -36.83 -23.20
CA ALA D 7 -26.07 -35.63 -22.90
C ALA D 7 -26.88 -35.78 -21.61
N GLY D 8 -27.18 -37.03 -21.25
CA GLY D 8 -27.82 -37.33 -19.98
C GLY D 8 -29.26 -37.78 -20.07
N TYR D 9 -30.14 -37.08 -19.35
CA TYR D 9 -31.51 -37.54 -19.13
C TYR D 9 -32.53 -36.45 -19.49
N GLY D 10 -32.39 -35.87 -20.67
CA GLY D 10 -33.29 -34.81 -21.09
C GLY D 10 -34.59 -35.34 -21.64
N GLU D 11 -34.51 -36.39 -22.44
CA GLU D 11 -35.68 -36.94 -23.12
C GLU D 11 -36.46 -37.89 -22.21
N GLN D 12 -37.78 -37.83 -22.31
CA GLN D 12 -38.65 -38.72 -21.55
C GLN D 12 -38.47 -40.17 -22.00
N PRO D 13 -38.84 -41.13 -21.14
CA PRO D 13 -39.45 -40.99 -19.82
C PRO D 13 -38.44 -40.72 -18.69
N PHE D 14 -37.19 -40.54 -19.05
CA PHE D 14 -36.11 -40.47 -18.07
C PHE D 14 -36.04 -39.15 -17.31
N ARG D 15 -36.50 -38.06 -17.92
CA ARG D 15 -36.44 -36.76 -17.26
C ARG D 15 -37.36 -36.79 -16.05
N ASP D 16 -38.60 -37.24 -16.27
CA ASP D 16 -39.57 -37.38 -15.19
C ASP D 16 -39.07 -38.33 -14.10
N LEU D 17 -38.32 -39.35 -14.51
CA LEU D 17 -37.77 -40.32 -13.57
C LEU D 17 -36.74 -39.70 -12.66
N CYS D 18 -35.83 -38.92 -13.24
CA CYS D 18 -34.75 -38.30 -12.48
C CYS D 18 -35.23 -37.16 -11.60
N ALA D 19 -36.44 -36.66 -11.90
CA ALA D 19 -37.03 -35.60 -11.09
C ALA D 19 -37.77 -36.22 -9.90
N ASN D 20 -38.31 -37.42 -10.12
CA ASN D 20 -39.05 -38.13 -9.09
C ASN D 20 -38.38 -39.44 -8.70
N TYR D 21 -37.27 -39.36 -7.95
CA TYR D 21 -36.55 -40.55 -7.51
C TYR D 21 -36.81 -40.75 -6.01
N PRO D 22 -36.61 -41.98 -5.52
CA PRO D 22 -36.90 -42.25 -4.12
C PRO D 22 -35.73 -41.86 -3.21
N GLY D 23 -36.04 -41.41 -2.00
CA GLY D 23 -35.03 -41.01 -1.04
C GLY D 23 -35.09 -41.81 0.24
N ALA D 24 -35.10 -41.11 1.38
CA ALA D 24 -35.06 -41.75 2.68
C ALA D 24 -36.31 -42.58 2.97
N GLU D 25 -37.41 -42.26 2.29
CA GLU D 25 -38.67 -42.96 2.52
C GLU D 25 -38.62 -44.39 1.99
N ALA D 26 -37.60 -44.71 1.21
CA ALA D 26 -37.43 -46.05 0.63
C ALA D 26 -36.09 -46.66 1.04
N TYR D 27 -35.01 -45.92 0.85
CA TYR D 27 -33.67 -46.35 1.26
C TYR D 27 -33.34 -45.89 2.66
N ASP D 28 -33.04 -46.84 3.55
CA ASP D 28 -32.68 -46.53 4.93
C ASP D 28 -31.43 -45.64 4.95
N PRO D 29 -31.50 -44.46 5.60
CA PRO D 29 -30.38 -43.53 5.54
C PRO D 29 -29.07 -44.06 6.13
N HIS D 30 -29.17 -45.03 7.05
CA HIS D 30 -27.99 -45.59 7.68
C HIS D 30 -27.36 -46.71 6.85
N ASP D 31 -28.21 -47.56 6.26
CA ASP D 31 -27.72 -48.71 5.52
C ASP D 31 -27.31 -48.37 4.09
N PHE D 32 -27.88 -47.29 3.56
CA PHE D 32 -27.54 -46.84 2.20
C PHE D 32 -26.88 -45.47 2.23
N ARG D 33 -25.95 -45.26 1.32
CA ARG D 33 -25.27 -43.97 1.21
C ARG D 33 -26.10 -43.00 0.37
N ILE D 34 -27.27 -42.65 0.87
CA ILE D 34 -28.18 -41.76 0.15
C ILE D 34 -27.66 -40.33 0.14
N GLU D 35 -26.70 -40.04 1.03
CA GLU D 35 -26.17 -38.70 1.17
C GLU D 35 -25.55 -38.16 -0.12
N TRP D 36 -25.11 -39.06 -1.00
CA TRP D 36 -24.49 -38.65 -2.25
C TRP D 36 -25.48 -38.53 -3.39
N GLY D 37 -26.75 -38.83 -3.13
CA GLY D 37 -27.76 -38.80 -4.17
C GLY D 37 -27.64 -39.99 -5.09
N PRO D 38 -28.65 -40.21 -5.95
CA PRO D 38 -28.68 -41.39 -6.82
C PRO D 38 -27.85 -41.27 -8.10
N ILE D 39 -27.21 -42.36 -8.47
CA ILE D 39 -26.61 -42.50 -9.78
C ILE D 39 -27.48 -43.48 -10.57
N PHE D 40 -27.88 -43.08 -11.77
CA PHE D 40 -28.99 -43.73 -12.45
C PHE D 40 -28.60 -44.80 -13.47
N HIS D 41 -27.56 -44.54 -14.26
CA HIS D 41 -27.24 -45.46 -15.36
C HIS D 41 -25.85 -45.26 -15.94
N ARG D 42 -25.53 -46.09 -16.92
CA ARG D 42 -24.41 -45.85 -17.82
C ARG D 42 -24.77 -46.43 -19.17
N GLY D 43 -24.58 -45.64 -20.23
CA GLY D 43 -24.87 -46.08 -21.58
C GLY D 43 -25.99 -45.30 -22.26
N ARG D 44 -26.58 -45.94 -23.26
CA ARG D 44 -27.51 -45.31 -24.19
C ARG D 44 -28.96 -45.28 -23.70
N LEU D 45 -29.67 -44.21 -24.01
CA LEU D 45 -31.09 -44.12 -23.68
C LEU D 45 -31.90 -43.73 -24.92
N ASP D 46 -31.29 -43.92 -26.09
CA ASP D 46 -31.93 -43.60 -27.36
C ASP D 46 -32.48 -44.83 -28.06
N GLY D 47 -32.25 -46.01 -27.46
CA GLY D 47 -32.74 -47.25 -28.02
C GLY D 47 -31.63 -48.04 -28.69
N SER D 48 -30.45 -47.42 -28.80
CA SER D 48 -29.33 -48.02 -29.54
C SER D 48 -28.67 -49.19 -28.83
N ALA D 49 -29.10 -49.45 -27.60
CA ALA D 49 -28.55 -50.53 -26.79
C ALA D 49 -28.91 -51.92 -27.30
N ARG D 50 -27.94 -52.83 -27.25
CA ARG D 50 -28.17 -54.22 -27.68
C ARG D 50 -28.08 -55.18 -26.50
N VAL D 51 -27.22 -54.87 -25.53
CA VAL D 51 -27.11 -55.67 -24.31
C VAL D 51 -27.45 -54.83 -23.08
N LEU D 52 -28.18 -55.42 -22.16
CA LEU D 52 -28.48 -54.78 -20.88
C LEU D 52 -27.68 -55.41 -19.75
N ILE D 53 -26.94 -54.58 -19.02
CA ILE D 53 -26.21 -55.00 -17.83
C ILE D 53 -26.98 -54.59 -16.59
N VAL D 54 -27.34 -55.57 -15.75
CA VAL D 54 -27.93 -55.26 -14.45
C VAL D 54 -26.85 -55.44 -13.39
N GLY D 55 -26.34 -54.32 -12.89
CA GLY D 55 -25.30 -54.35 -11.87
C GLY D 55 -25.90 -54.40 -10.47
N GLN D 56 -25.03 -54.35 -9.47
CA GLN D 56 -25.47 -54.43 -8.07
C GLN D 56 -25.62 -53.04 -7.45
N ASP D 57 -24.50 -52.38 -7.13
CA ASP D 57 -24.54 -51.08 -6.50
C ASP D 57 -23.28 -50.25 -6.81
N PRO D 58 -23.43 -48.91 -6.87
CA PRO D 58 -22.33 -48.00 -7.22
C PRO D 58 -21.25 -47.87 -6.14
N ALA D 59 -20.15 -47.21 -6.47
CA ALA D 59 -19.08 -46.96 -5.52
C ALA D 59 -18.63 -45.49 -5.60
N GLN D 60 -17.43 -45.20 -5.13
CA GLN D 60 -16.97 -43.80 -5.03
C GLN D 60 -16.69 -43.17 -6.39
N HIS D 61 -16.21 -43.97 -7.34
CA HIS D 61 -15.91 -43.47 -8.67
C HIS D 61 -17.22 -43.12 -9.37
N GLU D 62 -18.21 -43.97 -9.19
CA GLU D 62 -19.54 -43.75 -9.74
C GLU D 62 -20.17 -42.49 -9.15
N THR D 63 -19.78 -42.15 -7.93
CA THR D 63 -20.40 -41.04 -7.20
C THR D 63 -20.04 -39.67 -7.81
N ILE D 64 -18.87 -39.58 -8.43
CA ILE D 64 -18.40 -38.36 -9.07
C ILE D 64 -18.66 -38.37 -10.57
N VAL D 65 -18.36 -39.49 -11.21
CA VAL D 65 -18.60 -39.60 -12.64
C VAL D 65 -20.09 -39.49 -12.90
N ARG D 66 -20.87 -39.86 -11.89
CA ARG D 66 -22.34 -39.84 -11.97
C ARG D 66 -22.85 -40.80 -13.04
N ARG D 67 -22.08 -41.86 -13.26
CA ARG D 67 -22.54 -43.00 -14.04
C ARG D 67 -22.16 -44.27 -13.27
N ILE D 68 -22.91 -45.35 -13.49
CA ILE D 68 -22.65 -46.59 -12.75
C ILE D 68 -21.64 -47.45 -13.50
N LEU D 69 -20.97 -48.32 -12.77
CA LEU D 69 -19.99 -49.23 -13.35
C LEU D 69 -18.91 -48.49 -14.15
N VAL D 70 -18.08 -47.74 -13.44
CA VAL D 70 -16.95 -47.03 -14.06
C VAL D 70 -15.65 -47.29 -13.32
N GLY D 71 -15.67 -48.27 -12.42
CA GLY D 71 -14.49 -48.67 -11.69
C GLY D 71 -13.91 -49.96 -12.23
N THR D 72 -13.31 -50.76 -11.36
CA THR D 72 -12.71 -52.03 -11.75
C THR D 72 -13.77 -52.94 -12.37
N ALA D 73 -14.90 -53.06 -11.67
CA ALA D 73 -16.03 -53.87 -12.15
C ALA D 73 -16.46 -53.47 -13.55
N GLY D 74 -16.69 -52.17 -13.74
CA GLY D 74 -17.14 -51.65 -15.03
C GLY D 74 -16.14 -51.88 -16.15
N ARG D 75 -14.86 -51.79 -15.82
CA ARG D 75 -13.81 -51.90 -16.81
C ARG D 75 -13.67 -53.37 -17.23
N ARG D 76 -13.95 -54.25 -16.28
CA ARG D 76 -14.02 -55.67 -16.56
C ARG D 76 -15.25 -55.97 -17.41
N THR D 77 -16.35 -55.30 -17.07
CA THR D 77 -17.58 -55.42 -17.85
C THR D 77 -17.38 -54.91 -19.27
N GLN D 78 -16.64 -53.81 -19.41
CA GLN D 78 -16.36 -53.25 -20.72
C GLN D 78 -15.63 -54.29 -21.57
N GLY D 79 -14.62 -54.92 -20.98
CA GLY D 79 -13.85 -55.94 -21.67
C GLY D 79 -14.72 -57.15 -21.99
N PHE D 80 -15.58 -57.51 -21.04
CA PHE D 80 -16.56 -58.57 -21.27
C PHE D 80 -17.40 -58.31 -22.52
N LEU D 81 -17.98 -57.12 -22.60
CA LEU D 81 -18.83 -56.75 -23.72
C LEU D 81 -18.03 -56.61 -25.01
N ALA D 82 -16.76 -56.25 -24.87
CA ALA D 82 -15.88 -56.08 -26.02
C ALA D 82 -15.68 -57.39 -26.77
N LYS D 83 -15.69 -58.51 -26.03
CA LYS D 83 -15.56 -59.83 -26.64
C LYS D 83 -16.77 -60.19 -27.49
N LEU D 84 -17.93 -59.67 -27.12
CA LEU D 84 -19.16 -59.92 -27.84
C LEU D 84 -19.32 -58.98 -29.03
N GLY D 85 -18.33 -58.11 -29.25
CA GLY D 85 -18.39 -57.15 -30.33
C GLY D 85 -19.22 -55.94 -29.96
N ILE D 86 -19.49 -55.79 -28.68
CA ILE D 86 -20.28 -54.66 -28.17
C ILE D 86 -19.37 -53.64 -27.50
N VAL D 87 -19.30 -52.45 -28.11
CA VAL D 87 -18.40 -51.40 -27.65
C VAL D 87 -19.14 -50.20 -27.07
N GLN D 88 -20.36 -49.96 -27.55
CA GLN D 88 -21.16 -48.83 -27.09
C GLN D 88 -22.65 -49.14 -26.93
N SER D 89 -23.15 -50.07 -27.75
CA SER D 89 -24.56 -50.45 -27.69
C SER D 89 -24.84 -51.32 -26.46
N TYR D 90 -25.11 -50.60 -25.38
CA TYR D 90 -25.48 -51.13 -24.10
C TYR D 90 -26.16 -50.11 -23.17
N VAL D 91 -26.70 -50.59 -22.08
CA VAL D 91 -27.11 -49.76 -20.95
C VAL D 91 -26.68 -50.50 -19.72
N VAL D 93 -27.66 -50.64 -15.32
CA VAL D 93 -28.49 -50.20 -14.22
C VAL D 93 -28.28 -51.14 -13.03
N ASN D 94 -27.91 -50.63 -11.89
CA ASN D 94 -27.64 -51.34 -10.65
C ASN D 94 -28.91 -51.55 -9.84
N THR D 95 -28.95 -52.64 -9.08
CA THR D 95 -30.12 -52.95 -8.25
C THR D 95 -30.43 -51.80 -7.32
N PHE D 96 -29.40 -51.17 -6.77
CA PHE D 96 -29.57 -50.05 -5.87
C PHE D 96 -29.04 -48.77 -6.50
N LEU D 97 -29.80 -47.69 -6.36
CA LEU D 97 -29.38 -46.39 -6.85
C LEU D 97 -28.19 -45.89 -6.06
N TYR D 98 -28.24 -46.14 -4.75
CA TYR D 98 -27.19 -45.71 -3.84
C TYR D 98 -26.32 -46.91 -3.49
N SER D 99 -25.12 -46.64 -3.02
CA SER D 99 -24.20 -47.70 -2.64
C SER D 99 -24.59 -48.27 -1.28
N VAL D 100 -24.26 -49.54 -1.06
CA VAL D 100 -24.48 -50.17 0.23
C VAL D 100 -23.42 -49.65 1.19
N TYR D 101 -23.82 -49.38 2.42
CA TYR D 101 -22.86 -48.94 3.43
C TYR D 101 -22.28 -50.13 4.19
N GLY D 102 -21.10 -50.58 3.75
CA GLY D 102 -20.39 -51.66 4.40
C GLY D 102 -20.86 -53.03 3.95
N GLN D 103 -20.37 -54.07 4.62
CA GLN D 103 -20.75 -55.44 4.31
C GLN D 103 -21.78 -55.89 5.34
N SER D 104 -22.87 -55.14 5.47
CA SER D 104 -23.84 -55.44 6.52
C SER D 104 -25.33 -55.33 6.21
N GLY D 105 -25.72 -54.59 5.19
CA GLY D 105 -27.14 -54.44 4.94
C GLY D 105 -27.57 -54.32 3.49
N GLY D 106 -26.95 -55.12 2.63
CA GLY D 106 -27.35 -55.16 1.24
C GLY D 106 -28.64 -55.92 1.00
N SER D 107 -28.64 -57.19 1.39
CA SER D 107 -29.77 -58.11 1.15
C SER D 107 -31.02 -57.92 2.03
N LYS D 108 -30.87 -57.36 3.22
CA LYS D 108 -32.02 -57.09 4.10
C LYS D 108 -33.06 -56.15 3.52
N HIS D 109 -32.72 -55.41 2.46
CA HIS D 109 -33.64 -54.42 1.91
C HIS D 109 -33.94 -54.66 0.44
N LYS D 110 -33.70 -55.87 -0.04
CA LYS D 110 -33.88 -56.17 -1.46
C LYS D 110 -35.36 -56.18 -1.82
N ASN D 111 -36.23 -56.25 -0.83
CA ASN D 111 -37.67 -56.42 -1.08
C ASN D 111 -38.58 -55.25 -0.69
N GLU D 112 -38.01 -54.09 -0.40
CA GLU D 112 -38.83 -52.90 -0.17
C GLU D 112 -39.46 -52.46 -1.50
N PRO D 113 -40.80 -52.31 -1.54
CA PRO D 113 -41.48 -51.91 -2.78
C PRO D 113 -40.95 -50.60 -3.39
N GLY D 114 -40.69 -49.60 -2.56
CA GLY D 114 -40.21 -48.32 -3.02
C GLY D 114 -38.98 -48.45 -3.90
N ILE D 115 -38.06 -49.31 -3.51
CA ILE D 115 -36.86 -49.58 -4.28
C ILE D 115 -37.20 -50.31 -5.57
N VAL D 116 -37.93 -51.41 -5.43
CA VAL D 116 -38.19 -52.33 -6.52
C VAL D 116 -39.01 -51.69 -7.64
N ASP D 117 -40.12 -51.05 -7.26
CA ASP D 117 -41.02 -50.45 -8.25
C ASP D 117 -40.27 -49.46 -9.12
N TYR D 118 -39.41 -48.65 -8.48
CA TYR D 118 -38.62 -47.67 -9.20
C TYR D 118 -37.64 -48.32 -10.17
N ARG D 119 -36.89 -49.29 -9.68
CA ARG D 119 -35.94 -50.03 -10.52
C ARG D 119 -36.67 -50.59 -11.73
N ASN D 120 -37.88 -51.11 -11.51
CA ASN D 120 -38.69 -51.66 -12.57
C ASN D 120 -39.17 -50.60 -13.55
N LYS D 121 -39.42 -49.39 -13.06
CA LYS D 121 -39.79 -48.29 -13.94
C LYS D 121 -38.68 -47.98 -14.92
N TRP D 122 -37.44 -48.15 -14.49
CA TRP D 122 -36.29 -47.97 -15.37
C TRP D 122 -36.19 -49.13 -16.34
N PHE D 123 -36.35 -50.35 -15.83
CA PHE D 123 -36.40 -51.55 -16.67
C PHE D 123 -37.42 -51.39 -17.79
N LYS D 124 -38.65 -51.03 -17.44
CA LYS D 124 -39.69 -50.83 -18.45
C LYS D 124 -39.27 -49.81 -19.49
N ALA D 125 -38.61 -48.75 -19.03
CA ALA D 125 -38.25 -47.63 -19.90
C ALA D 125 -37.12 -47.98 -20.86
N VAL D 126 -36.12 -48.71 -20.39
CA VAL D 126 -34.98 -49.07 -21.23
C VAL D 126 -35.31 -50.22 -22.18
N LEU D 127 -36.21 -51.10 -21.76
CA LEU D 127 -36.62 -52.25 -22.57
C LEU D 127 -37.71 -51.87 -23.59
N GLY D 128 -38.42 -50.79 -23.28
CA GLY D 128 -39.53 -50.32 -24.10
C GLY D 128 -39.35 -50.40 -25.61
N PRO D 129 -38.27 -49.79 -26.13
CA PRO D 129 -38.00 -49.80 -27.57
C PRO D 129 -37.93 -51.20 -28.16
N GLY D 130 -37.57 -52.18 -27.34
CA GLY D 130 -37.58 -53.57 -27.76
C GLY D 130 -36.49 -53.90 -28.75
N ASN D 131 -35.32 -53.28 -28.58
CA ASN D 131 -34.15 -53.60 -29.39
C ASN D 131 -33.07 -54.31 -28.58
N ILE D 132 -33.37 -54.57 -27.31
CA ILE D 132 -32.47 -55.32 -26.45
C ILE D 132 -32.58 -56.82 -26.76
N GLU D 133 -31.47 -57.39 -27.20
CA GLU D 133 -31.43 -58.78 -27.65
C GLU D 133 -30.79 -59.70 -26.60
N ALA D 134 -30.15 -59.12 -25.58
CA ALA D 134 -29.51 -59.90 -24.52
C ALA D 134 -29.48 -59.16 -23.20
N VAL D 135 -29.43 -59.92 -22.09
CA VAL D 135 -29.35 -59.36 -20.75
C VAL D 135 -28.34 -60.12 -19.89
N VAL D 136 -27.51 -59.39 -19.16
CA VAL D 136 -26.49 -59.99 -18.30
C VAL D 136 -26.50 -59.35 -16.91
N SER D 137 -26.79 -60.17 -15.90
CA SER D 137 -26.84 -59.70 -14.52
C SER D 137 -25.52 -59.99 -13.78
N LEU D 138 -25.11 -59.05 -12.93
CA LEU D 138 -23.85 -59.15 -12.19
C LEU D 138 -24.11 -59.47 -10.71
N GLY D 139 -23.93 -60.72 -10.33
CA GLY D 139 -24.08 -61.13 -8.94
C GLY D 139 -25.50 -61.57 -8.58
N GLY D 140 -25.71 -61.84 -7.29
CA GLY D 140 -26.97 -62.36 -6.80
C GLY D 140 -28.10 -61.34 -6.85
N LEU D 141 -27.85 -60.15 -6.32
CA LEU D 141 -28.90 -59.14 -6.21
C LEU D 141 -29.34 -58.66 -7.59
N ALA D 142 -28.40 -58.65 -8.54
CA ALA D 142 -28.73 -58.35 -9.92
C ALA D 142 -29.66 -59.41 -10.49
N ASP D 143 -29.34 -60.67 -10.20
CA ASP D 143 -30.12 -61.80 -10.66
C ASP D 143 -31.54 -61.78 -10.11
N GLU D 144 -31.66 -61.63 -8.80
CA GLU D 144 -32.96 -61.60 -8.14
C GLU D 144 -33.76 -60.35 -8.51
N ALA D 145 -33.05 -59.27 -8.82
CA ALA D 145 -33.69 -58.03 -9.26
C ALA D 145 -34.35 -58.26 -10.61
N TRP D 146 -33.63 -58.94 -11.49
CA TRP D 146 -34.14 -59.27 -12.81
C TRP D 146 -35.30 -60.25 -12.68
N LYS D 147 -35.20 -61.17 -11.73
CA LYS D 147 -36.28 -62.10 -11.45
C LYS D 147 -37.52 -61.40 -10.94
N ALA D 148 -37.33 -60.45 -10.03
CA ALA D 148 -38.45 -59.68 -9.47
C ALA D 148 -39.10 -58.84 -10.57
N TRP D 149 -38.31 -58.41 -11.55
CA TRP D 149 -38.85 -57.66 -12.68
C TRP D 149 -39.68 -58.60 -13.55
N LEU D 150 -39.15 -59.80 -13.80
CA LEU D 150 -39.86 -60.80 -14.60
C LEU D 150 -41.16 -61.21 -13.91
N LYS D 151 -41.20 -61.13 -12.60
CA LYS D 151 -42.40 -61.49 -11.85
C LYS D 151 -43.47 -60.40 -11.87
N SER D 152 -43.20 -59.32 -12.60
CA SER D 152 -44.15 -58.22 -12.71
C SER D 152 -44.92 -58.30 -14.04
N SER D 153 -46.00 -57.53 -14.14
CA SER D 153 -46.83 -57.53 -15.32
C SER D 153 -46.07 -57.06 -16.57
N ASP D 154 -45.45 -55.88 -16.49
CA ASP D 154 -44.77 -55.30 -17.63
C ASP D 154 -43.51 -56.08 -18.00
N GLY D 155 -42.98 -56.84 -17.04
CA GLY D 155 -41.78 -57.62 -17.25
C GLY D 155 -42.09 -58.96 -17.91
N ALA D 156 -43.32 -59.40 -17.72
CA ALA D 156 -43.78 -60.71 -18.22
C ALA D 156 -43.48 -60.92 -19.71
N ALA D 157 -43.50 -59.85 -20.49
CA ALA D 157 -43.28 -59.94 -21.93
C ALA D 157 -41.83 -60.31 -22.27
N TYR D 158 -40.97 -60.34 -21.26
CA TYR D 158 -39.53 -60.52 -21.47
C TYR D 158 -39.03 -61.86 -20.91
N LYS D 159 -39.97 -62.78 -20.70
CA LYS D 159 -39.62 -64.10 -20.17
C LYS D 159 -38.75 -64.87 -21.18
N THR D 160 -38.85 -64.51 -22.45
CA THR D 160 -38.09 -65.16 -23.52
C THR D 160 -36.74 -64.52 -23.80
N LEU D 161 -36.44 -63.39 -23.16
CA LEU D 161 -35.25 -62.62 -23.51
C LEU D 161 -33.97 -63.32 -23.05
N ALA D 162 -33.03 -63.45 -23.99
CA ALA D 162 -31.75 -64.09 -23.73
C ALA D 162 -31.11 -63.52 -22.47
N TYR D 163 -30.92 -64.37 -21.48
CA TYR D 163 -30.46 -63.93 -20.18
C TYR D 163 -29.35 -64.84 -19.66
N GLN D 164 -28.31 -64.24 -19.09
CA GLN D 164 -27.21 -64.99 -18.52
C GLN D 164 -26.84 -64.34 -17.19
N HIS D 165 -27.01 -65.04 -16.09
CA HIS D 165 -26.54 -64.57 -14.79
C HIS D 165 -25.10 -65.02 -14.55
N ILE D 166 -24.19 -64.06 -14.45
CA ILE D 166 -22.78 -64.34 -14.17
C ILE D 166 -22.32 -63.71 -12.86
N THR D 167 -21.18 -64.18 -12.36
CA THR D 167 -20.65 -63.68 -11.10
C THR D 167 -20.12 -62.25 -11.25
N HIS D 168 -20.43 -61.45 -10.25
CA HIS D 168 -20.07 -60.08 -10.23
C HIS D 168 -18.60 -59.95 -10.33
N PRO D 169 -18.14 -59.13 -11.26
CA PRO D 169 -16.70 -58.92 -11.48
C PRO D 169 -15.84 -58.92 -10.21
N THR D 170 -16.27 -58.27 -9.14
CA THR D 170 -15.37 -58.04 -8.03
C THR D 170 -15.59 -58.98 -6.88
N TRP D 171 -16.12 -60.17 -7.17
CA TRP D 171 -16.33 -61.22 -6.18
C TRP D 171 -15.02 -61.81 -5.63
N PRO D 172 -14.02 -62.05 -6.52
CA PRO D 172 -12.75 -62.62 -6.06
C PRO D 172 -12.07 -61.82 -4.96
N GLU D 173 -11.99 -60.50 -5.15
CA GLU D 173 -11.33 -59.62 -4.19
C GLU D 173 -12.20 -59.33 -2.99
N SER D 174 -13.52 -59.43 -3.17
CA SER D 174 -14.46 -59.13 -2.10
C SER D 174 -14.65 -60.33 -1.18
N SER D 175 -14.29 -61.52 -1.66
CA SER D 175 -14.40 -62.73 -0.87
C SER D 175 -13.30 -62.80 0.17
N ALA D 176 -12.07 -62.93 -0.31
CA ALA D 176 -10.91 -63.14 0.54
C ALA D 176 -9.87 -62.05 0.32
N HIS D 177 -8.84 -62.05 1.15
CA HIS D 177 -7.72 -61.09 1.02
C HIS D 177 -6.39 -61.72 0.65
N ASP D 178 -6.16 -62.98 1.01
CA ASP D 178 -4.88 -63.57 0.67
C ASP D 178 -4.86 -63.65 -0.86
N SER D 179 -3.71 -63.27 -1.41
CA SER D 179 -3.53 -63.13 -2.84
C SER D 179 -3.88 -64.38 -3.65
N ALA D 180 -3.61 -65.54 -3.06
CA ALA D 180 -3.81 -66.81 -3.76
C ALA D 180 -5.28 -67.11 -4.06
N THR D 181 -6.14 -67.02 -3.05
CA THR D 181 -7.56 -67.28 -3.22
C THR D 181 -8.21 -66.41 -4.27
N GLN D 182 -7.78 -65.20 -4.44
CA GLN D 182 -8.42 -64.36 -5.41
C GLN D 182 -8.22 -64.85 -6.79
N ALA D 183 -7.18 -65.63 -6.98
CA ALA D 183 -6.83 -66.15 -8.28
C ALA D 183 -7.47 -67.48 -8.48
N ALA D 184 -7.70 -68.14 -7.37
CA ALA D 184 -8.45 -69.35 -7.35
C ALA D 184 -9.80 -69.03 -7.87
N ASN D 185 -10.35 -67.90 -7.45
CA ASN D 185 -11.67 -67.50 -7.87
C ASN D 185 -11.75 -66.74 -9.13
N THR D 186 -10.71 -65.99 -9.43
CA THR D 186 -10.65 -65.21 -10.66
C THR D 186 -10.69 -66.13 -11.87
N LYS D 187 -10.06 -67.29 -11.75
CA LYS D 187 -10.03 -68.27 -12.83
C LYS D 187 -11.41 -68.90 -13.01
N ILE D 188 -12.04 -69.23 -11.88
CA ILE D 188 -13.37 -69.83 -11.90
C ILE D 188 -14.37 -68.88 -12.54
N LEU D 190 -13.66 -66.58 -14.63
CA LEU D 190 -13.30 -66.50 -16.04
C LEU D 190 -13.80 -67.72 -16.78
N ALA D 191 -13.87 -68.85 -16.08
CA ALA D 191 -14.35 -70.10 -16.67
C ALA D 191 -15.84 -70.01 -16.94
N LYS D 192 -16.59 -69.53 -15.96
CA LYS D 192 -18.04 -69.37 -16.09
C LYS D 192 -18.36 -68.31 -17.13
N TRP D 193 -17.50 -67.30 -17.21
CA TRP D 193 -17.68 -66.20 -18.17
C TRP D 193 -17.58 -66.71 -19.60
N ASN D 194 -16.61 -67.56 -19.88
CA ASN D 194 -16.46 -68.13 -21.21
C ASN D 194 -17.72 -68.91 -21.60
N ALA D 195 -18.27 -69.66 -20.65
CA ALA D 195 -19.53 -70.37 -20.86
C ALA D 195 -20.63 -69.35 -21.15
N ALA D 196 -20.64 -68.29 -20.36
CA ALA D 196 -21.64 -67.23 -20.50
C ALA D 196 -21.50 -66.54 -21.85
N LEU D 197 -20.27 -66.31 -22.26
CA LEU D 197 -19.97 -65.69 -23.54
C LEU D 197 -20.39 -66.60 -24.70
N ALA D 198 -20.05 -67.88 -24.58
CA ALA D 198 -20.40 -68.88 -25.59
C ALA D 198 -21.92 -68.95 -25.79
N ALA D 199 -22.66 -68.77 -24.71
CA ALA D 199 -24.11 -68.87 -24.76
C ALA D 199 -24.74 -67.64 -25.42
N LEU D 200 -24.08 -66.49 -25.28
CA LEU D 200 -24.65 -65.23 -25.73
C LEU D 200 -24.22 -64.79 -27.13
N ALA D 201 -23.00 -65.15 -27.53
CA ALA D 201 -22.45 -64.73 -28.83
C ALA D 201 -23.40 -64.95 -30.01
N PRO D 202 -24.02 -66.14 -30.13
CA PRO D 202 -24.90 -66.36 -31.28
C PRO D 202 -26.19 -65.54 -31.25
N GLU D 203 -26.61 -65.05 -30.08
CA GLU D 203 -27.91 -64.38 -29.95
C GLU D 203 -27.81 -62.86 -30.03
N VAL D 204 -26.59 -62.34 -29.99
CA VAL D 204 -26.36 -60.92 -30.23
C VAL D 204 -26.14 -60.76 -31.72
N LYS D 205 -27.24 -60.62 -32.47
CA LYS D 205 -27.17 -60.65 -33.93
C LYS D 205 -26.83 -59.29 -34.52
N HIS D 206 -26.83 -58.25 -33.68
CA HIS D 206 -26.34 -56.95 -34.12
C HIS D 206 -25.22 -56.49 -33.20
N PRO D 207 -23.97 -56.87 -33.50
CA PRO D 207 -22.85 -56.31 -32.73
C PRO D 207 -22.38 -54.98 -33.29
N ASP D 208 -21.56 -54.26 -32.54
CA ASP D 208 -20.97 -53.03 -33.02
C ASP D 208 -19.79 -53.32 -33.95
N VAL D 209 -19.10 -54.43 -33.66
CA VAL D 209 -17.98 -54.90 -34.48
C VAL D 209 -18.03 -56.42 -34.57
N PRO D 210 -17.97 -56.96 -35.80
CA PRO D 210 -17.91 -58.43 -35.92
C PRO D 210 -16.71 -59.05 -35.20
N THR D 211 -16.99 -59.90 -34.22
CA THR D 211 -15.92 -60.52 -33.43
C THR D 211 -16.22 -61.97 -33.11
N THR D 212 -15.31 -62.86 -33.50
CA THR D 212 -15.37 -64.27 -33.11
C THR D 212 -14.83 -64.35 -31.68
N LEU D 213 -15.45 -65.18 -30.85
CA LEU D 213 -15.17 -65.19 -29.42
C LEU D 213 -13.74 -65.57 -29.05
N VAL D 214 -13.12 -64.72 -28.22
CA VAL D 214 -11.77 -64.96 -27.69
C VAL D 214 -11.90 -65.27 -26.20
N PRO D 215 -11.79 -66.56 -25.82
CA PRO D 215 -12.00 -66.91 -24.42
C PRO D 215 -10.98 -66.35 -23.43
N TYR D 216 -11.45 -66.15 -22.20
CA TYR D 216 -10.62 -65.76 -21.08
C TYR D 216 -9.58 -66.85 -20.78
N GLY D 217 -8.43 -66.44 -20.26
CA GLY D 217 -7.47 -67.41 -19.76
C GLY D 217 -7.78 -67.72 -18.30
N ASP D 218 -6.75 -68.02 -17.53
CA ASP D 218 -6.90 -68.25 -16.10
C ASP D 218 -6.90 -66.93 -15.33
N ALA D 219 -6.22 -65.93 -15.87
CA ALA D 219 -6.12 -64.62 -15.22
C ALA D 219 -6.45 -63.50 -16.20
N PHE D 220 -6.59 -62.28 -15.67
CA PHE D 220 -6.93 -61.11 -16.49
C PHE D 220 -5.79 -60.50 -17.29
N LYS D 221 -5.80 -60.80 -18.58
CA LYS D 221 -5.10 -60.07 -19.63
C LYS D 221 -5.55 -58.61 -19.77
N PRO D 222 -4.60 -57.65 -19.70
CA PRO D 222 -4.96 -56.22 -19.81
C PRO D 222 -5.80 -55.89 -21.03
N SER D 223 -5.62 -56.62 -22.12
CA SER D 223 -6.41 -56.40 -23.33
C SER D 223 -7.89 -56.61 -23.02
N GLU D 224 -8.15 -57.37 -21.97
CA GLU D 224 -9.52 -57.68 -21.54
C GLU D 224 -10.00 -56.71 -20.46
N LEU D 225 -9.20 -55.68 -20.19
CA LEU D 225 -9.59 -54.61 -19.27
C LEU D 225 -9.72 -53.31 -20.06
N VAL D 226 -10.94 -52.99 -20.48
CA VAL D 226 -11.19 -51.88 -21.40
C VAL D 226 -11.72 -50.64 -20.70
N ASP D 227 -11.02 -49.52 -20.91
CA ASP D 227 -11.44 -48.24 -20.36
C ASP D 227 -12.82 -47.85 -20.89
N ILE D 228 -13.60 -47.20 -20.03
CA ILE D 228 -14.94 -46.75 -20.39
C ILE D 228 -14.85 -45.75 -21.54
N ILE D 229 -15.74 -45.87 -22.52
CA ILE D 229 -15.70 -45.00 -23.68
C ILE D 229 -16.19 -43.60 -23.31
N ALA D 230 -15.72 -42.60 -24.06
CA ALA D 230 -16.06 -41.21 -23.78
C ALA D 230 -17.56 -40.95 -23.88
N LYS D 231 -18.24 -41.69 -24.74
CA LYS D 231 -19.65 -41.47 -25.02
C LYS D 231 -20.53 -41.66 -23.78
N ASP D 232 -19.97 -42.29 -22.75
CA ASP D 232 -20.73 -42.61 -21.54
C ASP D 232 -20.68 -41.51 -20.48
N LEU D 233 -19.68 -40.63 -20.56
CA LEU D 233 -19.46 -39.62 -19.53
C LEU D 233 -20.12 -38.27 -19.85
N PRO D 234 -20.61 -37.56 -18.82
CA PRO D 234 -21.20 -36.23 -19.03
C PRO D 234 -20.22 -35.26 -19.69
N ALA D 235 -20.75 -34.19 -20.27
CA ALA D 235 -19.92 -33.21 -20.97
C ALA D 235 -18.77 -32.71 -20.11
N GLY D 236 -17.59 -32.79 -20.69
CA GLY D 236 -16.42 -32.13 -20.20
C GLY D 236 -15.48 -32.86 -19.31
N LEU D 237 -15.79 -34.10 -19.05
CA LEU D 237 -15.10 -34.82 -18.02
C LEU D 237 -13.87 -35.37 -18.58
N PRO D 238 -12.82 -35.21 -17.79
CA PRO D 238 -11.49 -35.71 -18.13
C PRO D 238 -11.49 -37.22 -18.32
N ALA D 239 -10.51 -37.66 -19.08
CA ALA D 239 -10.33 -39.06 -19.40
C ALA D 239 -9.77 -39.86 -18.26
N TRP D 240 -8.83 -39.28 -17.53
CA TRP D 240 -8.20 -39.95 -16.40
C TRP D 240 -9.26 -40.45 -15.42
N ARG D 242 -11.93 -41.92 -16.45
CA ARG D 242 -12.44 -43.15 -17.05
C ARG D 242 -11.32 -44.03 -17.54
N GLY D 243 -10.13 -43.85 -16.96
CA GLY D 243 -8.96 -44.63 -17.33
C GLY D 243 -8.92 -45.97 -16.63
N ASP D 244 -7.71 -46.45 -16.36
CA ASP D 244 -7.53 -47.73 -15.69
C ASP D 244 -6.77 -47.55 -14.38
N THR D 245 -6.70 -46.31 -13.91
CA THR D 245 -6.01 -45.99 -12.66
C THR D 245 -6.98 -45.42 -11.64
N PRO D 246 -7.08 -46.16 -10.44
CA PRO D 246 -8.04 -45.55 -9.48
C PRO D 246 -7.73 -44.09 -9.19
N TRP D 247 -8.76 -43.31 -8.89
CA TRP D 247 -8.59 -41.89 -8.60
C TRP D 247 -9.53 -41.36 -7.52
N ALA D 248 -10.25 -42.26 -6.85
CA ALA D 248 -11.16 -41.86 -5.76
C ALA D 248 -11.25 -42.92 -4.66
N VAL D 249 -11.35 -42.46 -3.42
CA VAL D 249 -11.44 -43.38 -2.27
C VAL D 249 -12.08 -42.68 -1.07
N ARG D 250 -12.81 -43.42 -0.25
CA ARG D 250 -13.41 -42.87 0.96
C ARG D 250 -12.38 -42.93 2.09
N GLN D 251 -12.23 -41.83 2.82
CA GLN D 251 -11.17 -41.72 3.82
C GLN D 251 -11.49 -40.81 5.01
N GLY D 252 -10.96 -41.14 6.18
CA GLY D 252 -11.24 -40.40 7.40
C GLY D 252 -10.60 -41.05 8.62
N VAL D 253 -10.55 -40.31 9.72
CA VAL D 253 -9.86 -40.77 10.92
C VAL D 253 -10.75 -41.74 11.70
N ASP D 254 -12.06 -41.46 11.70
CA ASP D 254 -13.04 -42.36 12.28
C ASP D 254 -14.04 -42.77 11.19
N ALA D 255 -14.99 -43.63 11.56
CA ALA D 255 -15.95 -44.16 10.60
C ALA D 255 -16.86 -43.09 9.98
N ALA D 256 -17.19 -42.08 10.77
CA ALA D 256 -18.09 -41.02 10.31
C ALA D 256 -17.43 -40.12 9.29
N ALA D 257 -16.21 -39.68 9.60
CA ALA D 257 -15.45 -38.83 8.69
C ALA D 257 -15.24 -39.54 7.36
N LYS D 258 -15.06 -40.84 7.42
CA LYS D 258 -14.82 -41.63 6.23
C LYS D 258 -16.03 -41.74 5.35
N ARG D 259 -17.19 -41.64 5.96
CA ARG D 259 -18.41 -41.74 5.24
C ARG D 259 -18.78 -40.42 4.64
N ARG D 260 -18.08 -39.38 5.04
CA ARG D 260 -18.45 -38.03 4.74
C ARG D 260 -17.52 -37.44 3.73
N THR D 261 -16.39 -38.06 3.51
CA THR D 261 -15.35 -37.57 2.67
C THR D 261 -15.05 -38.49 1.50
N ILE D 262 -14.82 -37.93 0.31
CA ILE D 262 -14.27 -38.66 -0.78
C ILE D 262 -12.99 -37.92 -1.19
N ILE D 264 -10.16 -37.20 -4.05
CA ILE D 264 -9.98 -37.26 -5.50
C ILE D 264 -8.56 -36.88 -5.89
N THR D 265 -7.87 -37.81 -6.55
CA THR D 265 -6.52 -37.56 -7.06
C THR D 265 -6.21 -37.99 -8.45
N ILE D 266 -5.82 -37.02 -9.28
CA ILE D 266 -5.48 -37.29 -10.67
C ILE D 266 -4.22 -38.15 -10.76
N PRO D 267 -4.34 -39.33 -11.52
CA PRO D 267 -3.09 -40.12 -11.57
C PRO D 267 -1.91 -39.30 -12.05
N ASP D 268 -0.71 -39.87 -12.00
CA ASP D 268 0.49 -39.19 -12.42
C ASP D 268 0.65 -39.27 -13.93
N GLY D 269 1.10 -38.17 -14.54
CA GLY D 269 1.28 -38.11 -15.97
C GLY D 269 0.31 -37.18 -16.69
N VAL D 270 -0.76 -36.79 -15.98
CA VAL D 270 -1.76 -35.91 -16.57
C VAL D 270 -1.27 -34.46 -16.60
N ILE D 271 -0.66 -34.02 -15.51
CA ILE D 271 -0.12 -32.67 -15.41
C ILE D 271 1.38 -32.67 -15.72
N PRO D 272 1.83 -31.78 -16.61
CA PRO D 272 3.26 -31.79 -16.94
C PRO D 272 4.14 -31.34 -15.77
N LEU E 2 -0.88 -29.62 37.09
CA LEU E 2 0.41 -30.26 36.95
C LEU E 2 0.35 -31.43 35.98
N THR E 3 1.32 -31.51 35.08
CA THR E 3 1.37 -32.58 34.09
C THR E 3 2.74 -33.26 34.10
N GLU E 4 2.75 -34.55 34.40
CA GLU E 4 3.98 -35.30 34.44
C GLU E 4 4.31 -35.58 33.06
N PHE E 5 5.55 -35.92 32.81
CA PHE E 5 5.97 -36.32 31.46
C PHE E 5 7.23 -37.17 31.46
N ASP E 6 7.49 -37.80 30.33
CA ASP E 6 8.68 -38.64 30.14
C ASP E 6 9.79 -37.82 29.49
N ALA E 7 10.83 -37.53 30.28
CA ALA E 7 11.96 -36.74 29.79
C ALA E 7 12.66 -37.41 28.61
N GLY E 8 12.53 -38.73 28.52
CA GLY E 8 13.03 -39.48 27.38
C GLY E 8 14.24 -40.35 27.66
N TYR E 9 15.31 -40.11 26.91
CA TYR E 9 16.45 -41.02 26.87
C TYR E 9 17.77 -40.31 27.15
N GLY E 10 17.82 -39.59 28.26
CA GLY E 10 19.01 -38.84 28.64
C GLY E 10 20.05 -39.72 29.31
N GLU E 11 19.60 -40.60 30.19
CA GLU E 11 20.50 -41.44 30.98
C GLU E 11 20.94 -42.68 30.20
N GLN E 12 22.22 -43.03 30.32
CA GLN E 12 22.74 -44.25 29.72
C GLN E 12 22.12 -45.47 30.42
N PRO E 13 22.10 -46.63 29.75
CA PRO E 13 22.64 -46.93 28.41
C PRO E 13 21.69 -46.52 27.30
N PHE E 14 20.61 -45.84 27.64
CA PHE E 14 19.54 -45.55 26.69
C PHE E 14 19.97 -44.44 25.72
N ARG E 15 20.89 -43.59 26.16
CA ARG E 15 21.41 -42.54 25.31
C ARG E 15 22.13 -43.12 24.10
N ASP E 16 23.12 -43.97 24.36
CA ASP E 16 23.87 -44.63 23.31
C ASP E 16 22.97 -45.49 22.44
N LEU E 17 21.96 -46.09 23.06
CA LEU E 17 21.02 -46.93 22.34
C LEU E 17 20.19 -46.09 21.37
N CYS E 18 19.64 -44.99 21.86
CA CYS E 18 18.78 -44.13 21.06
C CYS E 18 19.57 -43.36 20.01
N ALA E 19 20.88 -43.24 20.21
CA ALA E 19 21.75 -42.57 19.25
C ALA E 19 22.26 -43.53 18.18
N ASN E 20 22.43 -44.79 18.56
CA ASN E 20 22.93 -45.80 17.66
C ASN E 20 21.91 -46.90 17.39
N TYR E 21 20.93 -46.58 16.56
CA TYR E 21 19.87 -47.51 16.19
C TYR E 21 20.07 -48.00 14.76
N PRO E 22 19.46 -49.14 14.41
CA PRO E 22 19.65 -49.71 13.06
C PRO E 22 18.74 -49.07 12.03
N GLY E 23 19.20 -49.01 10.78
CA GLY E 23 18.44 -48.41 9.69
C GLY E 23 18.16 -49.43 8.61
N ALA E 24 18.43 -49.04 7.37
CA ALA E 24 18.13 -49.91 6.22
C ALA E 24 19.00 -51.17 6.19
N GLU E 25 20.15 -51.11 6.85
CA GLU E 25 21.08 -52.24 6.86
C GLU E 25 20.54 -53.41 7.69
N ALA E 26 19.48 -53.16 8.45
CA ALA E 26 18.86 -54.18 9.30
C ALA E 26 17.40 -54.37 8.93
N TYR E 27 16.65 -53.26 8.89
CA TYR E 27 15.26 -53.29 8.48
C TYR E 27 15.14 -52.98 6.98
N ASP E 28 14.62 -53.92 6.21
CA ASP E 28 14.45 -53.71 4.78
C ASP E 28 13.50 -52.53 4.53
N PRO E 29 13.96 -51.50 3.80
CA PRO E 29 13.12 -50.29 3.64
C PRO E 29 11.79 -50.50 2.93
N HIS E 30 11.64 -51.57 2.14
CA HIS E 30 10.38 -51.81 1.45
C HIS E 30 9.40 -52.53 2.37
N ASP E 31 9.91 -53.47 3.16
CA ASP E 31 9.07 -54.25 4.06
C ASP E 31 8.79 -53.52 5.37
N PHE E 32 9.66 -52.57 5.73
CA PHE E 32 9.49 -51.77 6.93
C PHE E 32 9.33 -50.27 6.63
N ARG E 33 8.52 -49.60 7.43
CA ARG E 33 8.32 -48.16 7.31
C ARG E 33 9.41 -47.40 8.07
N ILE E 34 10.66 -47.54 7.63
CA ILE E 34 11.78 -46.93 8.33
C ILE E 34 11.81 -45.40 8.16
N GLU E 35 11.08 -44.91 7.18
CA GLU E 35 11.06 -43.49 6.86
C GLU E 35 10.58 -42.62 8.02
N TRP E 36 9.82 -43.22 8.93
CA TRP E 36 9.26 -42.49 10.07
C TRP E 36 10.20 -42.52 11.26
N GLY E 37 11.34 -43.21 11.11
CA GLY E 37 12.29 -43.34 12.20
C GLY E 37 11.80 -44.32 13.25
N PRO E 38 12.69 -44.71 14.17
CA PRO E 38 12.35 -45.69 15.20
C PRO E 38 11.64 -45.09 16.41
N ILE E 39 10.66 -45.83 16.93
CA ILE E 39 10.09 -45.52 18.23
C ILE E 39 10.59 -46.60 19.18
N PHE E 40 11.13 -46.21 20.32
CA PHE E 40 11.95 -47.11 21.13
C PHE E 40 11.16 -47.80 22.23
N HIS E 41 10.29 -47.07 22.91
CA HIS E 41 9.59 -47.61 24.07
C HIS E 41 8.39 -46.75 24.47
N ARG E 42 7.69 -47.20 25.50
CA ARG E 42 6.75 -46.35 26.22
C ARG E 42 6.73 -46.85 27.65
N GLY E 43 6.83 -45.95 28.61
CA GLY E 43 6.82 -46.30 30.02
C GLY E 43 8.13 -45.96 30.71
N ARG E 44 8.40 -46.64 31.81
CA ARG E 44 9.50 -46.26 32.69
C ARG E 44 10.84 -46.83 32.29
N LEU E 45 11.89 -46.03 32.47
CA LEU E 45 13.27 -46.45 32.25
C LEU E 45 14.12 -46.10 33.46
N ASP E 46 13.47 -45.91 34.60
CA ASP E 46 14.16 -45.55 35.84
C ASP E 46 14.34 -46.77 36.75
N GLY E 47 13.81 -47.92 36.31
CA GLY E 47 13.95 -49.16 37.06
C GLY E 47 12.67 -49.52 37.78
N SER E 48 11.73 -48.58 37.83
CA SER E 48 10.49 -48.75 38.57
C SER E 48 9.52 -49.68 37.86
N ALA E 49 9.88 -50.11 36.65
CA ALA E 49 9.00 -50.99 35.90
C ALA E 49 8.89 -52.33 36.61
N ARG E 50 7.67 -52.85 36.69
CA ARG E 50 7.37 -54.12 37.34
C ARG E 50 6.89 -55.13 36.30
N VAL E 51 6.20 -54.63 35.27
CA VAL E 51 5.71 -55.47 34.19
C VAL E 51 6.37 -55.05 32.89
N LEU E 52 6.78 -56.03 32.08
CA LEU E 52 7.28 -55.78 30.74
C LEU E 52 6.29 -56.23 29.67
N ILE E 53 5.91 -55.31 28.78
CA ILE E 53 5.08 -55.63 27.63
C ILE E 53 5.95 -55.73 26.39
N VAL E 54 5.93 -56.88 25.72
CA VAL E 54 6.59 -57.02 24.44
C VAL E 54 5.57 -56.92 23.31
N GLY E 55 5.51 -55.78 22.65
CA GLY E 55 4.59 -55.54 21.56
C GLY E 55 5.16 -55.92 20.21
N GLN E 56 4.40 -55.67 19.14
CA GLN E 56 4.81 -56.04 17.80
C GLN E 56 5.52 -54.90 17.06
N ASP E 57 4.74 -53.93 16.58
CA ASP E 57 5.28 -52.82 15.81
C ASP E 57 4.39 -51.60 15.93
N PRO E 58 4.98 -50.39 15.84
CA PRO E 58 4.21 -49.15 16.00
C PRO E 58 3.26 -48.87 14.83
N ALA E 59 2.38 -47.89 15.01
CA ALA E 59 1.44 -47.48 13.96
C ALA E 59 1.43 -45.95 13.83
N GLN E 60 0.36 -45.40 13.28
CA GLN E 60 0.34 -43.98 12.95
C GLN E 60 0.29 -43.09 14.19
N HIS E 61 -0.41 -43.53 15.23
CA HIS E 61 -0.49 -42.76 16.47
C HIS E 61 0.86 -42.76 17.20
N GLU E 62 1.53 -43.91 17.20
CA GLU E 62 2.84 -44.05 17.82
C GLU E 62 3.88 -43.19 17.11
N THR E 63 3.67 -42.96 15.82
CA THR E 63 4.62 -42.23 14.99
C THR E 63 4.68 -40.75 15.36
N ILE E 64 3.59 -40.23 15.92
CA ILE E 64 3.50 -38.81 16.26
C ILE E 64 3.92 -38.60 17.71
N VAL E 65 3.37 -39.42 18.60
CA VAL E 65 3.66 -39.34 20.02
C VAL E 65 5.12 -39.68 20.30
N ARG E 66 5.69 -40.50 19.42
CA ARG E 66 7.07 -40.99 19.56
C ARG E 66 7.23 -41.87 20.79
N ARG E 67 6.14 -42.53 21.16
CA ARG E 67 6.17 -43.62 22.14
C ARG E 67 5.34 -44.75 21.56
N ILE E 68 5.62 -45.99 21.97
CA ILE E 68 4.93 -47.14 21.38
C ILE E 68 3.65 -47.47 22.15
N LEU E 69 2.74 -48.15 21.47
CA LEU E 69 1.47 -48.57 22.06
C LEU E 69 0.69 -47.41 22.68
N VAL E 70 0.19 -46.52 21.83
CA VAL E 70 -0.63 -45.40 22.28
C VAL E 70 -1.96 -45.33 21.52
N GLY E 71 -2.27 -46.38 20.77
CA GLY E 71 -3.52 -46.47 20.05
C GLY E 71 -4.50 -47.41 20.71
N THR E 72 -5.34 -48.05 19.90
CA THR E 72 -6.34 -48.98 20.42
C THR E 72 -5.67 -50.12 21.18
N ALA E 73 -4.66 -50.72 20.55
CA ALA E 73 -3.89 -51.78 21.18
C ALA E 73 -3.35 -51.33 22.53
N GLY E 74 -2.73 -50.15 22.54
CA GLY E 74 -2.14 -49.60 23.74
C GLY E 74 -3.17 -49.33 24.83
N ARG E 75 -4.37 -48.93 24.43
CA ARG E 75 -5.40 -48.58 25.39
C ARG E 75 -5.94 -49.85 26.03
N ARG E 76 -5.95 -50.93 25.25
CA ARG E 76 -6.32 -52.25 25.74
C ARG E 76 -5.25 -52.80 26.68
N THR E 77 -3.99 -52.58 26.32
CA THR E 77 -2.87 -52.99 27.16
C THR E 77 -2.91 -52.29 28.51
N GLN E 78 -3.25 -51.00 28.50
CA GLN E 78 -3.35 -50.22 29.73
C GLN E 78 -4.36 -50.84 30.69
N GLY E 79 -5.55 -51.14 30.16
CA GLY E 79 -6.60 -51.73 30.96
C GLY E 79 -6.24 -53.11 31.42
N PHE E 80 -5.59 -53.88 30.54
CA PHE E 80 -5.08 -55.19 30.88
C PHE E 80 -4.17 -55.05 32.10
N LEU E 81 -3.25 -54.09 32.05
CA LEU E 81 -2.35 -53.84 33.16
C LEU E 81 -3.12 -53.28 34.34
N ALA E 82 -4.20 -52.56 34.07
CA ALA E 82 -5.02 -51.97 35.13
C ALA E 82 -5.69 -53.04 35.98
N LYS E 83 -6.04 -54.17 35.37
CA LYS E 83 -6.65 -55.26 36.12
C LYS E 83 -5.67 -55.93 37.06
N LEU E 84 -4.39 -55.89 36.71
CA LEU E 84 -3.34 -56.42 37.56
C LEU E 84 -2.90 -55.40 38.62
N GLY E 85 -3.56 -54.25 38.62
CA GLY E 85 -3.23 -53.19 39.57
C GLY E 85 -2.04 -52.36 39.12
N ILE E 86 -1.70 -52.47 37.85
CA ILE E 86 -0.57 -51.73 37.28
C ILE E 86 -1.09 -50.56 36.47
N VAL E 87 -0.81 -49.34 36.93
CA VAL E 87 -1.31 -48.13 36.29
C VAL E 87 -0.18 -47.31 35.65
N GLN E 88 1.02 -47.40 36.22
CA GLN E 88 2.19 -46.71 35.66
C GLN E 88 3.47 -47.53 35.73
N SER E 89 3.60 -48.42 36.71
CA SER E 89 4.82 -49.18 36.89
C SER E 89 4.98 -50.22 35.78
N TYR E 90 5.34 -49.78 34.58
CA TYR E 90 5.57 -50.67 33.45
C TYR E 90 6.54 -50.09 32.44
N VAL E 91 7.11 -50.96 31.63
CA VAL E 91 7.88 -50.58 30.48
C VAL E 91 7.48 -51.36 29.22
N VAL E 93 8.28 -52.33 25.03
CA VAL E 93 9.24 -52.38 23.94
C VAL E 93 8.63 -53.23 22.84
N ASN E 94 8.78 -52.90 21.58
CA ASN E 94 8.20 -53.69 20.50
C ASN E 94 9.20 -54.66 19.90
N THR E 95 8.73 -55.64 19.18
CA THR E 95 9.57 -56.57 18.45
C THR E 95 10.38 -55.80 17.44
N PHE E 96 9.70 -54.90 16.71
CA PHE E 96 10.33 -54.07 15.70
C PHE E 96 10.29 -52.58 16.08
N LEU E 97 11.39 -51.89 15.83
CA LEU E 97 11.44 -50.45 16.04
C LEU E 97 10.54 -49.74 15.05
N TYR E 98 10.56 -50.24 13.81
CA TYR E 98 9.77 -49.66 12.74
C TYR E 98 8.53 -50.50 12.46
N SER E 99 7.53 -49.88 11.84
CA SER E 99 6.30 -50.55 11.50
C SER E 99 6.47 -51.41 10.25
N VAL E 100 5.71 -52.50 10.18
CA VAL E 100 5.70 -53.34 9.00
C VAL E 100 4.89 -52.67 7.91
N TYR E 101 5.42 -52.71 6.70
CA TYR E 101 4.72 -52.20 5.52
C TYR E 101 4.01 -53.31 4.77
N GLY E 102 2.69 -53.36 4.91
CA GLY E 102 1.89 -54.36 4.24
C GLY E 102 1.10 -55.28 5.14
N GLN E 103 0.81 -56.47 4.62
CA GLN E 103 0.01 -57.47 5.31
C GLN E 103 0.75 -58.75 5.68
N SER E 104 1.45 -59.31 4.69
CA SER E 104 2.19 -60.55 4.86
C SER E 104 3.61 -60.34 5.39
N GLY E 105 4.04 -59.08 5.44
CA GLY E 105 5.37 -58.76 5.92
C GLY E 105 5.48 -58.87 7.43
N GLY E 106 6.72 -58.90 7.92
CA GLY E 106 6.99 -58.91 9.35
C GLY E 106 7.81 -60.12 9.75
N SER E 107 7.20 -61.30 9.62
CA SER E 107 7.84 -62.55 10.00
C SER E 107 8.94 -62.93 9.00
N LYS E 108 8.84 -62.36 7.81
CA LYS E 108 9.81 -62.59 6.75
C LYS E 108 11.24 -62.16 7.15
N HIS E 109 11.34 -61.31 8.18
CA HIS E 109 12.64 -60.82 8.67
C HIS E 109 12.84 -61.01 10.18
N LYS E 110 12.12 -61.95 10.77
CA LYS E 110 12.11 -62.13 12.22
C LYS E 110 13.44 -62.59 12.83
N ASN E 111 14.33 -63.15 12.02
CA ASN E 111 15.57 -63.72 12.52
C ASN E 111 16.82 -62.97 12.05
N GLU E 112 16.62 -61.75 11.55
CA GLU E 112 17.74 -60.92 11.15
C GLU E 112 18.58 -60.53 12.37
N PRO E 113 19.90 -60.83 12.34
CA PRO E 113 20.75 -60.48 13.48
C PRO E 113 20.70 -58.98 13.83
N GLY E 114 20.75 -58.12 12.82
CA GLY E 114 20.73 -56.68 13.03
C GLY E 114 19.56 -56.24 13.89
N ILE E 115 18.38 -56.77 13.61
CA ILE E 115 17.19 -56.48 14.37
C ILE E 115 17.26 -57.09 15.78
N VAL E 116 17.55 -58.39 15.82
CA VAL E 116 17.50 -59.15 17.06
C VAL E 116 18.54 -58.66 18.06
N ASP E 117 19.77 -58.51 17.60
CA ASP E 117 20.86 -58.07 18.47
C ASP E 117 20.52 -56.75 19.14
N TYR E 118 19.95 -55.81 18.38
CA TYR E 118 19.59 -54.51 18.93
C TYR E 118 18.50 -54.63 19.99
N ARG E 119 17.43 -55.34 19.66
CA ARG E 119 16.31 -55.55 20.59
C ARG E 119 16.79 -56.15 21.91
N ASN E 120 17.74 -57.08 21.82
CA ASN E 120 18.26 -57.73 23.02
C ASN E 120 19.00 -56.75 23.91
N LYS E 121 19.65 -55.75 23.30
CA LYS E 121 20.35 -54.72 24.07
C LYS E 121 19.36 -53.92 24.89
N TRP E 122 18.15 -53.75 24.36
CA TRP E 122 17.09 -53.05 25.08
C TRP E 122 16.54 -53.90 26.21
N PHE E 123 16.30 -55.18 25.91
CA PHE E 123 15.90 -56.16 26.92
C PHE E 123 16.87 -56.14 28.09
N LYS E 124 18.16 -56.25 27.77
CA LYS E 124 19.20 -56.25 28.79
C LYS E 124 19.15 -54.99 29.66
N ALA E 125 18.84 -53.87 29.04
CA ALA E 125 18.81 -52.59 29.74
C ALA E 125 17.61 -52.46 30.66
N VAL E 126 16.44 -52.92 30.20
CA VAL E 126 15.21 -52.81 30.99
C VAL E 126 15.11 -53.89 32.06
N LEU E 127 15.68 -55.06 31.80
CA LEU E 127 15.64 -56.16 32.76
C LEU E 127 16.74 -56.01 33.80
N GLY E 128 17.78 -55.27 33.46
CA GLY E 128 18.95 -55.05 34.31
C GLY E 128 18.70 -54.85 35.80
N PRO E 129 17.85 -53.87 36.15
CA PRO E 129 17.55 -53.54 37.55
C PRO E 129 17.01 -54.73 38.36
N GLY E 130 16.38 -55.67 37.68
CA GLY E 130 15.91 -56.88 38.33
C GLY E 130 14.72 -56.65 39.25
N ASN E 131 13.84 -55.73 38.85
CA ASN E 131 12.59 -55.49 39.55
C ASN E 131 11.41 -55.93 38.69
N ILE E 132 11.72 -56.53 37.55
CA ILE E 132 10.71 -57.04 36.63
C ILE E 132 10.14 -58.35 37.15
N GLU E 133 8.84 -58.35 37.44
CA GLU E 133 8.20 -59.49 38.07
C GLU E 133 7.39 -60.30 37.07
N ALA E 134 7.12 -59.70 35.92
CA ALA E 134 6.30 -60.35 34.89
C ALA E 134 6.64 -59.85 33.48
N VAL E 135 6.37 -60.70 32.50
CA VAL E 135 6.58 -60.36 31.09
C VAL E 135 5.38 -60.83 30.28
N VAL E 136 4.88 -59.95 29.40
CA VAL E 136 3.72 -60.27 28.57
C VAL E 136 3.96 -59.91 27.10
N SER E 137 3.92 -60.91 26.24
CA SER E 137 4.11 -60.68 24.82
C SER E 137 2.76 -60.61 24.12
N LEU E 138 2.65 -59.71 23.15
CA LEU E 138 1.41 -59.50 22.41
C LEU E 138 1.52 -60.07 21.00
N GLY E 139 0.93 -61.24 20.80
CA GLY E 139 0.94 -61.88 19.49
C GLY E 139 2.11 -62.81 19.29
N GLY E 140 2.22 -63.34 18.07
CA GLY E 140 3.23 -64.32 17.75
C GLY E 140 4.66 -63.81 17.71
N LEU E 141 4.88 -62.71 17.00
CA LEU E 141 6.24 -62.22 16.81
C LEU E 141 6.87 -61.72 18.11
N ALA E 142 6.05 -61.18 18.99
CA ALA E 142 6.51 -60.80 20.32
C ALA E 142 6.95 -62.03 21.08
N ASP E 143 6.17 -63.10 20.94
CA ASP E 143 6.46 -64.36 21.59
C ASP E 143 7.79 -64.94 21.16
N GLU E 144 8.00 -65.00 19.85
CA GLU E 144 9.25 -65.53 19.30
C GLU E 144 10.42 -64.62 19.65
N ALA E 145 10.13 -63.33 19.85
CA ALA E 145 11.17 -62.39 20.25
C ALA E 145 11.67 -62.68 21.66
N TRP E 146 10.75 -62.94 22.57
CA TRP E 146 11.11 -63.26 23.95
C TRP E 146 11.80 -64.62 24.02
N LYS E 147 11.32 -65.57 23.22
CA LYS E 147 11.96 -66.89 23.17
C LYS E 147 13.36 -66.80 22.58
N ALA E 148 13.51 -66.04 21.50
CA ALA E 148 14.82 -65.85 20.88
C ALA E 148 15.76 -65.12 21.83
N TRP E 149 15.18 -64.29 22.69
CA TRP E 149 15.94 -63.57 23.70
C TRP E 149 16.48 -64.52 24.76
N LEU E 150 15.63 -65.42 25.25
CA LEU E 150 16.04 -66.37 26.27
C LEU E 150 17.10 -67.37 25.77
N LYS E 151 17.13 -67.66 24.48
CA LYS E 151 18.10 -68.62 23.95
C LYS E 151 19.49 -68.00 23.81
N SER E 152 19.65 -66.76 24.25
CA SER E 152 20.94 -66.09 24.22
C SER E 152 21.59 -66.14 25.60
N SER E 153 22.87 -65.79 25.66
CA SER E 153 23.63 -65.81 26.89
C SER E 153 23.03 -64.89 27.95
N ASP E 154 22.83 -63.63 27.58
CA ASP E 154 22.34 -62.62 28.53
C ASP E 154 20.89 -62.87 28.95
N GLY E 155 20.15 -63.62 28.15
CA GLY E 155 18.75 -63.89 28.42
C GLY E 155 18.57 -65.03 29.40
N ALA E 156 19.57 -65.90 29.47
CA ALA E 156 19.51 -67.12 30.28
C ALA E 156 19.09 -66.87 31.73
N ALA E 157 19.45 -65.72 32.28
CA ALA E 157 19.14 -65.42 33.68
C ALA E 157 17.63 -65.23 33.90
N TYR E 158 16.88 -65.18 32.80
CA TYR E 158 15.45 -64.86 32.85
C TYR E 158 14.60 -66.04 32.40
N LYS E 159 15.21 -67.23 32.34
CA LYS E 159 14.51 -68.43 31.93
C LYS E 159 13.46 -68.83 32.97
N THR E 160 13.67 -68.38 34.21
CA THR E 160 12.76 -68.69 35.32
C THR E 160 11.63 -67.66 35.49
N LEU E 161 11.71 -66.56 34.76
CA LEU E 161 10.82 -65.43 34.98
C LEU E 161 9.40 -65.66 34.45
N ALA E 162 8.41 -65.36 35.29
CA ALA E 162 7.00 -65.48 34.94
C ALA E 162 6.72 -64.80 33.61
N TYR E 163 6.26 -65.60 32.64
CA TYR E 163 6.08 -65.14 31.27
C TYR E 163 4.74 -65.58 30.72
N GLN E 164 4.10 -64.67 29.98
CA GLN E 164 2.83 -64.98 29.34
C GLN E 164 2.71 -64.48 27.91
N HIS E 165 2.49 -65.42 26.99
CA HIS E 165 2.14 -65.10 25.62
C HIS E 165 0.62 -64.99 25.46
N ILE E 166 0.15 -63.78 25.15
CA ILE E 166 -1.27 -63.54 24.93
C ILE E 166 -1.54 -63.03 23.51
N THR E 167 -2.78 -63.11 23.09
CA THR E 167 -3.16 -62.71 21.75
C THR E 167 -3.02 -61.20 21.58
N HIS E 168 -2.49 -60.78 20.45
CA HIS E 168 -2.23 -59.36 20.18
C HIS E 168 -3.54 -58.56 20.15
N PRO E 169 -3.67 -57.53 21.01
CA PRO E 169 -4.92 -56.79 21.24
C PRO E 169 -5.79 -56.46 20.01
N THR E 170 -5.22 -56.38 18.82
CA THR E 170 -6.00 -56.02 17.62
C THR E 170 -6.13 -57.16 16.61
N TRP E 171 -6.10 -58.39 17.11
CA TRP E 171 -6.34 -59.56 16.26
C TRP E 171 -7.79 -59.69 15.78
N PRO E 172 -8.77 -59.45 16.66
CA PRO E 172 -10.18 -59.56 16.27
C PRO E 172 -10.51 -58.70 15.05
N GLU E 173 -10.06 -57.46 15.09
CA GLU E 173 -10.32 -56.49 14.03
C GLU E 173 -9.40 -56.73 12.84
N SER E 174 -8.26 -57.36 13.08
CA SER E 174 -7.29 -57.64 12.03
C SER E 174 -7.65 -58.92 11.28
N SER E 175 -8.45 -59.76 11.92
CA SER E 175 -8.89 -61.01 11.33
C SER E 175 -9.97 -60.81 10.27
N ALA E 176 -11.11 -60.32 10.73
CA ALA E 176 -12.30 -60.25 9.91
C ALA E 176 -12.78 -58.83 9.72
N HIS E 177 -13.81 -58.72 8.90
CA HIS E 177 -14.40 -57.45 8.55
C HIS E 177 -15.80 -57.30 9.15
N ASP E 178 -16.55 -58.40 9.25
CA ASP E 178 -17.91 -58.37 9.78
C ASP E 178 -17.96 -58.14 11.30
N SER E 179 -18.88 -57.27 11.74
CA SER E 179 -19.02 -56.93 13.15
C SER E 179 -19.29 -58.14 14.04
N ALA E 180 -20.06 -59.10 13.53
CA ALA E 180 -20.44 -60.27 14.29
C ALA E 180 -19.22 -61.13 14.60
N THR E 181 -18.48 -61.47 13.55
CA THR E 181 -17.26 -62.27 13.69
C THR E 181 -16.23 -61.56 14.56
N GLN E 182 -16.18 -60.23 14.48
CA GLN E 182 -15.25 -59.48 15.31
C GLN E 182 -15.60 -59.65 16.78
N ALA E 183 -16.88 -59.55 17.09
CA ALA E 183 -17.35 -59.77 18.45
C ALA E 183 -17.07 -61.21 18.84
N ALA E 184 -17.18 -62.11 17.86
CA ALA E 184 -16.93 -63.53 18.09
C ALA E 184 -15.45 -63.80 18.35
N ASN E 185 -14.57 -63.15 17.60
CA ASN E 185 -13.13 -63.32 17.83
C ASN E 185 -12.62 -62.42 18.95
N THR E 186 -13.52 -61.63 19.51
CA THR E 186 -13.22 -60.84 20.70
C THR E 186 -13.53 -61.73 21.88
N LYS E 187 -14.60 -62.46 21.78
CA LYS E 187 -14.96 -63.41 22.83
C LYS E 187 -13.82 -64.32 23.09
N ILE E 188 -13.31 -64.91 22.04
CA ILE E 188 -12.25 -65.86 22.16
C ILE E 188 -11.02 -65.28 22.76
N LEU E 190 -10.58 -62.58 24.74
CA LEU E 190 -10.64 -62.13 26.11
C LEU E 190 -10.51 -63.27 27.04
N ALA E 191 -11.30 -64.32 26.84
CA ALA E 191 -11.17 -65.57 27.59
C ALA E 191 -9.74 -65.91 27.93
N LYS E 192 -8.91 -66.02 26.91
CA LYS E 192 -7.48 -66.28 27.11
C LYS E 192 -6.83 -65.16 27.90
N TRP E 193 -7.30 -63.94 27.72
CA TRP E 193 -6.79 -62.83 28.51
C TRP E 193 -7.13 -63.09 29.98
N ASN E 194 -8.35 -63.57 30.24
CA ASN E 194 -8.75 -63.92 31.59
C ASN E 194 -7.83 -65.00 32.15
N ALA E 195 -7.48 -65.96 31.31
CA ALA E 195 -6.56 -67.02 31.69
C ALA E 195 -5.18 -66.46 32.03
N ALA E 196 -4.71 -65.54 31.20
CA ALA E 196 -3.41 -64.91 31.40
C ALA E 196 -3.38 -64.07 32.67
N LEU E 197 -4.47 -63.36 32.91
CA LEU E 197 -4.59 -62.53 34.10
C LEU E 197 -4.63 -63.40 35.36
N ALA E 198 -5.39 -64.48 35.30
CA ALA E 198 -5.46 -65.44 36.39
C ALA E 198 -4.08 -66.02 36.68
N ALA E 199 -3.30 -66.21 35.61
CA ALA E 199 -1.97 -66.79 35.72
C ALA E 199 -0.91 -65.81 36.24
N LEU E 200 -1.09 -64.52 35.95
CA LEU E 200 -0.07 -63.53 36.27
C LEU E 200 -0.28 -62.83 37.60
N ALA E 201 -1.53 -62.65 37.99
CA ALA E 201 -1.88 -61.93 39.22
C ALA E 201 -1.09 -62.38 40.46
N PRO E 202 -0.93 -63.70 40.66
CA PRO E 202 -0.24 -64.15 41.88
C PRO E 202 1.24 -63.78 41.91
N GLU E 203 1.85 -63.55 40.75
CA GLU E 203 3.29 -63.31 40.67
C GLU E 203 3.60 -61.81 40.58
N VAL E 204 2.55 -61.02 40.36
CA VAL E 204 2.67 -59.56 40.38
C VAL E 204 2.44 -59.10 41.82
N LYS E 205 3.50 -59.17 42.63
CA LYS E 205 3.39 -58.89 44.06
C LYS E 205 3.64 -57.43 44.46
N HIS E 206 4.14 -56.62 43.54
CA HIS E 206 4.22 -55.18 43.79
C HIS E 206 3.50 -54.41 42.70
N PRO E 207 2.18 -54.20 42.87
CA PRO E 207 1.40 -53.34 41.98
C PRO E 207 1.42 -51.89 42.44
N ASP E 208 0.90 -50.99 41.62
CA ASP E 208 0.80 -49.59 41.99
C ASP E 208 -0.35 -49.37 42.97
N VAL E 209 -1.43 -50.13 42.79
CA VAL E 209 -2.56 -50.08 43.71
C VAL E 209 -3.11 -51.49 43.88
N PRO E 210 -3.34 -51.93 45.13
CA PRO E 210 -3.95 -53.25 45.37
C PRO E 210 -5.30 -53.44 44.67
N THR E 211 -5.38 -54.43 43.77
CA THR E 211 -6.59 -54.67 42.99
C THR E 211 -6.92 -56.15 42.76
N THR E 212 -8.15 -56.56 43.10
CA THR E 212 -8.63 -57.90 42.79
C THR E 212 -9.01 -58.01 41.32
N LEU E 213 -8.66 -59.14 40.72
CA LEU E 213 -8.87 -59.37 39.30
C LEU E 213 -10.35 -59.38 38.95
N VAL E 214 -10.73 -58.54 38.00
CA VAL E 214 -12.09 -58.49 37.48
C VAL E 214 -12.05 -59.03 36.06
N PRO E 215 -12.53 -60.28 35.87
CA PRO E 215 -12.39 -60.89 34.53
C PRO E 215 -13.14 -60.14 33.43
N TYR E 216 -12.62 -60.27 32.21
CA TYR E 216 -13.27 -59.73 31.02
C TYR E 216 -14.64 -60.35 30.78
N GLY E 217 -15.52 -59.57 30.17
CA GLY E 217 -16.81 -60.06 29.73
C GLY E 217 -16.70 -60.66 28.34
N ASP E 218 -17.76 -60.49 27.56
CA ASP E 218 -17.78 -60.97 26.19
C ASP E 218 -17.05 -59.97 25.30
N ALA E 219 -17.18 -58.70 25.65
CA ALA E 219 -16.57 -57.60 24.89
C ALA E 219 -15.91 -56.62 25.85
N PHE E 220 -15.22 -55.62 25.30
CA PHE E 220 -14.53 -54.64 26.14
C PHE E 220 -15.45 -53.60 26.77
N LYS E 221 -15.79 -53.81 28.03
CA LYS E 221 -16.28 -52.77 28.93
C LYS E 221 -15.45 -51.49 28.82
N PRO E 222 -16.10 -50.31 28.67
CA PRO E 222 -15.30 -49.08 28.56
C PRO E 222 -14.29 -48.91 29.70
N SER E 223 -14.64 -49.38 30.89
CA SER E 223 -13.73 -49.33 32.04
C SER E 223 -12.43 -50.08 31.80
N GLU E 224 -12.46 -51.01 30.85
CA GLU E 224 -11.30 -51.83 30.54
C GLU E 224 -10.47 -51.20 29.41
N LEU E 225 -10.86 -49.99 29.02
CA LEU E 225 -10.13 -49.19 28.04
C LEU E 225 -9.60 -47.93 28.71
N VAL E 226 -8.35 -47.98 29.14
CA VAL E 226 -7.76 -46.92 29.95
C VAL E 226 -6.90 -45.98 29.11
N ASP E 227 -7.22 -44.69 29.18
CA ASP E 227 -6.43 -43.69 28.47
C ASP E 227 -4.99 -43.71 28.96
N ILE E 228 -4.05 -43.52 28.03
CA ILE E 228 -2.64 -43.50 28.39
C ILE E 228 -2.35 -42.36 29.36
N ILE E 229 -1.56 -42.66 30.38
CA ILE E 229 -1.24 -41.69 31.42
C ILE E 229 -0.28 -40.63 30.90
N ALA E 230 -0.33 -39.45 31.50
CA ALA E 230 0.47 -38.32 31.06
C ALA E 230 1.96 -38.59 31.20
N LYS E 231 2.31 -39.37 32.22
CA LYS E 231 3.70 -39.64 32.56
C LYS E 231 4.45 -40.39 31.46
N ASP E 232 3.72 -40.93 30.49
CA ASP E 232 4.32 -41.71 29.40
C ASP E 232 4.65 -40.87 28.17
N LEU E 233 4.03 -39.70 28.05
CA LEU E 233 4.18 -38.88 26.85
C LEU E 233 5.25 -37.81 27.00
N PRO E 234 5.99 -37.51 25.91
CA PRO E 234 7.01 -36.45 25.95
C PRO E 234 6.47 -35.08 26.37
N ALA E 235 7.37 -34.21 26.80
CA ALA E 235 7.02 -32.87 27.27
C ALA E 235 6.20 -32.07 26.26
N GLY E 236 5.07 -31.55 26.71
CA GLY E 236 4.32 -30.56 25.95
C GLY E 236 3.09 -31.09 25.22
N LEU E 237 3.12 -32.36 24.84
CA LEU E 237 2.06 -32.94 24.03
C LEU E 237 0.73 -32.80 24.78
N PRO E 238 -0.36 -32.50 24.11
CA PRO E 238 -1.52 -32.29 24.90
C PRO E 238 -2.36 -33.50 25.09
N ALA E 239 -3.38 -33.32 25.93
CA ALA E 239 -4.13 -34.37 26.55
C ALA E 239 -5.14 -35.02 25.69
N TRP E 240 -5.33 -34.56 24.46
CA TRP E 240 -6.17 -35.27 23.52
C TRP E 240 -5.42 -36.37 22.88
N ARG E 242 -3.39 -38.28 24.33
CA ARG E 242 -3.60 -39.45 25.11
C ARG E 242 -5.06 -39.52 25.51
N GLY E 243 -5.93 -40.02 24.66
CA GLY E 243 -7.33 -39.96 24.91
C GLY E 243 -8.03 -41.11 24.30
N ASP E 244 -9.35 -41.15 24.40
CA ASP E 244 -10.07 -42.32 23.90
C ASP E 244 -10.46 -42.24 22.42
N THR E 245 -10.14 -41.11 21.78
CA THR E 245 -10.58 -40.86 20.41
C THR E 245 -9.40 -40.96 19.43
N PRO E 246 -9.58 -41.65 18.29
CA PRO E 246 -8.50 -41.65 17.30
C PRO E 246 -8.23 -40.25 16.79
N TRP E 247 -6.97 -39.93 16.50
CA TRP E 247 -6.60 -38.59 16.08
C TRP E 247 -5.50 -38.60 15.03
N ALA E 248 -5.20 -39.78 14.50
CA ALA E 248 -4.20 -39.92 13.44
C ALA E 248 -4.61 -41.00 12.46
N VAL E 249 -4.33 -40.77 11.19
CA VAL E 249 -4.69 -41.71 10.15
C VAL E 249 -3.81 -41.51 8.92
N ARG E 250 -3.48 -42.59 8.24
CA ARG E 250 -2.71 -42.51 7.00
C ARG E 250 -3.65 -42.29 5.84
N GLN E 251 -3.23 -41.48 4.88
CA GLN E 251 -4.11 -41.08 3.80
C GLN E 251 -3.36 -41.02 2.48
N GLY E 252 -4.04 -41.48 1.43
CA GLY E 252 -3.46 -41.56 0.11
C GLY E 252 -4.42 -42.34 -0.78
N VAL E 253 -4.24 -42.22 -2.08
CA VAL E 253 -5.14 -42.84 -3.03
C VAL E 253 -4.74 -44.26 -3.40
N ASP E 254 -3.42 -44.45 -3.50
CA ASP E 254 -2.84 -45.75 -3.75
C ASP E 254 -1.92 -46.11 -2.59
N ALA E 255 -1.30 -47.29 -2.66
CA ALA E 255 -0.49 -47.77 -1.54
C ALA E 255 0.69 -46.84 -1.27
N ALA E 256 1.24 -46.24 -2.31
CA ALA E 256 2.40 -45.37 -2.17
C ALA E 256 2.02 -44.05 -1.51
N ALA E 257 0.94 -43.44 -1.97
CA ALA E 257 0.46 -42.18 -1.42
C ALA E 257 0.13 -42.32 0.06
N LYS E 258 -0.47 -43.44 0.43
CA LYS E 258 -0.87 -43.68 1.81
C LYS E 258 0.36 -43.80 2.70
N ARG E 259 1.46 -44.30 2.13
CA ARG E 259 2.67 -44.52 2.90
C ARG E 259 3.40 -43.22 3.25
N ARG E 260 3.27 -42.21 2.40
CA ARG E 260 4.02 -40.97 2.58
C ARG E 260 3.30 -40.00 3.52
N THR E 261 2.01 -40.13 3.73
CA THR E 261 1.23 -39.17 4.45
C THR E 261 0.57 -39.77 5.65
N ILE E 262 0.40 -38.99 6.69
CA ILE E 262 -0.40 -39.31 7.85
C ILE E 262 -1.20 -38.07 8.12
N ILE E 264 -3.34 -35.94 11.04
CA ILE E 264 -3.79 -35.70 12.38
C ILE E 264 -5.00 -34.79 12.40
N THR E 265 -6.01 -35.16 13.16
CA THR E 265 -7.17 -34.37 13.36
C THR E 265 -7.42 -34.37 14.82
N ILE E 266 -7.50 -33.20 15.39
CA ILE E 266 -7.85 -33.01 16.79
C ILE E 266 -9.33 -33.38 17.00
N PRO E 267 -9.63 -34.15 18.06
CA PRO E 267 -11.03 -34.51 18.33
C PRO E 267 -11.94 -33.32 18.57
N ASP E 268 -13.22 -33.47 18.27
CA ASP E 268 -14.20 -32.42 18.50
C ASP E 268 -14.33 -32.18 20.00
N GLY E 269 -14.37 -30.91 20.41
CA GLY E 269 -14.55 -30.54 21.80
C GLY E 269 -13.34 -29.89 22.45
N VAL E 270 -12.18 -29.98 21.81
CA VAL E 270 -10.96 -29.38 22.36
C VAL E 270 -10.93 -27.87 22.15
N ILE E 271 -11.29 -27.44 20.94
CA ILE E 271 -11.32 -26.02 20.60
C ILE E 271 -12.74 -25.48 20.77
N PRO E 272 -12.89 -24.34 21.47
CA PRO E 272 -14.25 -23.83 21.69
C PRO E 272 -14.92 -23.37 20.39
N LEU F 2 26.99 -42.89 14.11
CA LEU F 2 25.91 -42.70 15.07
C LEU F 2 25.08 -41.46 14.72
N THR F 3 24.02 -41.23 15.49
CA THR F 3 23.16 -40.08 15.26
C THR F 3 22.92 -39.31 16.56
N GLU F 4 23.32 -38.05 16.56
CA GLU F 4 23.16 -37.20 17.74
C GLU F 4 21.71 -36.73 17.87
N PHE F 5 21.29 -36.46 19.10
CA PHE F 5 19.93 -36.00 19.36
C PHE F 5 19.83 -35.23 20.67
N ASP F 6 18.70 -34.55 20.87
CA ASP F 6 18.44 -33.79 22.09
C ASP F 6 17.67 -34.63 23.11
N ALA F 7 18.33 -34.99 24.20
CA ALA F 7 17.72 -35.83 25.22
C ALA F 7 16.48 -35.18 25.82
N GLY F 8 16.42 -33.85 25.75
CA GLY F 8 15.22 -33.12 26.14
C GLY F 8 15.38 -32.32 27.42
N TYR F 9 14.53 -32.61 28.39
CA TYR F 9 14.37 -31.75 29.57
C TYR F 9 14.45 -32.53 30.88
N GLY F 10 15.52 -33.32 31.06
CA GLY F 10 15.67 -34.13 32.25
C GLY F 10 16.21 -33.35 33.44
N GLU F 11 17.21 -32.50 33.20
CA GLU F 11 17.85 -31.76 34.28
C GLU F 11 17.08 -30.50 34.64
N GLN F 12 17.00 -30.21 35.94
CA GLN F 12 16.39 -28.98 36.42
C GLN F 12 17.25 -27.82 35.94
N PRO F 13 16.68 -26.61 35.87
CA PRO F 13 15.33 -26.18 36.23
C PRO F 13 14.28 -26.44 35.16
N PHE F 14 14.68 -27.11 34.07
CA PHE F 14 13.84 -27.22 32.90
C PHE F 14 12.71 -28.23 33.00
N ARG F 15 12.89 -29.28 33.80
CA ARG F 15 11.85 -30.29 33.93
C ARG F 15 10.66 -29.70 34.67
N ASP F 16 10.91 -29.03 35.79
CA ASP F 16 9.85 -28.36 36.54
C ASP F 16 9.16 -27.32 35.67
N LEU F 17 9.92 -26.71 34.77
CA LEU F 17 9.36 -25.73 33.85
C LEU F 17 8.41 -26.40 32.88
N CYS F 18 8.84 -27.51 32.32
CA CYS F 18 8.04 -28.23 31.33
C CYS F 18 6.87 -28.98 31.96
N ALA F 19 6.93 -29.18 33.27
CA ALA F 19 5.86 -29.85 33.99
C ALA F 19 4.78 -28.86 34.38
N ASN F 20 5.19 -27.62 34.64
CA ASN F 20 4.28 -26.55 35.03
C ASN F 20 4.23 -25.42 34.00
N TYR F 21 3.53 -25.65 32.89
CA TYR F 21 3.44 -24.64 31.84
C TYR F 21 2.07 -23.97 31.85
N PRO F 22 1.96 -22.77 31.26
CA PRO F 22 0.70 -22.04 31.29
C PRO F 22 -0.26 -22.46 30.17
N GLY F 23 -1.55 -22.43 30.46
CA GLY F 23 -2.57 -22.82 29.51
C GLY F 23 -3.56 -21.71 29.19
N ALA F 24 -4.85 -22.05 29.27
CA ALA F 24 -5.91 -21.12 28.90
C ALA F 24 -6.00 -19.93 29.85
N GLU F 25 -5.46 -20.07 31.07
CA GLU F 25 -5.53 -18.99 32.04
C GLU F 25 -4.62 -17.82 31.64
N ALA F 26 -3.75 -18.07 30.67
CA ALA F 26 -2.80 -17.06 30.20
C ALA F 26 -2.97 -16.82 28.70
N TYR F 27 -2.95 -17.89 27.92
CA TYR F 27 -3.15 -17.80 26.48
C TYR F 27 -4.61 -17.99 26.10
N ASP F 28 -5.20 -16.98 25.48
CA ASP F 28 -6.60 -17.05 25.07
C ASP F 28 -6.81 -18.20 24.07
N PRO F 29 -7.77 -19.11 24.35
CA PRO F 29 -7.92 -20.27 23.48
C PRO F 29 -8.28 -19.94 22.03
N HIS F 30 -8.89 -18.79 21.78
CA HIS F 30 -9.26 -18.40 20.42
C HIS F 30 -8.11 -17.73 19.68
N ASP F 31 -7.38 -16.88 20.38
CA ASP F 31 -6.29 -16.13 19.76
C ASP F 31 -5.01 -16.97 19.68
N PHE F 32 -4.91 -17.97 20.57
CA PHE F 32 -3.76 -18.87 20.57
C PHE F 32 -4.17 -20.32 20.30
N ARG F 33 -3.32 -21.05 19.59
CA ARG F 33 -3.54 -22.46 19.29
C ARG F 33 -3.05 -23.36 20.42
N ILE F 34 -3.68 -23.25 21.58
CA ILE F 34 -3.25 -24.03 22.74
C ILE F 34 -3.55 -25.52 22.57
N GLU F 35 -4.41 -25.84 21.61
CA GLU F 35 -4.84 -27.21 21.38
C GLU F 35 -3.67 -28.13 21.06
N TRP F 36 -2.57 -27.57 20.56
CA TRP F 36 -1.41 -28.36 20.17
C TRP F 36 -0.39 -28.51 21.29
N GLY F 37 -0.65 -27.89 22.44
CA GLY F 37 0.29 -27.94 23.55
C GLY F 37 1.50 -27.06 23.29
N PRO F 38 2.30 -26.81 24.33
CA PRO F 38 3.45 -25.90 24.18
C PRO F 38 4.69 -26.52 23.57
N ILE F 39 5.37 -25.75 22.73
CA ILE F 39 6.70 -26.07 22.26
C ILE F 39 7.66 -25.11 22.94
N PHE F 40 8.70 -25.64 23.57
CA PHE F 40 9.48 -24.89 24.55
C PHE F 40 10.74 -24.22 24.00
N HIS F 41 11.50 -24.91 23.16
CA HIS F 41 12.80 -24.39 22.74
C HIS F 41 13.39 -25.14 21.56
N ARG F 42 14.57 -24.69 21.14
CA ARG F 42 15.45 -25.47 20.27
C ARG F 42 16.89 -25.09 20.57
N GLY F 43 17.74 -26.10 20.72
CA GLY F 43 19.16 -25.89 21.01
C GLY F 43 19.60 -26.43 22.34
N ARG F 44 20.69 -25.88 22.87
CA ARG F 44 21.38 -26.44 24.02
C ARG F 44 20.78 -25.96 25.35
N LEU F 45 20.77 -26.85 26.33
CA LEU F 45 20.32 -26.51 27.68
C LEU F 45 21.35 -26.97 28.72
N ASP F 46 22.58 -27.20 28.27
CA ASP F 46 23.66 -27.63 29.15
C ASP F 46 24.61 -26.48 29.49
N GLY F 47 24.36 -25.31 28.92
CA GLY F 47 25.17 -24.12 29.18
C GLY F 47 26.11 -23.74 28.06
N SER F 48 26.26 -24.61 27.07
CA SER F 48 27.21 -24.37 25.98
C SER F 48 26.74 -23.34 24.96
N ALA F 49 25.50 -22.87 25.10
CA ALA F 49 24.94 -21.90 24.16
C ALA F 49 25.66 -20.55 24.26
N ARG F 50 25.91 -19.93 23.11
CA ARG F 50 26.59 -18.65 23.04
C ARG F 50 25.65 -17.56 22.55
N VAL F 51 24.72 -17.94 21.68
CA VAL F 51 23.70 -17.03 21.16
C VAL F 51 22.30 -17.47 21.57
N LEU F 52 21.49 -16.50 21.97
CA LEU F 52 20.08 -16.74 22.25
C LEU F 52 19.26 -16.13 21.12
N ILE F 53 18.41 -16.95 20.51
CA ILE F 53 17.48 -16.47 19.49
C ILE F 53 16.10 -16.32 20.10
N VAL F 54 15.55 -15.10 20.05
CA VAL F 54 14.18 -14.88 20.46
C VAL F 54 13.27 -14.77 19.23
N GLY F 55 12.56 -15.85 18.94
CA GLY F 55 11.62 -15.89 17.83
C GLY F 55 10.25 -15.44 18.31
N GLN F 56 9.26 -15.52 17.44
CA GLN F 56 7.91 -15.08 17.81
C GLN F 56 7.07 -16.24 18.31
N ASP F 57 6.61 -17.09 17.39
CA ASP F 57 5.73 -18.19 17.74
C ASP F 57 5.87 -19.36 16.77
N PRO F 58 5.63 -20.59 17.26
CA PRO F 58 5.80 -21.79 16.43
C PRO F 58 4.75 -21.92 15.33
N ALA F 59 4.98 -22.86 14.42
CA ALA F 59 4.04 -23.15 13.35
C ALA F 59 3.83 -24.66 13.24
N GLN F 60 3.38 -25.12 12.08
CA GLN F 60 2.99 -26.51 11.90
C GLN F 60 4.17 -27.49 11.97
N HIS F 61 5.33 -27.10 11.45
CA HIS F 61 6.50 -27.96 11.52
C HIS F 61 7.01 -28.06 12.95
N GLU F 62 6.96 -26.94 13.66
CA GLU F 62 7.35 -26.90 15.06
C GLU F 62 6.42 -27.77 15.89
N THR F 63 5.18 -27.93 15.43
CA THR F 63 4.17 -28.68 16.15
C THR F 63 4.46 -30.19 16.16
N ILE F 64 5.19 -30.66 15.15
CA ILE F 64 5.49 -32.08 15.04
C ILE F 64 6.85 -32.42 15.65
N VAL F 65 7.86 -31.64 15.29
CA VAL F 65 9.22 -31.85 15.78
C VAL F 65 9.29 -31.62 17.27
N ARG F 66 8.39 -30.78 17.78
CA ARG F 66 8.37 -30.39 19.19
C ARG F 66 9.63 -29.60 19.55
N ARG F 67 10.16 -28.90 18.56
CA ARG F 67 11.19 -27.90 18.75
C ARG F 67 10.80 -26.66 17.95
N ILE F 68 11.27 -25.49 18.35
CA ILE F 68 10.88 -24.25 17.67
C ILE F 68 11.84 -23.95 16.53
N LEU F 69 11.34 -23.20 15.55
CA LEU F 69 12.13 -22.80 14.40
C LEU F 69 12.81 -24.00 13.75
N VAL F 70 11.99 -24.86 13.13
CA VAL F 70 12.48 -26.02 12.42
C VAL F 70 11.93 -26.04 11.00
N GLY F 71 11.31 -24.93 10.61
CA GLY F 71 10.80 -24.75 9.27
C GLY F 71 11.68 -23.81 8.47
N THR F 72 11.08 -23.05 7.56
CA THR F 72 11.80 -22.11 6.73
C THR F 72 12.53 -21.05 7.56
N ALA F 73 11.80 -20.45 8.51
CA ALA F 73 12.37 -19.45 9.40
C ALA F 73 13.61 -19.97 10.10
N GLY F 74 13.49 -21.16 10.67
CA GLY F 74 14.59 -21.77 11.39
C GLY F 74 15.77 -22.04 10.49
N ARG F 75 15.51 -22.39 9.24
CA ARG F 75 16.57 -22.74 8.31
C ARG F 75 17.33 -21.50 7.88
N ARG F 76 16.61 -20.38 7.82
CA ARG F 76 17.23 -19.08 7.57
C ARG F 76 18.02 -18.62 8.78
N THR F 77 17.47 -18.84 9.97
CA THR F 77 18.16 -18.51 11.22
C THR F 77 19.44 -19.33 11.34
N GLN F 78 19.38 -20.59 10.93
CA GLN F 78 20.55 -21.46 10.98
C GLN F 78 21.69 -20.85 10.18
N GLY F 79 21.38 -20.39 8.98
CA GLY F 79 22.36 -19.78 8.11
C GLY F 79 22.89 -18.48 8.69
N PHE F 80 22.00 -17.70 9.30
CA PHE F 80 22.38 -16.48 9.99
C PHE F 80 23.46 -16.77 11.02
N LEU F 81 23.21 -17.76 11.88
CA LEU F 81 24.16 -18.14 12.90
C LEU F 81 25.39 -18.80 12.28
N ALA F 82 25.19 -19.45 11.14
CA ALA F 82 26.29 -20.12 10.45
C ALA F 82 27.31 -19.08 10.02
N LYS F 83 26.83 -17.89 9.68
CA LYS F 83 27.71 -16.80 9.28
C LYS F 83 28.52 -16.31 10.47
N LEU F 84 27.96 -16.47 11.67
CA LEU F 84 28.67 -16.12 12.90
C LEU F 84 29.58 -17.24 13.38
N GLY F 85 29.62 -18.34 12.63
CA GLY F 85 30.46 -19.46 13.00
C GLY F 85 29.79 -20.33 14.05
N ILE F 86 28.48 -20.16 14.20
CA ILE F 86 27.70 -20.93 15.17
C ILE F 86 26.90 -22.01 14.45
N VAL F 87 27.23 -23.26 14.74
CA VAL F 87 26.63 -24.41 14.07
C VAL F 87 25.73 -25.17 15.03
N GLN F 88 26.10 -25.10 16.29
CA GLN F 88 25.37 -25.73 17.35
C GLN F 88 25.20 -24.97 18.66
N SER F 89 26.08 -24.03 18.98
CA SER F 89 26.07 -23.40 20.27
C SER F 89 25.04 -22.31 20.39
N TYR F 90 23.78 -22.73 20.37
CA TYR F 90 22.63 -21.83 20.44
C TYR F 90 21.52 -22.29 21.36
N VAL F 91 20.58 -21.43 21.59
CA VAL F 91 19.32 -21.74 22.20
C VAL F 91 18.28 -20.80 21.74
N VAL F 93 14.28 -19.75 22.27
CA VAL F 93 13.02 -19.75 22.96
C VAL F 93 12.15 -18.81 22.16
N ASN F 94 10.88 -19.11 22.06
CA ASN F 94 9.92 -18.25 21.38
C ASN F 94 9.24 -17.25 22.30
N THR F 95 8.73 -16.22 21.72
CA THR F 95 7.97 -15.23 22.44
C THR F 95 6.72 -15.80 23.09
N PHE F 96 5.90 -16.54 22.36
CA PHE F 96 4.78 -17.21 22.89
C PHE F 96 4.96 -18.69 22.80
N LEU F 97 4.51 -19.47 23.75
CA LEU F 97 4.66 -20.92 23.71
C LEU F 97 3.83 -21.56 22.61
N TYR F 98 2.63 -21.03 22.41
CA TYR F 98 1.71 -21.55 21.40
C TYR F 98 1.69 -20.64 20.17
N SER F 99 1.23 -21.18 19.05
CA SER F 99 1.16 -20.43 17.81
C SER F 99 -0.02 -19.46 17.81
N VAL F 100 0.15 -18.34 17.11
CA VAL F 100 -0.93 -17.37 16.95
C VAL F 100 -1.94 -17.87 15.93
N TYR F 101 -3.23 -17.74 16.25
CA TYR F 101 -4.29 -18.09 15.31
C TYR F 101 -4.82 -16.84 14.58
N GLY F 102 -4.32 -16.66 13.36
CA GLY F 102 -4.70 -15.55 12.50
C GLY F 102 -3.54 -14.62 12.21
N GLN F 103 -3.82 -13.59 11.42
CA GLN F 103 -2.91 -12.47 11.18
C GLN F 103 -3.34 -11.21 11.88
N SER F 104 -3.75 -11.35 13.13
CA SER F 104 -4.10 -10.17 13.92
C SER F 104 -2.95 -9.83 14.81
N GLY F 105 -2.34 -10.90 15.30
CA GLY F 105 -1.13 -10.88 16.06
C GLY F 105 -1.56 -11.05 17.46
N GLY F 106 -0.84 -11.86 18.19
CA GLY F 106 -1.19 -12.15 19.55
C GLY F 106 -0.71 -11.00 20.34
N SER F 107 -0.63 -9.85 19.70
CA SER F 107 -0.16 -8.63 20.34
C SER F 107 -1.19 -8.11 21.33
N LYS F 108 -2.45 -8.52 21.17
CA LYS F 108 -3.49 -8.18 22.13
C LYS F 108 -3.15 -8.71 23.52
N HIS F 109 -2.24 -9.69 23.55
CA HIS F 109 -1.90 -10.38 24.79
C HIS F 109 -0.40 -10.31 25.06
N LYS F 110 0.27 -9.35 24.44
CA LYS F 110 1.73 -9.27 24.53
C LYS F 110 2.19 -8.93 25.94
N ASN F 111 1.28 -8.39 26.75
CA ASN F 111 1.61 -7.95 28.10
C ASN F 111 0.89 -8.73 29.20
N GLU F 112 0.31 -9.87 28.85
CA GLU F 112 -0.32 -10.73 29.84
C GLU F 112 0.76 -11.26 30.79
N PRO F 113 0.60 -11.03 32.11
CA PRO F 113 1.61 -11.49 33.08
C PRO F 113 1.89 -13.00 33.02
N GLY F 114 0.84 -13.81 32.87
CA GLY F 114 1.00 -15.24 32.80
C GLY F 114 2.00 -15.66 31.74
N ILE F 115 1.93 -15.01 30.59
CA ILE F 115 2.86 -15.25 29.49
C ILE F 115 4.26 -14.77 29.85
N VAL F 116 4.33 -13.53 30.32
CA VAL F 116 5.61 -12.85 30.53
C VAL F 116 6.44 -13.51 31.63
N ASP F 117 5.83 -13.76 32.78
CA ASP F 117 6.54 -14.35 33.92
C ASP F 117 7.17 -15.68 33.53
N TYR F 118 6.41 -16.50 32.82
CA TYR F 118 6.89 -17.81 32.40
C TYR F 118 8.04 -17.68 31.40
N ARG F 119 7.84 -16.85 30.38
CA ARG F 119 8.90 -16.59 29.40
C ARG F 119 10.18 -16.10 30.05
N ASN F 120 10.03 -15.20 31.03
CA ASN F 120 11.19 -14.63 31.71
C ASN F 120 11.94 -15.64 32.55
N LYS F 121 11.22 -16.59 33.14
CA LYS F 121 11.85 -17.64 33.92
C LYS F 121 12.75 -18.50 33.03
N TRP F 122 12.34 -18.66 31.77
CA TRP F 122 13.14 -19.40 30.80
C TRP F 122 14.35 -18.60 30.41
N PHE F 123 14.17 -17.29 30.16
CA PHE F 123 15.29 -16.39 29.93
C PHE F 123 16.31 -16.51 31.05
N LYS F 124 15.84 -16.36 32.28
CA LYS F 124 16.71 -16.42 33.45
C LYS F 124 17.45 -17.74 33.54
N ALA F 125 16.78 -18.83 33.18
CA ALA F 125 17.36 -20.16 33.29
C ALA F 125 18.45 -20.40 32.26
N VAL F 126 18.22 -19.93 31.03
CA VAL F 126 19.19 -20.13 29.95
C VAL F 126 20.36 -19.15 30.08
N LEU F 127 20.10 -18.00 30.69
CA LEU F 127 21.13 -16.98 30.89
C LEU F 127 22.00 -17.24 32.12
N GLY F 128 21.46 -18.01 33.06
CA GLY F 128 22.13 -18.27 34.33
C GLY F 128 23.63 -18.51 34.30
N PRO F 129 24.08 -19.48 33.50
CA PRO F 129 25.51 -19.82 33.40
C PRO F 129 26.38 -18.62 33.01
N GLY F 130 25.78 -17.66 32.30
CA GLY F 130 26.49 -16.46 31.92
C GLY F 130 27.50 -16.70 30.83
N ASN F 131 27.15 -17.60 29.90
CA ASN F 131 27.99 -17.85 28.73
C ASN F 131 27.34 -17.32 27.45
N ILE F 132 26.17 -16.69 27.61
CA ILE F 132 25.49 -16.08 26.47
C ILE F 132 26.15 -14.75 26.14
N GLU F 133 26.73 -14.66 24.94
CA GLU F 133 27.51 -13.51 24.54
C GLU F 133 26.76 -12.60 23.56
N ALA F 134 25.67 -13.10 22.99
CA ALA F 134 24.89 -12.33 22.02
C ALA F 134 23.41 -12.74 22.03
N VAL F 135 22.56 -11.82 21.62
CA VAL F 135 21.11 -12.06 21.54
C VAL F 135 20.54 -11.50 20.25
N VAL F 136 19.69 -12.28 19.59
CA VAL F 136 19.08 -11.87 18.34
C VAL F 136 17.58 -12.12 18.40
N SER F 137 16.79 -11.06 18.31
CA SER F 137 15.34 -11.16 18.34
C SER F 137 14.77 -11.11 16.93
N LEU F 138 13.75 -11.91 16.68
CA LEU F 138 13.13 -12.01 15.36
C LEU F 138 11.77 -11.33 15.34
N GLY F 139 11.74 -10.11 14.79
CA GLY F 139 10.50 -9.36 14.66
C GLY F 139 10.21 -8.48 15.86
N GLY F 140 9.07 -7.80 15.83
CA GLY F 140 8.73 -6.82 16.83
C GLY F 140 8.40 -7.37 18.20
N LEU F 141 7.54 -8.38 18.25
CA LEU F 141 7.06 -8.90 19.52
C LEU F 141 8.20 -9.58 20.28
N ALA F 142 9.15 -10.12 19.53
CA ALA F 142 10.37 -10.66 20.14
C ALA F 142 11.15 -9.55 20.81
N ASP F 143 11.22 -8.40 20.13
CA ASP F 143 11.93 -7.23 20.63
C ASP F 143 11.28 -6.75 21.93
N GLU F 144 9.96 -6.59 21.90
CA GLU F 144 9.23 -6.15 23.09
C GLU F 144 9.29 -7.21 24.18
N ALA F 145 9.44 -8.46 23.80
CA ALA F 145 9.59 -9.55 24.75
C ALA F 145 10.92 -9.44 25.48
N TRP F 146 11.98 -9.19 24.72
CA TRP F 146 13.33 -9.01 25.27
C TRP F 146 13.44 -7.74 26.08
N LYS F 147 12.80 -6.68 25.61
CA LYS F 147 12.78 -5.40 26.32
C LYS F 147 12.03 -5.53 27.63
N ALA F 148 10.92 -6.24 27.61
CA ALA F 148 10.12 -6.46 28.82
C ALA F 148 10.92 -7.26 29.84
N TRP F 149 11.84 -8.09 29.36
CA TRP F 149 12.71 -8.87 30.23
C TRP F 149 13.72 -7.95 30.92
N LEU F 150 14.35 -7.08 30.15
CA LEU F 150 15.33 -6.13 30.70
C LEU F 150 14.72 -5.17 31.71
N LYS F 151 13.42 -4.91 31.58
CA LYS F 151 12.71 -4.05 32.50
C LYS F 151 12.41 -4.76 33.82
N SER F 152 12.80 -6.02 33.93
CA SER F 152 12.51 -6.80 35.12
C SER F 152 13.69 -6.83 36.07
N SER F 153 13.45 -7.34 37.28
CA SER F 153 14.47 -7.39 38.33
C SER F 153 15.67 -8.20 37.87
N ASP F 154 15.43 -9.43 37.45
CA ASP F 154 16.51 -10.33 37.05
C ASP F 154 17.15 -9.90 35.73
N GLY F 155 16.42 -9.12 34.95
CA GLY F 155 16.88 -8.71 33.64
C GLY F 155 17.82 -7.53 33.66
N ALA F 156 17.74 -6.71 34.70
CA ALA F 156 18.54 -5.49 34.81
C ALA F 156 20.03 -5.74 34.54
N ALA F 157 20.52 -6.90 34.96
CA ALA F 157 21.93 -7.25 34.83
C ALA F 157 22.33 -7.49 33.37
N TYR F 158 21.34 -7.52 32.48
CA TYR F 158 21.58 -7.90 31.09
C TYR F 158 21.37 -6.75 30.11
N LYS F 159 21.31 -5.52 30.63
CA LYS F 159 21.12 -4.36 29.77
C LYS F 159 22.35 -4.10 28.89
N THR F 160 23.50 -4.60 29.33
CA THR F 160 24.75 -4.41 28.58
C THR F 160 24.99 -5.54 27.57
N LEU F 161 24.14 -6.56 27.60
CA LEU F 161 24.35 -7.75 26.79
C LEU F 161 24.07 -7.49 25.32
N ALA F 162 25.01 -7.90 24.47
CA ALA F 162 24.92 -7.73 23.03
C ALA F 162 23.57 -8.18 22.49
N TYR F 163 22.84 -7.23 21.92
CA TYR F 163 21.48 -7.47 21.45
C TYR F 163 21.23 -6.87 20.08
N GLN F 164 20.55 -7.63 19.22
CA GLN F 164 20.18 -7.18 17.89
C GLN F 164 18.76 -7.57 17.54
N HIS F 165 17.93 -6.56 17.28
CA HIS F 165 16.61 -6.78 16.73
C HIS F 165 16.70 -6.83 15.21
N ILE F 166 16.39 -7.99 14.64
CA ILE F 166 16.40 -8.16 13.19
C ILE F 166 15.02 -8.53 12.70
N THR F 167 14.78 -8.33 11.41
CA THR F 167 13.48 -8.58 10.82
C THR F 167 13.19 -10.08 10.82
N HIS F 168 11.94 -10.41 11.14
CA HIS F 168 11.51 -11.79 11.25
C HIS F 168 11.70 -12.50 9.90
N PRO F 169 12.50 -13.58 9.86
CA PRO F 169 12.92 -14.25 8.61
C PRO F 169 11.85 -14.46 7.53
N THR F 170 10.57 -14.49 7.92
CA THR F 170 9.50 -14.73 6.96
C THR F 170 8.58 -13.51 6.80
N TRP F 171 9.14 -12.32 6.97
CA TRP F 171 8.41 -11.08 6.72
C TRP F 171 8.10 -10.86 5.23
N PRO F 172 9.08 -11.13 4.34
CA PRO F 172 8.84 -10.95 2.90
C PRO F 172 7.62 -11.70 2.38
N GLU F 173 7.48 -12.96 2.75
CA GLU F 173 6.38 -13.79 2.26
C GLU F 173 5.07 -13.44 2.98
N SER F 174 5.17 -12.94 4.20
CA SER F 174 3.97 -12.59 4.98
C SER F 174 3.49 -11.20 4.62
N SER F 175 4.36 -10.38 4.05
CA SER F 175 4.00 -9.04 3.64
C SER F 175 3.17 -9.07 2.35
N ALA F 176 3.78 -9.58 1.27
CA ALA F 176 3.17 -9.55 -0.05
C ALA F 176 2.97 -10.94 -0.63
N HIS F 177 2.29 -10.98 -1.77
CA HIS F 177 2.00 -12.21 -2.49
C HIS F 177 2.76 -12.23 -3.80
N ASP F 178 3.01 -11.04 -4.36
CA ASP F 178 3.70 -10.92 -5.63
C ASP F 178 5.15 -11.37 -5.49
N SER F 179 5.60 -12.17 -6.45
CA SER F 179 6.96 -12.72 -6.43
C SER F 179 8.01 -11.63 -6.45
N ALA F 180 7.72 -10.56 -7.18
CA ALA F 180 8.63 -9.43 -7.31
C ALA F 180 8.76 -8.72 -5.98
N THR F 181 7.63 -8.36 -5.40
CA THR F 181 7.59 -7.66 -4.12
C THR F 181 8.24 -8.49 -3.01
N GLN F 182 8.05 -9.80 -3.05
CA GLN F 182 8.67 -10.69 -2.07
C GLN F 182 10.18 -10.67 -2.24
N ALA F 183 10.64 -10.75 -3.49
CA ALA F 183 12.06 -10.66 -3.79
C ALA F 183 12.59 -9.27 -3.44
N ALA F 184 11.75 -8.26 -3.63
CA ALA F 184 12.13 -6.89 -3.33
C ALA F 184 12.29 -6.69 -1.83
N ASN F 185 11.34 -7.22 -1.06
CA ASN F 185 11.39 -7.11 0.39
C ASN F 185 12.55 -7.89 0.99
N THR F 186 13.06 -8.87 0.23
CA THR F 186 14.17 -9.68 0.68
C THR F 186 15.46 -8.86 0.71
N LYS F 187 15.58 -7.92 -0.23
CA LYS F 187 16.75 -7.07 -0.30
C LYS F 187 16.84 -6.16 0.91
N ILE F 188 15.69 -5.72 1.40
CA ILE F 188 15.64 -4.85 2.57
C ILE F 188 15.92 -5.63 3.84
N LEU F 190 17.47 -8.58 4.22
CA LEU F 190 18.88 -8.97 4.23
C LEU F 190 19.76 -7.78 4.60
N ALA F 191 19.49 -6.64 3.95
CA ALA F 191 20.26 -5.42 4.20
C ALA F 191 20.44 -5.20 5.70
N LYS F 192 19.34 -5.32 6.44
CA LYS F 192 19.38 -5.14 7.89
C LYS F 192 20.15 -6.28 8.56
N TRP F 193 20.04 -7.48 7.99
CA TRP F 193 20.72 -8.64 8.53
C TRP F 193 22.23 -8.47 8.44
N ASN F 194 22.70 -7.96 7.30
CA ASN F 194 24.12 -7.70 7.14
C ASN F 194 24.61 -6.70 8.18
N ALA F 195 23.78 -5.68 8.42
CA ALA F 195 24.08 -4.68 9.44
C ALA F 195 24.17 -5.34 10.81
N ALA F 196 23.20 -6.22 11.09
CA ALA F 196 23.15 -6.91 12.37
C ALA F 196 24.35 -7.83 12.57
N LEU F 197 24.77 -8.51 11.50
CA LEU F 197 25.92 -9.41 11.59
C LEU F 197 27.21 -8.64 11.86
N ALA F 198 27.38 -7.51 11.19
CA ALA F 198 28.55 -6.67 11.40
C ALA F 198 28.68 -6.24 12.85
N ALA F 199 27.54 -6.02 13.50
CA ALA F 199 27.52 -5.59 14.90
C ALA F 199 27.81 -6.74 15.86
N LEU F 200 27.46 -7.95 15.46
CA LEU F 200 27.54 -9.11 16.33
C LEU F 200 28.86 -9.86 16.18
N ALA F 201 29.43 -9.83 14.98
CA ALA F 201 30.66 -10.54 14.68
C ALA F 201 31.78 -10.29 15.70
N PRO F 202 32.02 -9.02 16.06
CA PRO F 202 33.10 -8.77 17.03
C PRO F 202 32.78 -9.29 18.43
N GLU F 203 31.50 -9.47 18.73
CA GLU F 203 31.06 -9.80 20.09
C GLU F 203 30.84 -11.30 20.28
N VAL F 204 30.81 -12.06 19.19
CA VAL F 204 30.79 -13.51 19.28
C VAL F 204 32.23 -14.00 19.28
N LYS F 205 32.85 -13.96 20.45
CA LYS F 205 34.26 -14.26 20.58
C LYS F 205 34.47 -15.76 20.77
N HIS F 206 33.37 -16.50 20.94
CA HIS F 206 33.45 -17.95 21.04
C HIS F 206 32.57 -18.60 19.98
N PRO F 207 33.08 -18.77 18.75
CA PRO F 207 32.32 -19.53 17.76
C PRO F 207 32.59 -21.02 17.82
N ASP F 208 31.78 -21.82 17.13
CA ASP F 208 32.04 -23.24 17.00
C ASP F 208 33.13 -23.43 15.96
N VAL F 209 33.13 -22.53 14.97
CA VAL F 209 34.14 -22.51 13.93
C VAL F 209 34.52 -21.07 13.58
N PRO F 210 35.82 -20.75 13.60
CA PRO F 210 36.22 -19.43 13.11
C PRO F 210 35.78 -19.22 11.66
N THR F 211 34.96 -18.21 11.43
CA THR F 211 34.39 -17.97 10.11
C THR F 211 34.43 -16.48 9.78
N THR F 212 35.00 -16.16 8.63
CA THR F 212 35.02 -14.77 8.15
C THR F 212 33.65 -14.40 7.62
N LEU F 213 33.18 -13.22 7.98
CA LEU F 213 31.82 -12.80 7.66
C LEU F 213 31.62 -12.63 6.16
N VAL F 214 30.65 -13.34 5.63
CA VAL F 214 30.26 -13.22 4.22
C VAL F 214 28.85 -12.64 4.17
N PRO F 215 28.73 -11.35 3.83
CA PRO F 215 27.39 -10.75 3.88
C PRO F 215 26.41 -11.39 2.91
N TYR F 216 25.13 -11.31 3.23
CA TYR F 216 24.07 -11.78 2.35
C TYR F 216 24.09 -11.03 1.04
N GLY F 217 23.62 -11.67 -0.02
CA GLY F 217 23.46 -11.00 -1.30
C GLY F 217 22.10 -10.31 -1.39
N ASP F 218 21.54 -10.26 -2.60
CA ASP F 218 20.23 -9.67 -2.81
C ASP F 218 19.14 -10.69 -2.47
N ALA F 219 19.45 -11.96 -2.71
CA ALA F 219 18.51 -13.06 -2.46
C ALA F 219 19.23 -14.18 -1.70
N PHE F 220 18.48 -15.20 -1.31
CA PHE F 220 19.05 -16.30 -0.52
C PHE F 220 19.85 -17.34 -1.31
N LYS F 221 21.17 -17.23 -1.18
CA LYS F 221 22.11 -18.33 -1.45
C LYS F 221 21.63 -19.67 -0.89
N PRO F 222 21.54 -20.71 -1.74
CA PRO F 222 21.13 -22.01 -1.17
C PRO F 222 22.06 -22.46 -0.04
N SER F 223 23.35 -22.12 -0.14
CA SER F 223 24.33 -22.45 0.89
C SER F 223 24.04 -21.78 2.24
N GLU F 224 23.27 -20.71 2.21
CA GLU F 224 22.94 -19.97 3.43
C GLU F 224 21.64 -20.47 4.05
N LEU F 225 21.14 -21.59 3.53
CA LEU F 225 19.98 -22.25 4.11
C LEU F 225 20.38 -23.63 4.64
N VAL F 226 20.66 -23.68 5.93
CA VAL F 226 21.19 -24.88 6.55
C VAL F 226 20.10 -25.65 7.30
N ASP F 227 19.93 -26.90 6.93
CA ASP F 227 18.96 -27.78 7.58
C ASP F 227 19.29 -27.89 9.07
N ILE F 228 18.26 -28.01 9.90
CA ILE F 228 18.47 -28.14 11.34
C ILE F 228 19.34 -29.35 11.62
N ILE F 229 20.33 -29.19 12.50
CA ILE F 229 21.26 -30.26 12.80
C ILE F 229 20.58 -31.31 13.66
N ALA F 230 21.06 -32.54 13.58
CA ALA F 230 20.46 -33.68 14.26
C ALA F 230 20.43 -33.53 15.78
N LYS F 231 21.39 -32.85 16.35
CA LYS F 231 21.50 -32.78 17.76
C LYS F 231 20.43 -32.02 18.35
N ASP F 232 19.61 -31.38 17.56
CA ASP F 232 18.54 -30.56 18.09
C ASP F 232 17.15 -31.16 17.98
N LEU F 233 16.99 -32.34 17.46
CA LEU F 233 15.73 -33.05 17.32
C LEU F 233 15.68 -34.27 18.24
N PRO F 234 14.55 -34.46 18.91
CA PRO F 234 14.38 -35.60 19.82
C PRO F 234 14.80 -36.92 19.20
N ALA F 235 14.99 -37.94 20.02
CA ALA F 235 15.45 -39.23 19.57
C ALA F 235 14.56 -39.78 18.58
N GLY F 236 15.13 -40.27 17.51
CA GLY F 236 14.38 -41.01 16.56
C GLY F 236 13.87 -40.33 15.36
N LEU F 237 13.54 -39.06 15.43
CA LEU F 237 12.91 -38.40 14.32
C LEU F 237 13.81 -38.66 13.22
N PRO F 238 13.37 -38.59 11.98
CA PRO F 238 14.27 -38.78 10.88
C PRO F 238 14.68 -37.53 10.18
N ALA F 239 15.57 -37.72 9.25
CA ALA F 239 16.24 -36.63 8.62
C ALA F 239 15.43 -35.82 7.64
N TRP F 240 14.38 -36.40 7.08
CA TRP F 240 13.54 -35.69 6.11
C TRP F 240 12.74 -34.57 6.79
N ARG F 242 13.88 -32.75 8.88
CA ARG F 242 14.82 -31.65 9.12
C ARG F 242 15.70 -31.41 7.90
N GLY F 243 15.07 -31.36 6.73
CA GLY F 243 15.80 -31.13 5.49
C GLY F 243 15.57 -29.75 4.94
N ASP F 244 15.42 -29.65 3.61
CA ASP F 244 15.19 -28.38 2.96
C ASP F 244 13.91 -28.42 2.13
N THR F 245 12.92 -29.19 2.60
CA THR F 245 11.65 -29.31 1.91
C THR F 245 10.50 -29.39 2.91
N PRO F 246 9.52 -28.39 2.77
CA PRO F 246 8.42 -28.53 3.76
C PRO F 246 7.79 -29.92 3.73
N TRP F 247 7.09 -30.28 4.80
CA TRP F 247 6.44 -31.58 4.89
C TRP F 247 5.22 -31.53 5.80
N ALA F 248 4.84 -30.32 6.19
CA ALA F 248 3.68 -30.14 7.07
C ALA F 248 2.91 -28.86 6.75
N VAL F 249 1.58 -28.95 6.83
CA VAL F 249 0.72 -27.81 6.56
C VAL F 249 -0.67 -28.03 7.16
N ARG F 250 -1.34 -26.95 7.57
CA ARG F 250 -2.72 -27.05 8.04
C ARG F 250 -3.69 -27.01 6.90
N GLN F 251 -4.68 -27.90 6.92
CA GLN F 251 -5.63 -28.01 5.81
C GLN F 251 -7.03 -28.33 6.29
N GLY F 252 -8.03 -27.90 5.53
CA GLY F 252 -9.42 -28.11 5.90
C GLY F 252 -10.40 -27.38 4.99
N VAL F 253 -11.68 -27.75 5.09
CA VAL F 253 -12.70 -27.22 4.21
C VAL F 253 -13.18 -25.86 4.69
N ASP F 254 -13.30 -25.71 6.02
CA ASP F 254 -13.58 -24.43 6.64
C ASP F 254 -12.48 -24.13 7.65
N ALA F 255 -12.56 -22.97 8.31
CA ALA F 255 -11.52 -22.56 9.24
C ALA F 255 -11.43 -23.52 10.43
N ALA F 256 -12.56 -24.09 10.83
CA ALA F 256 -12.61 -25.00 11.97
C ALA F 256 -11.92 -26.31 11.63
N ALA F 257 -12.25 -26.87 10.47
CA ALA F 257 -11.62 -28.11 10.00
C ALA F 257 -10.12 -27.91 9.86
N LYS F 258 -9.74 -26.74 9.36
CA LYS F 258 -8.33 -26.41 9.13
C LYS F 258 -7.53 -26.27 10.42
N ARG F 259 -8.17 -25.78 11.47
CA ARG F 259 -7.48 -25.55 12.74
C ARG F 259 -7.20 -26.87 13.45
N ARG F 260 -8.06 -27.85 13.21
CA ARG F 260 -7.90 -29.17 13.83
C ARG F 260 -7.44 -30.19 12.79
N THR F 261 -6.36 -29.90 12.11
CA THR F 261 -5.78 -30.77 11.10
C THR F 261 -4.38 -30.35 10.72
N ILE F 262 -3.45 -31.28 10.69
CA ILE F 262 -2.14 -31.10 10.08
C ILE F 262 -1.84 -32.32 9.23
N ILE F 264 0.89 -34.43 7.20
CA ILE F 264 2.30 -34.65 7.06
C ILE F 264 2.44 -35.44 5.82
N THR F 265 3.22 -35.01 4.85
CA THR F 265 3.61 -35.81 3.71
C THR F 265 5.11 -35.87 3.64
N ILE F 266 5.64 -37.08 3.53
CA ILE F 266 7.09 -37.28 3.44
C ILE F 266 7.60 -36.82 2.08
N PRO F 267 8.73 -35.97 2.11
CA PRO F 267 9.18 -35.57 0.76
C PRO F 267 9.42 -36.76 -0.17
N ASP F 268 9.66 -36.48 -1.44
CA ASP F 268 9.91 -37.53 -2.41
C ASP F 268 11.39 -37.90 -2.45
N GLY F 269 11.68 -39.19 -2.54
CA GLY F 269 13.04 -39.67 -2.57
C GLY F 269 13.44 -40.43 -1.31
N VAL F 270 12.62 -40.29 -0.26
CA VAL F 270 12.90 -40.96 1.00
C VAL F 270 12.57 -42.45 0.91
N ILE F 271 11.42 -42.77 0.32
CA ILE F 271 11.03 -44.17 0.16
C ILE F 271 11.45 -44.65 -1.22
N PRO F 272 12.29 -45.71 -1.28
CA PRO F 272 12.74 -46.21 -2.59
C PRO F 272 11.64 -46.92 -3.38
N LEU G 2 6.35 36.49 26.65
CA LEU G 2 7.08 36.00 25.52
C LEU G 2 8.40 36.65 25.53
N THR G 3 9.26 36.19 24.65
CA THR G 3 10.49 36.87 24.29
C THR G 3 10.47 37.21 22.84
N GLU G 4 10.85 38.43 22.51
CA GLU G 4 10.63 38.90 21.20
C GLU G 4 11.87 38.78 20.44
N PHE G 5 11.80 38.76 19.14
CA PHE G 5 12.95 38.55 18.32
C PHE G 5 12.76 39.16 16.96
N ASP G 6 13.84 39.51 16.30
CA ASP G 6 13.79 39.92 14.91
C ASP G 6 13.78 38.70 13.98
N ALA G 7 12.64 38.45 13.36
CA ALA G 7 12.49 37.31 12.45
C ALA G 7 13.45 37.43 11.27
N GLY G 8 13.86 38.66 10.96
CA GLY G 8 14.87 38.89 9.95
C GLY G 8 14.39 39.53 8.67
N TYR G 9 14.65 38.84 7.55
CA TYR G 9 14.50 39.42 6.22
C TYR G 9 13.63 38.57 5.28
N GLY G 10 12.42 38.25 5.74
CA GLY G 10 11.52 37.41 4.97
C GLY G 10 10.80 38.15 3.87
N GLU G 11 10.29 39.35 4.17
CA GLU G 11 9.53 40.13 3.20
C GLU G 11 10.43 40.96 2.28
N GLN G 12 10.06 41.01 1.01
CA GLN G 12 10.76 41.85 0.04
C GLN G 12 10.54 43.32 0.40
N PRO G 13 11.43 44.21 -0.07
CA PRO G 13 12.58 44.00 -0.95
C PRO G 13 13.82 43.48 -0.25
N PHE G 14 13.69 43.17 1.04
CA PHE G 14 14.85 42.84 1.87
C PHE G 14 15.37 41.43 1.57
N ARG G 15 14.47 40.55 1.11
CA ARG G 15 14.85 39.17 0.83
C ARG G 15 15.87 39.14 -0.30
N ASP G 16 15.52 39.79 -1.41
CA ASP G 16 16.42 39.90 -2.56
C ASP G 16 17.70 40.66 -2.22
N LEU G 17 17.59 41.63 -1.32
CA LEU G 17 18.75 42.42 -0.91
C LEU G 17 19.76 41.56 -0.18
N CYS G 18 19.26 40.76 0.76
CA CYS G 18 20.13 39.90 1.57
C CYS G 18 20.67 38.71 0.78
N ALA G 19 20.02 38.39 -0.35
CA ALA G 19 20.47 37.27 -1.18
C ALA G 19 21.54 37.70 -2.18
N ASN G 20 21.46 38.93 -2.66
CA ASN G 20 22.40 39.45 -3.65
C ASN G 20 23.23 40.60 -3.10
N TYR G 21 24.22 40.27 -2.26
CA TYR G 21 25.09 41.27 -1.64
C TYR G 21 26.49 41.27 -2.28
N PRO G 22 27.23 42.38 -2.12
CA PRO G 22 28.54 42.50 -2.77
C PRO G 22 29.67 41.84 -1.99
N GLY G 23 30.66 41.32 -2.71
CA GLY G 23 31.79 40.65 -2.11
C GLY G 23 33.11 41.31 -2.47
N ALA G 24 34.07 40.50 -2.91
CA ALA G 24 35.41 41.00 -3.20
C ALA G 24 35.43 41.94 -4.41
N GLU G 25 34.43 41.82 -5.28
CA GLU G 25 34.38 42.64 -6.48
C GLU G 25 34.07 44.10 -6.18
N ALA G 26 33.64 44.37 -4.95
CA ALA G 26 33.28 45.72 -4.53
C ALA G 26 34.09 46.12 -3.29
N TYR G 27 34.08 45.27 -2.27
CA TYR G 27 34.85 45.50 -1.07
C TYR G 27 36.20 44.79 -1.19
N ASP G 28 37.29 45.56 -1.11
CA ASP G 28 38.63 45.00 -1.20
C ASP G 28 38.86 43.98 -0.07
N PRO G 29 39.18 42.72 -0.42
CA PRO G 29 39.32 41.68 0.60
C PRO G 29 40.41 41.94 1.62
N HIS G 30 41.40 42.76 1.27
CA HIS G 30 42.49 43.06 2.19
C HIS G 30 42.11 44.20 3.12
N ASP G 31 41.42 45.20 2.60
CA ASP G 31 41.04 46.38 3.39
C ASP G 31 39.77 46.15 4.21
N PHE G 32 38.93 45.21 3.78
CA PHE G 32 37.71 44.87 4.49
C PHE G 32 37.73 43.44 5.02
N ARG G 33 37.12 43.24 6.19
CA ARG G 33 37.02 41.92 6.79
C ARG G 33 35.82 41.21 6.19
N ILE G 34 35.86 40.96 4.88
CA ILE G 34 34.72 40.34 4.19
C ILE G 34 34.56 38.87 4.59
N GLU G 35 35.62 38.32 5.20
CA GLU G 35 35.64 36.91 5.59
C GLU G 35 34.51 36.55 6.54
N TRP G 36 33.99 37.55 7.27
CA TRP G 36 32.94 37.33 8.25
C TRP G 36 31.55 37.49 7.64
N GLY G 37 31.49 37.84 6.37
CA GLY G 37 30.21 38.06 5.71
C GLY G 37 29.57 39.37 6.15
N PRO G 38 28.53 39.81 5.43
CA PRO G 38 27.91 41.11 5.74
C PRO G 38 26.92 41.06 6.89
N ILE G 39 26.92 42.11 7.70
CA ILE G 39 25.87 42.34 8.69
C ILE G 39 25.04 43.49 8.15
N PHE G 40 23.73 43.31 8.09
CA PHE G 40 22.90 44.18 7.26
C PHE G 40 22.26 45.36 7.98
N HIS G 41 21.75 45.13 9.19
CA HIS G 41 20.99 46.16 9.87
C HIS G 41 20.76 45.86 11.34
N ARG G 42 20.10 46.80 12.01
CA ARG G 42 19.49 46.58 13.31
C ARG G 42 18.26 47.45 13.43
N GLY G 43 17.15 46.88 13.89
CA GLY G 43 15.93 47.63 14.06
C GLY G 43 14.79 47.20 13.16
N ARG G 44 13.85 48.11 12.94
CA ARG G 44 12.59 47.79 12.29
C ARG G 44 12.67 47.88 10.77
N LEU G 45 12.00 46.94 10.11
CA LEU G 45 11.87 46.94 8.66
C LEU G 45 10.41 46.74 8.26
N ASP G 46 9.52 47.01 9.20
CA ASP G 46 8.08 46.88 8.98
C ASP G 46 7.46 48.24 8.71
N GLY G 47 8.29 49.29 8.77
CA GLY G 47 7.86 50.65 8.49
C GLY G 47 7.68 51.50 9.74
N SER G 48 7.71 50.85 10.90
CA SER G 48 7.46 51.53 12.17
C SER G 48 8.64 52.38 12.63
N ALA G 49 9.74 52.34 11.89
CA ALA G 49 10.92 53.11 12.28
C ALA G 49 10.64 54.61 12.15
N ARG G 50 11.10 55.36 13.14
CA ARG G 50 10.94 56.81 13.17
C ARG G 50 12.28 57.54 13.05
N VAL G 51 13.33 56.92 13.57
CA VAL G 51 14.68 57.48 13.45
C VAL G 51 15.54 56.52 12.65
N LEU G 52 16.34 57.09 11.74
CA LEU G 52 17.31 56.31 10.98
C LEU G 52 18.71 56.60 11.50
N ILE G 53 19.41 55.55 11.89
CA ILE G 53 20.81 55.66 12.29
C ILE G 53 21.71 55.18 11.17
N VAL G 54 22.61 56.06 10.74
CA VAL G 54 23.65 55.69 9.79
C VAL G 54 24.94 55.46 10.57
N GLY G 55 25.29 54.20 10.78
CA GLY G 55 26.49 53.87 11.51
C GLY G 55 27.68 53.76 10.57
N GLN G 56 28.84 53.40 11.11
CA GLN G 56 30.06 53.32 10.31
C GLN G 56 30.33 51.89 9.85
N ASP G 57 30.82 51.05 10.75
CA ASP G 57 31.21 49.68 10.40
C ASP G 57 31.12 48.76 11.61
N PRO G 58 30.82 47.46 11.38
CA PRO G 58 30.65 46.49 12.47
C PRO G 58 31.94 46.11 13.19
N ALA G 59 31.80 45.41 14.31
CA ALA G 59 32.93 44.88 15.07
C ALA G 59 32.65 43.42 15.44
N GLN G 60 33.34 42.93 16.48
CA GLN G 60 33.26 41.49 16.80
C GLN G 60 31.91 41.07 17.36
N HIS G 61 31.26 41.94 18.13
CA HIS G 61 29.96 41.61 18.69
C HIS G 61 28.91 41.58 17.58
N GLU G 62 29.02 42.53 16.66
CA GLU G 62 28.12 42.59 15.52
C GLU G 62 28.26 41.35 14.66
N THR G 63 29.46 40.78 14.66
CA THR G 63 29.78 39.64 13.81
C THR G 63 29.09 38.37 14.28
N ILE G 64 28.81 38.29 15.58
CA ILE G 64 28.17 37.11 16.17
C ILE G 64 26.65 37.28 16.26
N VAL G 65 26.22 38.45 16.74
CA VAL G 65 24.79 38.72 16.87
C VAL G 65 24.16 38.79 15.49
N ARG G 66 24.97 39.15 14.49
CA ARG G 66 24.51 39.32 13.12
C ARG G 66 23.50 40.46 12.99
N ARG G 67 23.66 41.45 13.87
CA ARG G 67 23.02 42.75 13.74
C ARG G 67 24.08 43.81 14.00
N ILE G 68 23.89 45.02 13.46
CA ILE G 68 24.91 46.06 13.59
C ILE G 68 24.70 46.89 14.85
N LEU G 69 25.78 47.49 15.34
CA LEU G 69 25.74 48.33 16.53
C LEU G 69 25.10 47.62 17.72
N VAL G 70 25.80 46.62 18.23
CA VAL G 70 25.37 45.87 19.41
C VAL G 70 26.48 45.81 20.45
N GLY G 71 27.52 46.61 20.25
CA GLY G 71 28.62 46.71 21.20
C GLY G 71 28.53 47.99 22.00
N THR G 72 29.68 48.53 22.40
CA THR G 72 29.72 49.76 23.19
C THR G 72 29.06 50.92 22.45
N ALA G 73 29.47 51.12 21.19
CA ALA G 73 28.92 52.18 20.36
C ALA G 73 27.39 52.11 20.29
N GLY G 74 26.89 50.91 20.00
CA GLY G 74 25.46 50.70 19.87
C GLY G 74 24.72 50.99 21.16
N ARG G 75 25.35 50.69 22.29
CA ARG G 75 24.69 50.85 23.58
C ARG G 75 24.61 52.34 23.91
N ARG G 76 25.61 53.09 23.46
CA ARG G 76 25.60 54.54 23.59
C ARG G 76 24.55 55.13 22.65
N THR G 77 24.45 54.55 21.46
CA THR G 77 23.43 54.95 20.48
C THR G 77 22.03 54.72 21.02
N GLN G 78 21.84 53.60 21.71
CA GLN G 78 20.54 53.26 22.31
C GLN G 78 20.07 54.32 23.28
N GLY G 79 20.97 54.73 24.19
CA GLY G 79 20.66 55.74 25.18
C GLY G 79 20.40 57.09 24.54
N PHE G 80 21.19 57.43 23.52
CA PHE G 80 20.99 58.64 22.76
C PHE G 80 19.55 58.68 22.23
N LEU G 81 19.12 57.57 21.63
CA LEU G 81 17.77 57.47 21.10
C LEU G 81 16.76 57.46 22.24
N ALA G 82 17.16 56.94 23.39
CA ALA G 82 16.28 56.88 24.55
C ALA G 82 15.94 58.29 25.05
N LYS G 83 16.89 59.20 24.93
CA LYS G 83 16.67 60.59 25.34
C LYS G 83 15.66 61.27 24.42
N LEU G 84 15.58 60.78 23.18
CA LEU G 84 14.58 61.27 22.23
C LEU G 84 13.24 60.57 22.43
N GLY G 85 13.17 59.67 23.40
CA GLY G 85 11.95 58.94 23.68
C GLY G 85 11.75 57.76 22.74
N ILE G 86 12.84 57.35 22.09
CA ILE G 86 12.80 56.24 21.14
C ILE G 86 13.39 54.98 21.76
N VAL G 87 12.56 53.95 21.94
CA VAL G 87 12.99 52.72 22.60
C VAL G 87 13.05 51.56 21.61
N GLN G 88 12.20 51.60 20.57
CA GLN G 88 12.22 50.56 19.54
C GLN G 88 12.00 51.12 18.14
N SER G 89 11.35 52.23 17.96
CA SER G 89 11.21 52.73 16.61
C SER G 89 12.46 53.27 15.93
N TYR G 90 13.24 52.36 15.37
CA TYR G 90 14.50 52.73 14.75
C TYR G 90 14.92 51.69 13.77
N VAL G 91 15.63 52.11 12.76
CA VAL G 91 16.31 51.24 11.87
C VAL G 91 17.73 51.71 11.74
N VAL G 93 21.49 51.24 9.70
CA VAL G 93 22.23 50.72 8.58
C VAL G 93 23.60 51.29 8.68
N ASN G 94 24.61 50.54 8.31
CA ASN G 94 25.96 51.02 8.37
C ASN G 94 26.36 51.53 7.07
N THR G 95 27.47 52.20 7.07
CA THR G 95 28.08 52.75 5.88
C THR G 95 28.69 51.67 5.08
N PHE G 96 29.43 50.81 5.75
CA PHE G 96 29.96 49.63 5.17
C PHE G 96 29.27 48.37 5.70
N LEU G 97 29.08 47.38 4.84
CA LEU G 97 28.52 46.11 5.25
C LEU G 97 29.51 45.36 6.13
N TYR G 98 30.78 45.44 5.74
CA TYR G 98 31.86 44.77 6.44
C TYR G 98 32.68 45.75 7.27
N SER G 99 33.42 45.21 8.24
CA SER G 99 34.27 46.04 9.09
C SER G 99 35.55 46.41 8.34
N VAL G 100 36.09 47.59 8.64
CA VAL G 100 37.36 48.01 8.05
C VAL G 100 38.53 47.33 8.77
N TYR G 101 39.50 46.86 8.00
CA TYR G 101 40.72 46.32 8.58
C TYR G 101 41.81 47.39 8.62
N GLY G 102 41.94 48.03 9.79
CA GLY G 102 42.91 49.09 10.03
C GLY G 102 42.22 50.42 10.32
N GLN G 103 43.01 51.49 10.49
CA GLN G 103 42.45 52.82 10.74
C GLN G 103 42.43 53.58 9.42
N SER G 104 42.84 52.91 8.37
CA SER G 104 42.83 53.48 7.03
C SER G 104 41.45 53.95 6.60
N GLY G 105 40.43 53.57 7.37
CA GLY G 105 39.08 53.93 7.05
C GLY G 105 38.61 53.35 5.74
N GLY G 106 37.31 53.46 5.51
CA GLY G 106 36.71 53.05 4.25
C GLY G 106 37.04 54.13 3.24
N SER G 107 37.67 55.19 3.72
CA SER G 107 37.96 56.35 2.90
C SER G 107 38.77 56.05 1.65
N LYS G 108 39.59 55.00 1.69
CA LYS G 108 40.30 54.59 0.49
C LYS G 108 39.31 54.06 -0.56
N HIS G 109 38.15 53.63 -0.08
CA HIS G 109 37.12 53.05 -0.95
C HIS G 109 35.73 53.67 -0.74
N LYS G 110 35.69 54.88 -0.18
CA LYS G 110 34.41 55.47 0.21
C LYS G 110 33.50 55.78 -0.99
N ASN G 111 34.08 55.81 -2.19
CA ASN G 111 33.34 56.20 -3.39
C ASN G 111 33.16 55.07 -4.41
N GLU G 112 33.41 53.84 -3.98
CA GLU G 112 33.19 52.68 -4.85
C GLU G 112 31.70 52.51 -5.16
N PRO G 113 31.32 52.46 -6.44
CA PRO G 113 29.91 52.27 -6.81
C PRO G 113 29.27 51.03 -6.20
N GLY G 114 30.00 49.92 -6.21
CA GLY G 114 29.50 48.67 -5.63
C GLY G 114 29.04 48.86 -4.20
N ILE G 115 29.84 49.59 -3.43
CA ILE G 115 29.52 49.89 -2.04
C ILE G 115 28.34 50.86 -1.96
N VAL G 116 28.44 51.97 -2.68
CA VAL G 116 27.49 53.06 -2.58
C VAL G 116 26.09 52.67 -3.06
N ASP G 117 26.00 52.08 -4.25
CA ASP G 117 24.72 51.70 -4.82
C ASP G 117 23.93 50.77 -3.91
N TYR G 118 24.63 49.79 -3.35
CA TYR G 118 24.00 48.83 -2.45
C TYR G 118 23.49 49.52 -1.19
N ARG G 119 24.36 50.32 -0.57
CA ARG G 119 23.98 51.08 0.61
C ARG G 119 22.75 51.92 0.30
N ASN G 120 22.73 52.51 -0.89
CA ASN G 120 21.62 53.33 -1.33
C ASN G 120 20.36 52.50 -1.55
N LYS G 121 20.53 51.26 -1.99
CA LYS G 121 19.38 50.37 -2.15
C LYS G 121 18.73 50.12 -0.82
N TRP G 122 19.55 50.06 0.24
CA TRP G 122 19.03 49.88 1.59
C TRP G 122 18.39 51.16 2.11
N PHE G 123 19.05 52.30 1.91
CA PHE G 123 18.50 53.60 2.26
C PHE G 123 17.10 53.80 1.65
N LYS G 124 16.98 53.60 0.34
CA LYS G 124 15.70 53.76 -0.34
C LYS G 124 14.64 52.86 0.27
N ALA G 125 15.04 51.65 0.64
CA ALA G 125 14.11 50.65 1.15
C ALA G 125 13.60 51.00 2.55
N VAL G 126 14.48 51.50 3.41
CA VAL G 126 14.10 51.84 4.78
C VAL G 126 13.32 53.16 4.80
N LEU G 127 13.63 54.03 3.85
CA LEU G 127 12.97 55.33 3.73
C LEU G 127 11.65 55.24 2.96
N GLY G 128 11.51 54.19 2.16
CA GLY G 128 10.35 53.99 1.29
C GLY G 128 8.99 54.32 1.88
N PRO G 129 8.65 53.74 3.05
CA PRO G 129 7.36 54.00 3.71
C PRO G 129 7.14 55.48 4.01
N GLY G 130 8.24 56.22 4.18
CA GLY G 130 8.17 57.65 4.38
C GLY G 130 7.62 58.08 5.73
N ASN G 131 7.94 57.31 6.77
CA ASN G 131 7.60 57.66 8.14
C ASN G 131 8.85 58.01 8.95
N ILE G 132 10.00 58.02 8.29
CA ILE G 132 11.26 58.40 8.92
C ILE G 132 11.31 59.91 9.11
N GLU G 133 11.38 60.35 10.37
CA GLU G 133 11.28 61.75 10.71
C GLU G 133 12.64 62.38 11.07
N ALA G 134 13.65 61.53 11.29
CA ALA G 134 14.98 62.02 11.63
C ALA G 134 16.07 61.06 11.15
N VAL G 135 17.26 61.61 10.91
CA VAL G 135 18.41 60.83 10.49
C VAL G 135 19.60 61.29 11.29
N VAL G 136 20.36 60.34 11.83
CA VAL G 136 21.52 60.66 12.64
C VAL G 136 22.69 59.78 12.20
N SER G 137 23.75 60.42 11.72
CA SER G 137 24.93 59.71 11.26
C SER G 137 25.99 59.66 12.36
N LEU G 138 26.67 58.53 12.45
CA LEU G 138 27.70 58.31 13.47
C LEU G 138 29.08 58.37 12.85
N GLY G 139 29.75 59.50 13.04
CA GLY G 139 31.10 59.70 12.52
C GLY G 139 31.12 60.34 11.15
N GLY G 140 32.32 60.47 10.61
CA GLY G 140 32.53 61.17 9.36
C GLY G 140 32.00 60.44 8.14
N LEU G 141 32.35 59.17 8.00
CA LEU G 141 32.00 58.42 6.81
C LEU G 141 30.50 58.19 6.70
N ALA G 142 29.83 58.09 7.84
CA ALA G 142 28.38 58.01 7.87
C ALA G 142 27.79 59.30 7.31
N ASP G 143 28.40 60.41 7.71
CA ASP G 143 27.99 61.73 7.27
C ASP G 143 28.11 61.88 5.76
N GLU G 144 29.27 61.54 5.21
CA GLU G 144 29.49 61.63 3.78
C GLU G 144 28.64 60.63 3.00
N ALA G 145 28.29 59.52 3.65
CA ALA G 145 27.43 58.51 3.05
C ALA G 145 26.01 59.04 2.83
N TRP G 146 25.49 59.72 3.85
CA TRP G 146 24.16 60.31 3.77
C TRP G 146 24.14 61.45 2.75
N LYS G 147 25.21 62.22 2.71
CA LYS G 147 25.33 63.33 1.76
C LYS G 147 25.37 62.81 0.34
N ALA G 148 26.17 61.76 0.11
CA ALA G 148 26.28 61.13 -1.20
C ALA G 148 24.95 60.50 -1.62
N TRP G 149 24.19 60.06 -0.62
CA TRP G 149 22.86 59.49 -0.87
C TRP G 149 21.90 60.57 -1.32
N LEU G 150 21.93 61.71 -0.64
CA LEU G 150 21.08 62.84 -0.97
C LEU G 150 21.35 63.41 -2.35
N LYS G 151 22.60 63.30 -2.82
CA LYS G 151 22.96 63.82 -4.14
C LYS G 151 22.53 62.89 -5.27
N SER G 152 21.83 61.82 -4.93
CA SER G 152 21.34 60.87 -5.92
C SER G 152 19.87 61.14 -6.23
N SER G 153 19.37 60.50 -7.28
CA SER G 153 17.99 60.71 -7.73
C SER G 153 16.98 60.38 -6.63
N ASP G 154 17.06 59.18 -6.08
CA ASP G 154 16.10 58.73 -5.08
C ASP G 154 16.27 59.47 -3.75
N GLY G 155 17.46 60.02 -3.53
CA GLY G 155 17.77 60.69 -2.28
C GLY G 155 17.35 62.14 -2.23
N ALA G 156 17.24 62.77 -3.39
CA ALA G 156 16.94 64.20 -3.49
C ALA G 156 15.72 64.61 -2.66
N ALA G 157 14.75 63.72 -2.57
CA ALA G 157 13.50 63.98 -1.86
C ALA G 157 13.68 64.08 -0.35
N TYR G 158 14.87 63.74 0.14
CA TYR G 158 15.10 63.64 1.58
C TYR G 158 16.07 64.69 2.15
N LYS G 159 16.40 65.73 1.38
CA LYS G 159 17.30 66.75 1.91
C LYS G 159 16.58 67.59 2.97
N THR G 160 15.25 67.56 2.94
CA THR G 160 14.44 68.34 3.88
C THR G 160 14.29 67.59 5.20
N LEU G 161 14.74 66.35 5.21
CA LEU G 161 14.60 65.48 6.36
C LEU G 161 15.57 65.87 7.46
N ALA G 162 15.06 66.01 8.68
CA ALA G 162 15.87 66.35 9.84
C ALA G 162 17.09 65.45 9.93
N TYR G 163 18.27 66.06 9.85
CA TYR G 163 19.53 65.32 9.79
C TYR G 163 20.58 65.90 10.71
N GLN G 164 21.28 65.00 11.42
CA GLN G 164 22.35 65.39 12.33
C GLN G 164 23.56 64.48 12.23
N HIS G 165 24.71 65.05 11.91
CA HIS G 165 25.96 64.31 12.01
C HIS G 165 26.51 64.50 13.41
N ILE G 166 26.54 63.41 14.15
CA ILE G 166 27.08 63.38 15.46
C ILE G 166 28.32 62.56 15.45
N THR G 167 29.08 62.73 16.48
CA THR G 167 30.45 62.28 16.57
C THR G 167 30.55 60.84 16.93
N HIS G 168 31.45 60.09 16.31
CA HIS G 168 31.42 58.66 16.52
C HIS G 168 31.46 58.29 17.97
N PRO G 169 30.44 57.53 18.39
CA PRO G 169 30.37 57.00 19.75
C PRO G 169 31.73 56.69 20.37
N THR G 170 32.60 55.96 19.69
CA THR G 170 33.87 55.59 20.27
C THR G 170 35.06 56.37 19.72
N TRP G 171 34.84 57.63 19.42
CA TRP G 171 35.94 58.52 19.07
C TRP G 171 36.89 58.74 20.24
N PRO G 172 36.36 58.94 21.47
CA PRO G 172 37.21 59.14 22.64
C PRO G 172 38.25 58.03 22.82
N GLU G 173 37.81 56.79 22.69
CA GLU G 173 38.70 55.65 22.88
C GLU G 173 39.61 55.47 21.66
N SER G 174 39.16 55.93 20.50
CA SER G 174 39.93 55.79 19.28
C SER G 174 40.96 56.90 19.11
N SER G 175 40.73 58.02 19.80
CA SER G 175 41.67 59.14 19.74
C SER G 175 42.92 58.81 20.56
N ALA G 176 42.72 58.66 21.86
CA ALA G 176 43.82 58.47 22.80
C ALA G 176 43.63 57.16 23.54
N HIS G 177 44.63 56.76 24.33
CA HIS G 177 44.53 55.52 25.10
C HIS G 177 44.48 55.85 26.58
N ASP G 178 45.17 56.92 26.97
CA ASP G 178 45.25 57.31 28.36
C ASP G 178 43.92 57.92 28.82
N SER G 179 43.52 57.53 30.04
CA SER G 179 42.21 57.88 30.62
C SER G 179 41.93 59.37 30.75
N ALA G 180 42.97 60.14 31.04
CA ALA G 180 42.80 61.59 31.24
C ALA G 180 42.35 62.26 29.94
N THR G 181 43.07 62.01 28.86
CA THR G 181 42.73 62.56 27.56
C THR G 181 41.34 62.09 27.13
N GLN G 182 41.00 60.90 27.58
CA GLN G 182 39.73 60.27 27.24
C GLN G 182 38.55 60.98 27.81
N ALA G 183 38.64 61.31 29.06
CA ALA G 183 37.56 61.99 29.71
C ALA G 183 37.42 63.34 29.08
N ALA G 184 38.53 63.86 28.56
CA ALA G 184 38.53 65.16 27.91
C ALA G 184 37.84 65.07 26.55
N ASN G 185 38.15 64.02 25.80
CA ASN G 185 37.56 63.82 24.49
C ASN G 185 36.05 63.63 24.58
N THR G 186 35.61 63.00 25.67
CA THR G 186 34.19 62.77 25.90
C THR G 186 33.47 64.08 26.18
N LYS G 187 34.11 64.94 26.98
CA LYS G 187 33.54 66.24 27.32
C LYS G 187 33.12 66.98 26.05
N ILE G 188 34.00 66.96 25.05
CA ILE G 188 33.72 67.62 23.78
C ILE G 188 32.55 66.95 23.08
N LEU G 190 29.99 64.79 24.28
CA LEU G 190 28.68 64.83 24.85
C LEU G 190 28.08 66.16 24.71
N ALA G 191 28.90 67.19 24.69
CA ALA G 191 28.38 68.56 24.53
C ALA G 191 27.79 68.69 23.16
N LYS G 192 28.51 68.14 22.20
CA LYS G 192 28.07 68.02 20.84
C LYS G 192 26.90 67.12 20.72
N TRP G 193 26.80 66.17 21.60
CA TRP G 193 25.64 65.29 21.59
C TRP G 193 24.43 66.00 22.18
N ASN G 194 24.68 66.89 23.14
CA ASN G 194 23.60 67.63 23.79
C ASN G 194 22.97 68.64 22.82
N ALA G 195 23.79 69.19 21.94
CA ALA G 195 23.30 70.16 20.96
C ALA G 195 22.47 69.47 19.89
N ALA G 196 22.93 68.29 19.46
CA ALA G 196 22.23 67.52 18.44
C ALA G 196 20.86 67.08 18.93
N LEU G 197 20.77 66.70 20.19
CA LEU G 197 19.52 66.25 20.79
C LEU G 197 18.49 67.38 20.82
N ALA G 198 18.96 68.56 21.21
CA ALA G 198 18.11 69.75 21.25
C ALA G 198 17.51 70.04 19.87
N ALA G 199 18.28 69.75 18.84
CA ALA G 199 17.85 70.02 17.47
C ALA G 199 16.82 69.02 16.95
N LEU G 200 16.90 67.78 17.40
CA LEU G 200 16.06 66.70 16.87
C LEU G 200 14.78 66.48 17.68
N ALA G 201 14.85 66.74 18.98
CA ALA G 201 13.73 66.51 19.89
C ALA G 201 12.39 67.08 19.40
N PRO G 202 12.39 68.33 18.88
CA PRO G 202 11.10 68.91 18.48
C PRO G 202 10.44 68.26 17.27
N GLU G 203 11.22 67.61 16.42
CA GLU G 203 10.71 67.08 15.16
C GLU G 203 10.42 65.58 15.22
N VAL G 204 10.84 64.93 16.30
CA VAL G 204 10.46 63.55 16.54
C VAL G 204 9.15 63.63 17.29
N LYS G 205 8.06 63.77 16.53
CA LYS G 205 6.75 64.03 17.10
C LYS G 205 6.01 62.74 17.45
N HIS G 206 6.56 61.61 17.02
CA HIS G 206 6.02 60.33 17.43
C HIS G 206 7.13 59.50 18.09
N PRO G 207 7.33 59.71 19.40
CA PRO G 207 8.22 58.82 20.14
C PRO G 207 7.42 57.63 20.63
N ASP G 208 8.09 56.60 21.15
CA ASP G 208 7.39 55.48 21.74
C ASP G 208 6.87 55.89 23.11
N VAL G 209 7.62 56.76 23.76
CA VAL G 209 7.24 57.30 25.07
C VAL G 209 7.59 58.79 25.17
N PRO G 210 6.63 59.62 25.61
CA PRO G 210 6.95 61.02 25.88
C PRO G 210 8.08 61.14 26.88
N THR G 211 9.17 61.79 26.49
CA THR G 211 10.36 61.88 27.32
C THR G 211 10.97 63.27 27.33
N THR G 212 11.18 63.80 28.52
CA THR G 212 11.83 65.10 28.67
C THR G 212 13.33 64.95 28.46
N LEU G 213 13.91 65.85 27.67
CA LEU G 213 15.31 65.74 27.32
C LEU G 213 16.18 66.03 28.53
N VAL G 214 17.04 65.08 28.89
CA VAL G 214 17.99 65.25 29.98
C VAL G 214 19.41 65.25 29.42
N PRO G 215 20.06 66.42 29.36
CA PRO G 215 21.37 66.47 28.72
C PRO G 215 22.44 65.62 29.42
N TYR G 216 23.41 65.18 28.63
CA TYR G 216 24.56 64.45 29.14
C TYR G 216 25.37 65.31 30.10
N GLY G 217 26.06 64.68 31.04
CA GLY G 217 27.00 65.39 31.89
C GLY G 217 28.36 65.46 31.23
N ASP G 218 29.42 65.40 32.03
CA ASP G 218 30.77 65.39 31.50
C ASP G 218 31.13 63.98 31.05
N ALA G 219 30.55 62.99 31.72
CA ALA G 219 30.80 61.58 31.42
C ALA G 219 29.48 60.82 31.31
N PHE G 220 29.55 59.57 30.90
CA PHE G 220 28.36 58.74 30.72
C PHE G 220 27.78 58.19 32.02
N LYS G 221 26.73 58.83 32.54
CA LYS G 221 25.82 58.17 33.48
C LYS G 221 25.49 56.75 33.01
N PRO G 222 25.74 55.73 33.86
CA PRO G 222 25.44 54.35 33.44
C PRO G 222 24.00 54.18 32.98
N SER G 223 23.09 54.96 33.56
CA SER G 223 21.69 54.94 33.17
C SER G 223 21.50 55.31 31.70
N GLU G 224 22.49 56.01 31.14
CA GLU G 224 22.45 56.46 29.76
C GLU G 224 23.08 55.44 28.81
N LEU G 225 23.37 54.25 29.34
CA LEU G 225 23.86 53.14 28.54
C LEU G 225 22.81 52.05 28.52
N VAL G 226 22.01 52.04 27.46
CA VAL G 226 20.83 51.20 27.38
C VAL G 226 21.07 49.93 26.57
N ASP G 227 20.81 48.78 27.19
CA ASP G 227 20.96 47.49 26.55
C ASP G 227 20.07 47.34 25.32
N ILE G 228 20.59 46.67 24.31
CA ILE G 228 19.83 46.40 23.09
C ILE G 228 18.60 45.56 23.44
N ILE G 229 17.45 45.95 22.88
CA ILE G 229 16.19 45.29 23.17
C ILE G 229 16.10 43.91 22.50
N ALA G 230 15.29 43.04 23.10
CA ALA G 230 15.19 41.65 22.66
C ALA G 230 14.67 41.47 21.24
N LYS G 231 13.75 42.34 20.81
CA LYS G 231 13.13 42.18 19.50
C LYS G 231 14.12 42.36 18.35
N ASP G 232 15.31 42.88 18.65
CA ASP G 232 16.29 43.17 17.61
C ASP G 232 17.20 42.00 17.30
N LEU G 233 17.27 41.04 18.21
CA LEU G 233 18.18 39.91 18.06
C LEU G 233 17.45 38.71 17.45
N PRO G 234 18.15 37.93 16.60
CA PRO G 234 17.55 36.72 16.02
C PRO G 234 17.07 35.71 17.06
N ALA G 235 16.19 34.80 16.63
CA ALA G 235 15.63 33.77 17.50
C ALA G 235 16.69 32.98 18.25
N GLY G 236 16.54 32.89 19.57
CA GLY G 236 17.33 31.97 20.37
C GLY G 236 18.49 32.58 21.13
N LEU G 237 18.98 33.70 20.67
CA LEU G 237 20.19 34.28 21.23
C LEU G 237 19.97 34.60 22.68
N PRO G 238 20.97 34.30 23.49
CA PRO G 238 20.88 34.50 24.95
C PRO G 238 20.63 35.96 25.28
N ALA G 239 20.34 36.23 26.55
CA ALA G 239 20.07 37.59 26.99
C ALA G 239 21.33 38.25 27.51
N TRP G 240 22.48 37.59 27.37
CA TRP G 240 23.68 38.14 27.88
C TRP G 240 24.31 38.70 26.71
N ARG G 242 22.96 40.51 24.80
CA ARG G 242 22.50 41.83 24.77
C ARG G 242 22.57 42.48 26.15
N GLY G 243 23.74 42.52 26.75
CA GLY G 243 23.91 43.04 28.06
C GLY G 243 24.93 44.13 28.16
N ASP G 244 25.40 44.42 29.34
CA ASP G 244 26.39 45.46 29.53
C ASP G 244 27.82 45.00 29.53
N THR G 245 28.02 43.70 29.40
CA THR G 245 29.30 43.14 29.59
C THR G 245 29.85 42.73 28.32
N PRO G 246 31.11 42.95 28.16
CA PRO G 246 31.72 42.45 26.93
C PRO G 246 31.74 40.93 26.89
N TRP G 247 31.54 40.33 25.71
CA TRP G 247 31.48 38.88 25.59
C TRP G 247 32.07 38.39 24.29
N ALA G 248 32.72 39.29 23.55
CA ALA G 248 33.37 38.95 22.29
C ALA G 248 34.64 39.77 22.13
N VAL G 249 35.68 39.13 21.59
CA VAL G 249 36.96 39.80 21.40
C VAL G 249 37.81 39.08 20.35
N ARG G 250 38.61 39.84 19.62
CA ARG G 250 39.47 39.27 18.59
C ARG G 250 40.82 38.86 19.17
N GLN G 251 40.95 37.58 19.48
CA GLN G 251 42.20 37.05 20.04
C GLN G 251 43.17 36.67 18.94
N GLY G 252 44.46 36.76 19.23
CA GLY G 252 45.49 36.43 18.27
C GLY G 252 46.86 36.93 18.69
N VAL G 253 47.91 36.29 18.19
CA VAL G 253 49.27 36.66 18.53
C VAL G 253 49.75 37.81 17.64
N ASP G 254 49.64 37.67 16.34
CA ASP G 254 50.06 38.65 15.41
C ASP G 254 48.79 39.23 14.89
N ALA G 255 48.83 39.93 13.79
CA ALA G 255 47.68 40.56 13.25
C ALA G 255 47.05 39.62 12.32
N ALA G 256 47.83 38.91 11.56
CA ALA G 256 47.31 37.83 10.74
C ALA G 256 46.33 36.99 11.47
N ALA G 257 46.67 36.72 12.69
CA ALA G 257 45.97 35.79 13.53
C ALA G 257 44.80 36.35 14.28
N LYS G 258 44.85 37.58 14.75
CA LYS G 258 43.70 38.20 15.35
C LYS G 258 42.61 38.40 14.39
N ARG G 259 42.90 38.22 13.13
CA ARG G 259 41.98 38.49 12.09
C ARG G 259 41.18 37.25 11.86
N ARG G 260 41.75 36.11 12.19
CA ARG G 260 41.18 34.84 11.89
C ARG G 260 40.26 34.38 13.01
N THR G 261 40.35 35.02 14.16
CA THR G 261 39.78 34.55 15.41
C THR G 261 38.84 35.54 16.09
N ILE G 262 37.79 35.04 16.70
CA ILE G 262 36.94 35.79 17.58
C ILE G 262 36.74 34.86 18.77
N ILE G 264 34.39 34.13 22.05
CA ILE G 264 33.16 34.40 22.76
C ILE G 264 33.20 33.86 24.16
N THR G 265 32.84 34.68 25.11
CA THR G 265 32.90 34.33 26.49
C THR G 265 31.78 34.90 27.27
N ILE G 266 31.00 34.03 27.84
CA ILE G 266 29.84 34.40 28.61
C ILE G 266 30.16 35.03 29.90
N PRO G 267 29.47 36.11 30.24
CA PRO G 267 29.72 36.80 31.51
C PRO G 267 29.47 35.92 32.73
N ASP G 268 30.16 36.22 33.82
CA ASP G 268 29.97 35.49 35.08
C ASP G 268 28.57 35.75 35.62
N GLY G 269 27.92 34.69 36.10
CA GLY G 269 26.60 34.80 36.71
C GLY G 269 25.50 34.14 35.90
N VAL G 270 25.77 33.85 34.63
CA VAL G 270 24.77 33.20 33.78
C VAL G 270 24.70 31.72 34.10
N ILE G 271 25.86 31.10 34.28
CA ILE G 271 25.95 29.69 34.64
C ILE G 271 26.06 29.58 36.17
N PRO G 272 25.21 28.75 36.80
CA PRO G 272 25.29 28.67 38.27
C PRO G 272 26.59 28.02 38.75
N LEU H 2 24.24 34.53 -6.89
CA LEU H 2 23.23 34.63 -5.83
C LEU H 2 23.61 33.76 -4.65
N THR H 3 23.09 34.09 -3.47
CA THR H 3 23.36 33.34 -2.26
C THR H 3 22.08 33.10 -1.47
N GLU H 4 21.37 32.03 -1.81
CA GLU H 4 20.13 31.69 -1.12
C GLU H 4 20.34 31.63 0.38
N PHE H 5 19.26 31.83 1.13
CA PHE H 5 19.32 31.80 2.60
C PHE H 5 18.00 31.46 3.25
N ASP H 6 18.05 31.14 4.53
CA ASP H 6 16.86 30.85 5.33
C ASP H 6 16.40 32.10 6.05
N ALA H 7 15.28 32.66 5.62
CA ALA H 7 14.76 33.89 6.21
C ALA H 7 14.47 33.68 7.70
N GLY H 8 14.23 32.44 8.09
CA GLY H 8 14.09 32.09 9.49
C GLY H 8 12.68 31.70 9.92
N TYR H 9 12.15 32.41 10.91
CA TYR H 9 10.93 31.99 11.60
C TYR H 9 9.89 33.11 11.65
N GLY H 10 9.58 33.68 10.50
CA GLY H 10 8.62 34.78 10.43
C GLY H 10 7.18 34.31 10.42
N GLU H 11 6.90 33.26 9.66
CA GLU H 11 5.53 32.76 9.48
C GLU H 11 5.12 31.83 10.61
N GLN H 12 3.85 31.94 10.99
CA GLN H 12 3.28 31.11 12.04
C GLN H 12 3.22 29.66 11.59
N PRO H 13 3.18 28.71 12.53
CA PRO H 13 3.14 28.83 13.99
C PRO H 13 4.52 28.98 14.63
N PHE H 14 5.55 29.11 13.80
CA PHE H 14 6.92 29.03 14.29
C PHE H 14 7.39 30.25 15.06
N ARG H 15 6.87 31.42 14.74
CA ARG H 15 7.35 32.62 15.42
C ARG H 15 6.89 32.60 16.88
N ASP H 16 5.61 32.34 17.08
CA ASP H 16 5.05 32.25 18.43
C ASP H 16 5.76 31.16 19.22
N LEU H 17 6.18 30.10 18.53
CA LEU H 17 6.93 29.02 19.15
C LEU H 17 8.30 29.52 19.58
N CYS H 18 8.95 30.24 18.67
CA CYS H 18 10.29 30.76 18.92
C CYS H 18 10.26 31.90 19.92
N ALA H 19 9.07 32.49 20.11
CA ALA H 19 8.90 33.55 21.08
C ALA H 19 8.64 32.96 22.46
N ASN H 20 7.97 31.82 22.49
CA ASN H 20 7.64 31.12 23.74
C ASN H 20 8.32 29.75 23.81
N TYR H 21 9.62 29.74 24.06
CA TYR H 21 10.38 28.49 24.15
C TYR H 21 10.69 28.19 25.61
N PRO H 22 11.00 26.93 25.92
CA PRO H 22 11.22 26.57 27.32
C PRO H 22 12.64 26.89 27.79
N GLY H 23 12.76 27.26 29.07
CA GLY H 23 14.03 27.62 29.65
C GLY H 23 14.39 26.71 30.83
N ALA H 24 14.74 27.33 31.95
CA ALA H 24 15.19 26.61 33.13
C ALA H 24 14.10 25.74 33.74
N GLU H 25 12.84 26.07 33.47
CA GLU H 25 11.73 25.31 34.06
C GLU H 25 11.61 23.90 33.47
N ALA H 26 12.34 23.65 32.39
CA ALA H 26 12.32 22.34 31.74
C ALA H 26 13.71 21.72 31.66
N TYR H 27 14.67 22.49 31.14
CA TYR H 27 16.05 22.03 31.03
C TYR H 27 16.87 22.46 32.25
N ASP H 28 17.42 21.47 32.95
CA ASP H 28 18.26 21.74 34.12
C ASP H 28 19.46 22.58 33.71
N PRO H 29 19.67 23.75 34.36
CA PRO H 29 20.75 24.63 33.86
C PRO H 29 22.15 24.03 33.90
N HIS H 30 22.41 23.05 34.76
CA HIS H 30 23.74 22.45 34.82
C HIS H 30 23.90 21.31 33.82
N ASP H 31 22.84 20.52 33.64
CA ASP H 31 22.91 19.35 32.76
C ASP H 31 22.77 19.74 31.31
N PHE H 32 22.15 20.90 31.05
CA PHE H 32 22.00 21.43 29.71
C PHE H 32 22.74 22.75 29.56
N ARG H 33 23.32 22.98 28.39
CA ARG H 33 24.03 24.23 28.11
C ARG H 33 23.04 25.29 27.67
N ILE H 34 22.14 25.68 28.57
CA ILE H 34 21.11 26.66 28.25
C ILE H 34 21.65 28.07 28.07
N GLU H 35 22.88 28.29 28.54
CA GLU H 35 23.49 29.61 28.51
C GLU H 35 23.61 30.17 27.08
N TRP H 36 23.62 29.29 26.10
CA TRP H 36 23.76 29.70 24.69
C TRP H 36 22.41 29.91 24.03
N GLY H 37 21.33 29.66 24.75
CA GLY H 37 20.00 29.80 24.18
C GLY H 37 19.68 28.64 23.24
N PRO H 38 18.41 28.52 22.83
CA PRO H 38 17.97 27.39 22.03
C PRO H 38 18.26 27.50 20.54
N ILE H 39 18.61 26.36 19.94
CA ILE H 39 18.70 26.23 18.50
C ILE H 39 17.51 25.38 18.05
N PHE H 40 16.76 25.88 17.07
CA PHE H 40 15.43 25.36 16.80
C PHE H 40 15.37 24.30 15.72
N HIS H 41 16.08 24.52 14.61
CA HIS H 41 15.97 23.63 13.47
C HIS H 41 17.06 23.87 12.43
N ARG H 42 16.99 23.07 11.37
CA ARG H 42 17.68 23.35 10.11
C ARG H 42 16.83 22.76 9.00
N GLY H 43 16.63 23.51 7.91
CA GLY H 43 15.85 23.01 6.79
C GLY H 43 14.57 23.80 6.55
N ARG H 44 13.60 23.14 5.91
CA ARG H 44 12.40 23.81 5.40
C ARG H 44 11.30 23.99 6.44
N LEU H 45 10.63 25.12 6.37
CA LEU H 45 9.46 25.38 7.19
C LEU H 45 8.31 25.88 6.31
N ASP H 46 8.41 25.65 5.00
CA ASP H 46 7.38 26.05 4.05
C ASP H 46 6.52 24.87 3.60
N GLY H 47 6.90 23.66 4.05
CA GLY H 47 6.15 22.45 3.75
C GLY H 47 6.73 21.55 2.67
N SER H 48 7.74 22.03 1.95
CA SER H 48 8.30 21.28 0.83
C SER H 48 9.19 20.11 1.27
N ALA H 49 9.43 19.99 2.56
CA ALA H 49 10.28 18.94 3.10
C ALA H 49 9.65 17.55 2.93
N ARG H 50 10.49 16.56 2.63
CA ARG H 50 10.01 15.20 2.42
C ARG H 50 10.52 14.26 3.51
N VAL H 51 11.72 14.50 4.02
CA VAL H 51 12.28 13.71 5.10
C VAL H 51 12.52 14.55 6.35
N LEU H 52 12.15 14.00 7.50
CA LEU H 52 12.42 14.61 8.78
C LEU H 52 13.53 13.87 9.52
N ILE H 53 14.55 14.62 9.93
CA ILE H 53 15.62 14.08 10.74
C ILE H 53 15.39 14.45 12.19
N VAL H 54 15.32 13.46 13.07
CA VAL H 54 15.24 13.70 14.49
C VAL H 54 16.65 13.52 15.06
N GLY H 55 17.31 14.64 15.35
CA GLY H 55 18.66 14.61 15.88
C GLY H 55 18.70 14.55 17.39
N GLN H 56 19.89 14.57 17.95
CA GLN H 56 20.06 14.45 19.39
C GLN H 56 20.20 15.83 20.06
N ASP H 57 21.37 16.45 19.93
CA ASP H 57 21.61 17.74 20.59
C ASP H 57 22.68 18.55 19.85
N PRO H 58 22.58 19.89 19.90
CA PRO H 58 23.51 20.78 19.20
C PRO H 58 24.91 20.81 19.81
N ALA H 59 25.85 21.44 19.09
CA ALA H 59 27.21 21.62 19.58
C ALA H 59 27.67 23.05 19.32
N GLN H 60 28.99 23.28 19.30
CA GLN H 60 29.53 24.63 19.22
C GLN H 60 29.28 25.26 17.85
N HIS H 61 29.31 24.46 16.80
CA HIS H 61 29.07 24.96 15.45
C HIS H 61 27.61 25.38 15.31
N GLU H 62 26.72 24.59 15.88
CA GLU H 62 25.30 24.92 15.88
C GLU H 62 25.05 26.22 16.65
N THR H 63 25.91 26.49 17.62
CA THR H 63 25.74 27.64 18.51
C THR H 63 25.99 28.96 17.78
N ILE H 64 26.80 28.92 16.73
CA ILE H 64 27.12 30.13 15.96
C ILE H 64 26.19 30.26 14.76
N VAL H 65 26.05 29.17 14.02
CA VAL H 65 25.20 29.17 12.83
C VAL H 65 23.73 29.36 13.22
N ARG H 66 23.40 28.93 14.43
CA ARG H 66 22.02 28.96 14.93
C ARG H 66 21.12 28.06 14.09
N ARG H 67 21.72 27.00 13.56
CA ARG H 67 20.99 25.89 12.94
C ARG H 67 21.57 24.60 13.49
N ILE H 68 20.78 23.54 13.51
CA ILE H 68 21.24 22.28 14.09
C ILE H 68 21.94 21.41 13.04
N LEU H 69 22.83 20.54 13.51
CA LEU H 69 23.56 19.63 12.62
C LEU H 69 24.22 20.41 11.49
N VAL H 70 25.25 21.18 11.85
CA VAL H 70 26.01 21.96 10.87
C VAL H 70 27.50 21.63 11.00
N GLY H 71 27.80 20.60 11.79
CA GLY H 71 29.16 20.13 11.98
C GLY H 71 29.43 18.82 11.27
N THR H 72 30.28 17.99 11.87
CA THR H 72 30.65 16.70 11.29
C THR H 72 29.41 15.82 11.12
N ALA H 73 28.60 15.74 12.17
CA ALA H 73 27.37 14.98 12.13
C ALA H 73 26.49 15.43 10.97
N GLY H 74 26.28 16.74 10.87
CA GLY H 74 25.44 17.31 9.84
C GLY H 74 25.98 17.05 8.44
N ARG H 75 27.26 17.17 8.31
CA ARG H 75 27.91 16.99 7.03
C ARG H 75 27.82 15.52 6.60
N ARG H 76 27.60 14.65 7.55
CA ARG H 76 27.53 13.24 7.28
C ARG H 76 26.15 12.83 7.04
N THR H 77 25.28 13.49 7.72
CA THR H 77 23.84 13.37 7.51
C THR H 77 23.42 13.88 6.14
N GLN H 78 24.04 14.98 5.70
CA GLN H 78 23.72 15.55 4.40
C GLN H 78 23.93 14.53 3.30
N GLY H 79 25.07 13.84 3.34
CA GLY H 79 25.39 12.83 2.36
C GLY H 79 24.45 11.65 2.43
N PHE H 80 24.08 11.26 3.65
CA PHE H 80 23.08 10.21 3.84
C PHE H 80 21.83 10.57 3.07
N LEU H 81 21.36 11.80 3.26
CA LEU H 81 20.20 12.29 2.55
C LEU H 81 20.46 12.49 1.06
N ALA H 82 21.70 12.77 0.70
CA ALA H 82 22.07 13.00 -0.70
C ALA H 82 21.89 11.77 -1.57
N LYS H 83 22.17 10.59 -1.01
CA LYS H 83 21.98 9.33 -1.73
C LYS H 83 20.51 9.00 -1.93
N LEU H 84 19.66 9.54 -1.06
CA LEU H 84 18.23 9.37 -1.23
C LEU H 84 17.73 10.37 -2.27
N GLY H 85 18.65 11.16 -2.80
CA GLY H 85 18.33 12.15 -3.81
C GLY H 85 17.75 13.42 -3.20
N ILE H 86 17.94 13.58 -1.90
CA ILE H 86 17.41 14.74 -1.20
C ILE H 86 18.52 15.75 -0.94
N VAL H 87 18.38 16.91 -1.57
CA VAL H 87 19.39 17.96 -1.54
C VAL H 87 18.93 19.16 -0.73
N GLN H 88 17.61 19.39 -0.68
CA GLN H 88 17.05 20.50 0.07
C GLN H 88 15.74 20.17 0.79
N SER H 89 14.97 19.25 0.21
CA SER H 89 13.69 18.84 0.80
C SER H 89 13.92 18.01 2.05
N TYR H 90 14.08 18.68 3.19
CA TYR H 90 14.31 18.00 4.46
C TYR H 90 14.42 19.00 5.60
N VAL H 91 13.89 18.62 6.76
CA VAL H 91 13.92 19.48 7.93
C VAL H 91 14.39 18.69 9.16
N VAL H 93 15.06 18.58 13.34
CA VAL H 93 14.74 18.99 14.68
C VAL H 93 15.60 18.13 15.58
N ASN H 94 16.17 18.74 16.57
CA ASN H 94 16.88 17.99 17.57
C ASN H 94 16.01 17.55 18.72
N THR H 95 16.38 16.46 19.34
CA THR H 95 15.70 15.99 20.51
C THR H 95 15.68 17.03 21.61
N PHE H 96 16.82 17.61 21.91
CA PHE H 96 16.96 18.66 22.92
C PHE H 96 17.24 19.99 22.24
N LEU H 97 16.63 21.06 22.74
CA LEU H 97 16.86 22.39 22.18
C LEU H 97 18.28 22.85 22.46
N TYR H 98 18.74 22.55 23.68
CA TYR H 98 20.07 22.93 24.13
C TYR H 98 20.99 21.72 24.13
N SER H 99 22.29 21.94 24.14
CA SER H 99 23.25 20.86 24.15
C SER H 99 23.33 20.22 25.54
N VAL H 100 23.64 18.93 25.58
CA VAL H 100 23.84 18.24 26.86
C VAL H 100 25.17 18.63 27.47
N TYR H 101 25.16 18.90 28.76
CA TYR H 101 26.38 19.19 29.48
C TYR H 101 26.90 17.94 30.19
N GLY H 102 27.96 17.37 29.61
CA GLY H 102 28.62 16.19 30.15
C GLY H 102 28.64 15.01 29.21
N GLN H 103 29.16 13.91 29.74
CA GLN H 103 29.26 12.68 28.99
C GLN H 103 28.22 11.70 29.50
N SER H 104 27.20 12.21 30.18
CA SER H 104 26.28 11.36 30.91
C SER H 104 25.02 11.15 30.19
N GLY H 105 24.68 12.12 29.39
CA GLY H 105 23.39 12.19 28.79
C GLY H 105 22.47 12.85 29.76
N GLY H 106 21.95 14.00 29.36
CA GLY H 106 20.81 14.61 30.02
C GLY H 106 19.61 13.83 29.54
N SER H 107 19.80 12.53 29.46
CA SER H 107 18.71 11.59 29.24
C SER H 107 17.97 11.35 30.55
N LYS H 108 18.61 11.73 31.67
CA LYS H 108 17.97 11.67 32.97
C LYS H 108 16.70 12.51 32.94
N HIS H 109 16.59 13.36 31.91
CA HIS H 109 15.49 14.30 31.75
C HIS H 109 14.79 14.08 30.42
N LYS H 110 14.95 12.89 29.83
CA LYS H 110 14.46 12.62 28.48
C LYS H 110 12.93 12.62 28.41
N ASN H 111 12.28 12.45 29.56
CA ASN H 111 10.84 12.35 29.63
C ASN H 111 10.23 13.51 30.41
N GLU H 112 11.01 14.57 30.60
CA GLU H 112 10.51 15.76 31.26
C GLU H 112 9.42 16.38 30.38
N PRO H 113 8.21 16.59 30.94
CA PRO H 113 7.09 17.12 30.14
C PRO H 113 7.37 18.45 29.44
N GLY H 114 8.02 19.39 30.14
CA GLY H 114 8.33 20.69 29.56
C GLY H 114 9.08 20.54 28.26
N ILE H 115 10.04 19.63 28.23
CA ILE H 115 10.84 19.35 27.05
C ILE H 115 9.99 18.68 25.96
N VAL H 116 9.31 17.62 26.35
CA VAL H 116 8.61 16.75 25.42
C VAL H 116 7.46 17.46 24.70
N ASP H 117 6.62 18.14 25.48
CA ASP H 117 5.46 18.84 24.91
C ASP H 117 5.91 19.85 23.88
N TYR H 118 6.99 20.58 24.18
CA TYR H 118 7.52 21.57 23.26
C TYR H 118 8.03 20.91 21.99
N ARG H 119 8.85 19.87 22.14
CA ARG H 119 9.35 19.11 21.00
C ARG H 119 8.18 18.62 20.16
N ASN H 120 7.12 18.18 20.83
CA ASN H 120 5.94 17.70 20.13
C ASN H 120 5.25 18.81 19.34
N LYS H 121 5.30 20.04 19.84
CA LYS H 121 4.72 21.17 19.11
C LYS H 121 5.43 21.40 17.79
N TRP H 122 6.74 21.16 17.76
CA TRP H 122 7.51 21.31 16.53
C TRP H 122 7.23 20.16 15.58
N PHE H 123 7.20 18.94 16.10
CA PHE H 123 6.83 17.77 15.30
C PHE H 123 5.49 17.96 14.60
N LYS H 124 4.47 18.32 15.39
CA LYS H 124 3.13 18.54 14.88
C LYS H 124 3.10 19.59 13.78
N ALA H 125 3.89 20.64 13.94
CA ALA H 125 3.90 21.75 12.99
C ALA H 125 4.56 21.37 11.66
N VAL H 126 5.67 20.63 11.74
CA VAL H 126 6.39 20.24 10.54
C VAL H 126 5.67 19.08 9.84
N LEU H 127 4.99 18.26 10.62
CA LEU H 127 4.23 17.13 10.07
C LEU H 127 2.86 17.60 9.59
N GLY H 128 2.41 18.73 10.13
CA GLY H 128 1.10 19.28 9.84
C GLY H 128 0.67 19.19 8.38
N PRO H 129 1.50 19.74 7.47
CA PRO H 129 1.19 19.70 6.04
C PRO H 129 0.98 18.28 5.52
N GLY H 130 1.63 17.33 6.18
CA GLY H 130 1.47 15.91 5.88
C GLY H 130 2.08 15.44 4.57
N ASN H 131 3.19 16.05 4.20
CA ASN H 131 3.96 15.61 3.03
C ASN H 131 5.32 15.06 3.45
N ILE H 132 5.53 14.98 4.75
CA ILE H 132 6.74 14.38 5.27
C ILE H 132 6.53 12.88 5.07
N GLU H 133 7.37 12.26 4.25
CA GLU H 133 7.14 10.88 3.85
C GLU H 133 8.03 9.87 4.56
N ALA H 134 9.07 10.35 5.22
CA ALA H 134 10.00 9.45 5.91
C ALA H 134 10.61 10.15 7.11
N VAL H 135 11.02 9.36 8.09
CA VAL H 135 11.63 9.87 9.30
C VAL H 135 12.87 9.07 9.67
N VAL H 136 13.92 9.78 10.07
CA VAL H 136 15.16 9.15 10.46
C VAL H 136 15.60 9.73 11.79
N SER H 137 15.68 8.89 12.81
CA SER H 137 16.10 9.32 14.13
C SER H 137 17.56 9.01 14.31
N LEU H 138 18.28 9.92 14.97
CA LEU H 138 19.72 9.77 15.15
C LEU H 138 20.01 9.37 16.59
N GLY H 139 20.25 8.09 16.81
CA GLY H 139 20.58 7.59 18.13
C GLY H 139 19.36 7.22 18.96
N GLY H 140 19.60 6.86 20.21
CA GLY H 140 18.54 6.41 21.11
C GLY H 140 17.57 7.50 21.55
N LEU H 141 18.10 8.64 21.99
CA LEU H 141 17.25 9.69 22.55
C LEU H 141 16.35 10.31 21.48
N ALA H 142 16.85 10.38 20.24
CA ALA H 142 16.04 10.81 19.12
C ALA H 142 14.94 9.80 18.88
N ASP H 143 15.34 8.55 18.99
CA ASP H 143 14.45 7.42 18.79
C ASP H 143 13.32 7.43 19.82
N GLU H 144 13.63 7.51 21.11
CA GLU H 144 12.60 7.57 22.14
C GLU H 144 11.79 8.86 22.06
N ALA H 145 12.41 9.90 21.54
CA ALA H 145 11.74 11.18 21.34
C ALA H 145 10.62 11.02 20.31
N TRP H 146 10.94 10.33 19.22
CA TRP H 146 9.97 10.05 18.17
C TRP H 146 8.89 9.08 18.67
N LYS H 147 9.32 8.11 19.48
CA LYS H 147 8.40 7.11 20.03
C LYS H 147 7.40 7.77 20.96
N ALA H 148 7.92 8.65 21.81
CA ALA H 148 7.11 9.38 22.78
C ALA H 148 6.11 10.30 22.07
N TRP H 149 6.49 10.78 20.90
CA TRP H 149 5.60 11.61 20.11
C TRP H 149 4.45 10.78 19.57
N LEU H 150 4.78 9.61 19.03
CA LEU H 150 3.77 8.71 18.49
C LEU H 150 2.84 8.23 19.59
N LYS H 151 3.37 8.16 20.80
CA LYS H 151 2.61 7.69 21.95
C LYS H 151 1.71 8.82 22.51
N SER H 152 1.71 9.96 21.82
CA SER H 152 0.90 11.11 22.23
C SER H 152 -0.39 11.17 21.42
N SER H 153 -1.31 12.04 21.83
CA SER H 153 -2.61 12.15 21.17
C SER H 153 -2.51 12.48 19.69
N ASP H 154 -1.84 13.58 19.36
CA ASP H 154 -1.70 14.03 17.99
C ASP H 154 -0.75 13.16 17.16
N GLY H 155 0.12 12.41 17.84
CA GLY H 155 1.13 11.64 17.16
C GLY H 155 0.68 10.28 16.64
N ALA H 156 -0.38 9.73 17.21
CA ALA H 156 -0.87 8.41 16.86
C ALA H 156 -1.03 8.23 15.36
N ALA H 157 -1.37 9.31 14.67
CA ALA H 157 -1.63 9.26 13.23
C ALA H 157 -0.37 8.98 12.40
N TYR H 158 0.80 9.00 13.03
CA TYR H 158 2.05 8.87 12.29
C TYR H 158 2.88 7.62 12.60
N LYS H 159 2.30 6.64 13.30
CA LYS H 159 3.04 5.41 13.56
C LYS H 159 3.21 4.61 12.27
N THR H 160 2.37 4.89 11.29
CA THR H 160 2.43 4.22 10.00
C THR H 160 3.43 4.90 9.09
N LEU H 161 3.94 6.05 9.53
CA LEU H 161 4.86 6.84 8.72
C LEU H 161 6.23 6.17 8.70
N ALA H 162 6.78 6.00 7.50
CA ALA H 162 8.09 5.36 7.33
C ALA H 162 9.13 5.92 8.28
N TYR H 163 9.65 5.07 9.16
CA TYR H 163 10.55 5.49 10.22
C TYR H 163 11.75 4.56 10.33
N GLN H 164 12.93 5.15 10.52
CA GLN H 164 14.17 4.40 10.70
C GLN H 164 15.06 4.97 11.81
N HIS H 165 15.37 4.14 12.79
CA HIS H 165 16.40 4.48 13.79
C HIS H 165 17.77 4.09 13.27
N ILE H 166 18.64 5.09 13.12
CA ILE H 166 20.00 4.85 12.63
C ILE H 166 21.03 5.34 13.65
N THR H 167 22.13 4.63 13.80
CA THR H 167 23.21 5.05 14.68
C THR H 167 23.57 6.48 14.49
N HIS H 168 23.65 7.20 15.60
CA HIS H 168 24.04 8.60 15.58
C HIS H 168 25.30 8.78 14.75
N PRO H 169 25.31 9.83 13.94
CA PRO H 169 26.43 10.05 13.01
C PRO H 169 27.79 10.31 13.67
N THR H 170 27.92 10.14 14.99
CA THR H 170 29.19 10.44 15.61
C THR H 170 29.54 9.45 16.67
N TRP H 171 29.11 8.22 16.50
CA TRP H 171 29.30 7.23 17.51
C TRP H 171 30.66 6.65 17.39
N PRO H 172 31.10 6.47 16.19
CA PRO H 172 32.45 5.92 16.05
C PRO H 172 33.53 6.72 16.77
N GLU H 173 33.52 8.05 16.64
CA GLU H 173 34.56 8.88 17.25
C GLU H 173 34.36 9.06 18.75
N SER H 174 33.11 8.98 19.20
CA SER H 174 32.79 9.11 20.61
C SER H 174 32.92 7.77 21.32
N SER H 175 32.96 6.69 20.55
CA SER H 175 33.12 5.37 21.14
C SER H 175 34.53 5.22 21.64
N ALA H 176 35.49 5.26 20.73
CA ALA H 176 36.89 4.98 21.03
C ALA H 176 37.81 6.15 20.70
N HIS H 177 39.07 5.97 21.06
CA HIS H 177 40.12 6.95 20.81
C HIS H 177 41.13 6.47 19.77
N ASP H 178 41.39 5.16 19.77
CA ASP H 178 42.31 4.58 18.79
C ASP H 178 41.71 4.57 17.40
N SER H 179 42.52 4.90 16.41
CA SER H 179 42.08 5.00 15.02
C SER H 179 41.48 3.71 14.48
N ALA H 180 41.99 2.56 14.93
CA ALA H 180 41.55 1.28 14.39
C ALA H 180 40.08 0.99 14.72
N THR H 181 39.73 1.04 16.00
CA THR H 181 38.34 0.80 16.42
C THR H 181 37.39 1.83 15.82
N GLN H 182 37.85 3.07 15.66
CA GLN H 182 37.01 4.09 15.07
C GLN H 182 36.67 3.71 13.64
N ALA H 183 37.66 3.24 12.89
CA ALA H 183 37.41 2.75 11.55
C ALA H 183 36.52 1.51 11.61
N ALA H 184 36.72 0.71 12.66
CA ALA H 184 35.95 -0.52 12.86
C ALA H 184 34.49 -0.25 13.24
N ASN H 185 34.24 0.75 14.08
CA ASN H 185 32.87 1.06 14.45
C ASN H 185 32.18 1.93 13.42
N THR H 186 32.93 2.32 12.39
CA THR H 186 32.38 3.04 11.25
C THR H 186 31.89 1.96 10.31
N LYS H 187 32.68 0.90 10.22
CA LYS H 187 32.35 -0.24 9.40
C LYS H 187 31.05 -0.85 9.88
N ILE H 188 30.80 -0.77 11.17
CA ILE H 188 29.58 -1.31 11.77
C ILE H 188 28.52 -0.22 11.88
N LEU H 190 28.14 2.20 8.99
CA LEU H 190 27.68 2.40 7.61
C LEU H 190 26.74 1.27 7.20
N ALA H 191 26.96 0.08 7.76
CA ALA H 191 26.14 -1.08 7.45
C ALA H 191 24.68 -0.83 7.82
N LYS H 192 24.41 -0.35 9.04
CA LYS H 192 23.03 -0.05 9.42
C LYS H 192 22.50 1.09 8.57
N TRP H 193 23.37 2.02 8.19
CA TRP H 193 22.95 3.10 7.34
C TRP H 193 22.51 2.55 5.99
N ASN H 194 23.28 1.62 5.44
CA ASN H 194 22.92 0.98 4.19
C ASN H 194 21.61 0.22 4.34
N ALA H 195 21.43 -0.41 5.49
CA ALA H 195 20.20 -1.12 5.80
C ALA H 195 19.02 -0.15 5.79
N ALA H 196 19.22 1.00 6.42
CA ALA H 196 18.18 2.02 6.49
C ALA H 196 17.86 2.59 5.11
N LEU H 197 18.89 2.79 4.30
CA LEU H 197 18.71 3.34 2.95
C LEU H 197 17.92 2.38 2.06
N ALA H 198 18.24 1.09 2.12
CA ALA H 198 17.51 0.08 1.37
C ALA H 198 16.03 0.14 1.75
N ALA H 199 15.77 0.42 3.02
CA ALA H 199 14.41 0.48 3.53
C ALA H 199 13.73 1.77 3.10
N LEU H 200 14.52 2.83 2.91
CA LEU H 200 13.99 4.15 2.63
C LEU H 200 13.89 4.43 1.12
N ALA H 201 14.78 3.82 0.35
CA ALA H 201 14.82 4.05 -1.10
C ALA H 201 13.45 3.94 -1.77
N PRO H 202 12.68 2.88 -1.45
CA PRO H 202 11.36 2.75 -2.06
C PRO H 202 10.35 3.78 -1.54
N GLU H 203 10.66 4.38 -0.39
CA GLU H 203 9.69 5.21 0.33
C GLU H 203 9.79 6.72 0.10
N VAL H 204 10.85 7.17 -0.57
CA VAL H 204 10.97 8.57 -0.94
C VAL H 204 10.23 8.81 -2.26
N LYS H 205 9.11 9.52 -2.19
CA LYS H 205 8.28 9.80 -3.36
C LYS H 205 8.94 10.36 -4.62
N HIS H 206 9.43 11.59 -4.53
CA HIS H 206 10.19 12.17 -5.60
C HIS H 206 11.19 12.81 -4.71
N PRO H 207 12.42 12.53 -4.94
CA PRO H 207 13.48 13.28 -4.30
C PRO H 207 13.73 14.53 -5.12
N ASP H 208 14.59 15.42 -4.62
CA ASP H 208 14.91 16.62 -5.35
C ASP H 208 15.72 16.22 -6.59
N VAL H 209 16.40 15.08 -6.50
CA VAL H 209 17.13 14.53 -7.64
C VAL H 209 16.95 13.01 -7.73
N PRO H 210 16.53 12.50 -8.90
CA PRO H 210 16.49 11.04 -9.06
C PRO H 210 17.88 10.45 -8.94
N THR H 211 18.07 9.56 -7.96
CA THR H 211 19.38 8.98 -7.72
C THR H 211 19.23 7.49 -7.42
N THR H 212 19.95 6.67 -8.18
CA THR H 212 19.96 5.24 -7.92
C THR H 212 20.85 5.01 -6.72
N LEU H 213 20.38 4.16 -5.80
CA LEU H 213 21.06 3.99 -4.52
C LEU H 213 22.44 3.36 -4.67
N VAL H 214 23.42 4.06 -4.13
CA VAL H 214 24.80 3.58 -4.08
C VAL H 214 25.15 3.30 -2.64
N PRO H 215 25.23 2.02 -2.25
CA PRO H 215 25.48 1.72 -0.84
C PRO H 215 26.83 2.26 -0.37
N TYR H 216 26.95 2.54 0.92
CA TYR H 216 28.22 2.95 1.50
C TYR H 216 29.26 1.87 1.32
N GLY H 217 30.53 2.28 1.26
CA GLY H 217 31.63 1.35 1.24
C GLY H 217 31.96 0.98 2.68
N ASP H 218 33.21 0.73 2.97
CA ASP H 218 33.56 0.34 4.29
C ASP H 218 33.79 1.52 5.15
N ALA H 219 34.31 2.58 4.55
CA ALA H 219 34.52 3.81 5.26
C ALA H 219 34.05 4.97 4.41
N PHE H 220 34.16 6.16 4.96
CA PHE H 220 33.62 7.30 4.31
C PHE H 220 34.48 7.67 3.17
N LYS H 221 33.82 7.79 2.04
CA LYS H 221 34.33 8.47 0.93
C LYS H 221 33.91 9.87 1.07
N PRO H 222 34.86 10.82 0.69
CA PRO H 222 34.49 12.19 1.00
C PRO H 222 33.38 12.71 0.16
N SER H 223 33.16 12.10 -0.99
CA SER H 223 32.05 12.53 -1.83
C SER H 223 30.72 12.35 -1.11
N GLU H 224 30.72 11.49 -0.10
CA GLU H 224 29.51 11.22 0.67
C GLU H 224 29.43 12.14 1.88
N LEU H 225 30.32 13.15 1.90
CA LEU H 225 30.29 14.20 2.91
C LEU H 225 29.94 15.51 2.23
N VAL H 226 28.67 15.86 2.24
CA VAL H 226 28.17 17.00 1.49
C VAL H 226 27.99 18.20 2.39
N ASP H 227 28.63 19.31 2.03
CA ASP H 227 28.52 20.55 2.78
C ASP H 227 27.09 21.02 2.88
N ILE H 228 26.74 21.60 4.02
CA ILE H 228 25.40 22.14 4.23
C ILE H 228 25.15 23.22 3.18
N ILE H 229 23.97 23.18 2.58
CA ILE H 229 23.66 24.13 1.51
C ILE H 229 23.43 25.52 2.09
N ALA H 230 23.68 26.54 1.29
CA ALA H 230 23.58 27.93 1.72
C ALA H 230 22.16 28.26 2.17
N LYS H 231 21.22 27.61 1.51
CA LYS H 231 19.80 27.86 1.66
C LYS H 231 19.34 27.59 3.01
N ASP H 232 20.19 27.06 3.84
CA ASP H 232 19.82 26.70 5.17
C ASP H 232 20.47 27.59 6.15
N LEU H 233 21.29 28.51 5.70
CA LEU H 233 21.94 29.43 6.59
C LEU H 233 21.27 30.77 6.60
N PRO H 234 21.42 31.45 7.82
CA PRO H 234 20.88 32.80 7.78
C PRO H 234 21.64 33.79 6.93
N ALA H 235 21.07 34.94 6.62
CA ALA H 235 21.71 35.84 5.68
C ALA H 235 22.99 36.39 6.20
N GLY H 236 24.02 36.31 5.40
CA GLY H 236 25.26 36.87 5.80
C GLY H 236 26.32 35.89 6.07
N LEU H 237 26.00 34.86 6.79
CA LEU H 237 26.97 33.88 7.17
C LEU H 237 27.80 33.51 5.99
N PRO H 238 29.12 33.50 6.17
CA PRO H 238 30.03 33.15 5.08
C PRO H 238 29.82 31.74 4.57
N ALA H 239 30.61 31.33 3.57
CA ALA H 239 30.48 30.00 2.99
C ALA H 239 31.34 29.00 3.76
N TRP H 240 32.43 29.48 4.35
CA TRP H 240 33.32 28.64 5.11
C TRP H 240 32.64 28.16 6.40
N ARG H 242 29.72 26.83 6.27
CA ARG H 242 29.09 25.64 5.80
C ARG H 242 30.10 25.03 4.81
N GLY H 243 31.28 24.74 5.29
CA GLY H 243 32.34 24.22 4.49
C GLY H 243 32.80 22.97 5.18
N ASP H 244 33.93 22.43 4.75
CA ASP H 244 34.40 21.16 5.25
C ASP H 244 35.36 21.18 6.42
N THR H 245 35.77 22.37 6.85
CA THR H 245 36.76 22.49 7.87
C THR H 245 36.15 23.04 9.13
N PRO H 246 36.66 22.50 10.31
CA PRO H 246 36.05 23.00 11.52
C PRO H 246 36.55 24.34 11.87
N TRP H 247 35.76 25.08 12.60
CA TRP H 247 35.98 26.45 12.86
C TRP H 247 35.52 26.83 14.23
N ALA H 248 35.19 25.88 15.05
CA ALA H 248 34.64 26.19 16.36
C ALA H 248 34.95 25.07 17.35
N VAL H 249 35.34 25.44 18.55
CA VAL H 249 35.67 24.48 19.60
C VAL H 249 35.60 25.17 20.95
N ARG H 250 35.25 24.44 22.01
CA ARG H 250 35.21 25.01 23.35
C ARG H 250 36.59 24.97 23.99
N GLN H 251 36.96 26.03 24.69
CA GLN H 251 38.30 26.16 25.25
C GLN H 251 38.37 26.87 26.59
N GLY H 252 39.29 26.40 27.44
CA GLY H 252 39.46 26.95 28.76
C GLY H 252 40.42 26.10 29.57
N VAL H 253 40.93 26.64 30.66
CA VAL H 253 41.93 25.96 31.47
C VAL H 253 41.20 24.99 32.42
N ASP H 254 40.02 25.40 32.87
CA ASP H 254 39.16 24.53 33.68
C ASP H 254 37.83 24.31 32.97
N ALA H 255 36.97 23.49 33.56
CA ALA H 255 35.69 23.15 32.96
C ALA H 255 34.78 24.37 32.85
N ALA H 256 34.92 25.28 33.81
CA ALA H 256 34.08 26.47 33.86
C ALA H 256 34.42 27.44 32.74
N ALA H 257 35.72 27.71 32.57
CA ALA H 257 36.18 28.58 31.49
C ALA H 257 35.78 27.98 30.15
N LYS H 258 35.89 26.66 30.05
CA LYS H 258 35.57 25.94 28.83
C LYS H 258 34.08 26.01 28.50
N ARG H 259 33.25 26.02 29.53
CA ARG H 259 31.80 26.05 29.32
C ARG H 259 31.35 27.43 28.88
N ARG H 260 32.11 28.44 29.19
CA ARG H 260 31.72 29.77 28.89
C ARG H 260 32.25 30.26 27.59
N THR H 261 33.24 29.58 27.06
CA THR H 261 33.98 30.02 25.92
C THR H 261 33.83 29.21 24.68
N ILE H 262 33.75 29.88 23.55
CA ILE H 262 33.90 29.33 22.23
C ILE H 262 34.84 30.15 21.40
N ILE H 264 36.23 30.85 17.56
CA ILE H 264 35.95 30.63 16.18
C ILE H 264 37.25 30.94 15.59
N THR H 265 37.67 30.19 14.61
CA THR H 265 38.82 30.51 13.85
C THR H 265 38.49 30.16 12.41
N ILE H 266 38.68 31.10 11.50
CA ILE H 266 38.42 30.95 10.08
C ILE H 266 39.46 30.02 9.47
N PRO H 267 39.01 29.07 8.60
CA PRO H 267 40.03 28.22 7.99
C PRO H 267 41.03 29.02 7.16
N ASP H 268 42.26 28.53 7.08
CA ASP H 268 43.30 29.17 6.29
C ASP H 268 42.96 29.04 4.81
N GLY H 269 43.17 30.10 4.05
CA GLY H 269 42.92 30.10 2.61
C GLY H 269 41.77 31.02 2.23
N VAL H 270 41.00 31.44 3.22
CA VAL H 270 39.88 32.35 2.99
C VAL H 270 40.42 33.77 2.78
N ILE H 271 41.38 34.15 3.62
CA ILE H 271 42.00 35.46 3.56
C ILE H 271 43.30 35.40 2.76
N PRO H 272 43.46 36.29 1.76
CA PRO H 272 44.69 36.23 0.95
C PRO H 272 45.94 36.60 1.73
#